data_4Z11
#
_entry.id   4Z11
#
_cell.length_a   62.570
_cell.length_b   174.100
_cell.length_c   102.540
_cell.angle_alpha   90.00
_cell.angle_beta   105.27
_cell.angle_gamma   90.00
#
_symmetry.space_group_name_H-M   'P 1 21 1'
#
loop_
_entity.id
_entity.type
_entity.pdbx_description
1 polymer 'Aurone synthase'
2 non-polymer 'COPPER (II) ION'
3 water water
#
_entity_poly.entity_id   1
_entity_poly.type   'polypeptide(L)'
_entity_poly.pdbx_seq_one_letter_code
;APITAPDITSICKDASSGIGNQEGAIRTRKCCPPSLGKKIKDFQFPNDKKVRMRWPAHKGTKKQVDDYRRAIAAMRALPD
DDPRSFVSQAKIHCAYCNGGYTQVDSGFPDIDIQIHNSWLFFPFHRWYLYFYERILGSLIDEPNFALPYWKWDEPKGMPI
SNIFLGDASNPLYDQYRDANHIEDRIVDLDYDGKDKDIPDQQQVACNLSTVYRDLVRNGVDPTSFFGGKYVAGDSPVANG
DPSVGSVEAGSHTAVHRWVGDPTQPNNEDMGNFYSAGYDPVFYIHHANVDRMWKLWKELRLPGHVDITDPDWLNASYVFY
DENKDLVRVYNKDCVNLDKLKYNFIENSKEVFPWRNSRPPQRRKSAQVATTGDVKTVEQTKFPVRLNQIFKVRVKRPAVN
RTEEEKDQANEVLLIKKIKYDSGKFVKFDVFVNDKLKDGVFTTPCDPEYAGGFAQIPHNDKRSMVMTSTARFGLNELLED
TNTEGEEYATVTLVPRTGCEDLTVGEIKIELVPIPKA
;
_entity_poly.pdbx_strand_id   A,B,C,D
#
loop_
_chem_comp.id
_chem_comp.type
_chem_comp.name
_chem_comp.formula
CU non-polymer 'COPPER (II) ION' 'Cu 2'
#
# COMPACT_ATOMS: atom_id res chain seq x y z
N ALA A 1 -39.66 -37.47 5.22
CA ALA A 1 -40.30 -36.56 4.23
C ALA A 1 -39.26 -36.06 3.24
N PRO A 2 -38.80 -36.93 2.34
CA PRO A 2 -37.75 -36.57 1.39
C PRO A 2 -38.23 -35.63 0.28
N ILE A 3 -37.34 -34.74 -0.17
CA ILE A 3 -37.64 -33.89 -1.31
C ILE A 3 -37.85 -34.75 -2.55
N THR A 4 -38.96 -34.54 -3.23
CA THR A 4 -39.32 -35.34 -4.39
C THR A 4 -39.67 -34.45 -5.57
N ALA A 5 -38.91 -34.58 -6.65
CA ALA A 5 -39.20 -33.85 -7.87
C ALA A 5 -40.54 -34.34 -8.43
N PRO A 6 -41.40 -33.40 -8.86
CA PRO A 6 -42.69 -33.82 -9.41
C PRO A 6 -42.59 -34.28 -10.85
N ASP A 7 -43.73 -34.46 -11.51
CA ASP A 7 -43.73 -34.70 -12.95
C ASP A 7 -43.27 -33.42 -13.64
N ILE A 8 -41.98 -33.34 -13.93
CA ILE A 8 -41.37 -32.12 -14.44
C ILE A 8 -41.95 -31.67 -15.79
N THR A 9 -42.56 -32.57 -16.52
CA THR A 9 -43.16 -32.23 -17.81
C THR A 9 -44.61 -31.77 -17.64
N SER A 10 -45.17 -32.00 -16.46
CA SER A 10 -46.54 -31.61 -16.15
C SER A 10 -46.57 -30.37 -15.26
N ILE A 11 -45.89 -30.45 -14.12
CA ILE A 11 -45.86 -29.36 -13.16
C ILE A 11 -44.53 -28.61 -13.22
N CYS A 12 -44.57 -27.42 -13.81
CA CYS A 12 -43.38 -26.58 -13.93
C CYS A 12 -43.75 -25.13 -14.20
N LYS A 13 -42.86 -24.22 -13.83
CA LYS A 13 -43.09 -22.79 -14.04
C LYS A 13 -41.78 -22.10 -14.40
N ASP A 14 -41.86 -20.92 -15.00
CA ASP A 14 -40.68 -20.16 -15.38
C ASP A 14 -39.85 -19.81 -14.15
N ALA A 15 -38.53 -19.81 -14.32
CA ALA A 15 -37.60 -19.50 -13.24
C ALA A 15 -37.83 -18.09 -12.70
N SER A 16 -38.01 -17.99 -11.39
CA SER A 16 -38.28 -16.71 -10.73
C SER A 16 -37.41 -16.50 -9.50
N SER A 17 -36.39 -17.33 -9.33
CA SER A 17 -35.51 -17.26 -8.17
C SER A 17 -34.04 -17.15 -8.57
N GLY A 18 -33.28 -16.39 -7.79
CA GLY A 18 -31.85 -16.28 -8.00
C GLY A 18 -31.43 -15.48 -9.21
N ILE A 19 -32.34 -14.67 -9.73
CA ILE A 19 -32.06 -13.83 -10.90
C ILE A 19 -32.38 -12.38 -10.55
N GLY A 20 -31.34 -11.63 -10.20
CA GLY A 20 -31.48 -10.26 -9.73
C GLY A 20 -32.10 -9.34 -10.77
N ASN A 21 -31.69 -9.51 -12.03
CA ASN A 21 -32.19 -8.69 -13.11
C ASN A 21 -32.83 -9.54 -14.20
N GLN A 22 -34.13 -9.78 -14.06
CA GLN A 22 -34.85 -10.60 -15.03
C GLN A 22 -35.10 -9.76 -16.28
N GLU A 23 -35.31 -8.46 -16.08
CA GLU A 23 -35.50 -7.53 -17.17
C GLU A 23 -34.17 -7.28 -17.87
N GLY A 24 -33.87 -8.08 -18.89
CA GLY A 24 -32.64 -7.97 -19.63
C GLY A 24 -31.77 -9.22 -19.51
N ALA A 25 -32.32 -10.26 -18.90
CA ALA A 25 -31.63 -11.53 -18.80
C ALA A 25 -31.32 -12.04 -20.21
N ILE A 26 -30.04 -12.25 -20.51
CA ILE A 26 -29.65 -12.61 -21.88
C ILE A 26 -30.12 -14.02 -22.22
N ARG A 27 -30.21 -14.91 -21.23
CA ARG A 27 -30.72 -16.26 -21.45
C ARG A 27 -32.18 -16.32 -21.02
N THR A 28 -32.86 -17.42 -21.40
CA THR A 28 -34.28 -17.56 -21.11
C THR A 28 -34.56 -18.03 -19.69
N ARG A 29 -35.74 -17.66 -19.18
CA ARG A 29 -36.22 -18.11 -17.88
C ARG A 29 -37.24 -19.24 -18.06
N LYS A 30 -37.57 -19.55 -19.32
CA LYS A 30 -38.47 -20.65 -19.62
C LYS A 30 -37.70 -21.97 -19.63
N CYS A 31 -37.42 -22.47 -18.43
CA CYS A 31 -36.54 -23.64 -18.27
C CYS A 31 -37.29 -24.97 -18.14
N CYS A 32 -38.59 -24.97 -18.41
CA CYS A 32 -39.38 -26.19 -18.31
C CYS A 32 -38.96 -27.18 -19.39
N PRO A 33 -38.95 -28.49 -19.07
CA PRO A 33 -38.48 -29.50 -20.03
C PRO A 33 -39.53 -29.85 -21.08
N PRO A 34 -39.10 -30.43 -22.22
CA PRO A 34 -40.03 -30.83 -23.28
C PRO A 34 -41.03 -31.89 -22.82
N SER A 35 -42.27 -31.79 -23.30
CA SER A 35 -43.29 -32.79 -23.01
C SER A 35 -43.49 -33.70 -24.22
N LEU A 36 -42.88 -34.88 -24.18
CA LEU A 36 -42.94 -35.83 -25.28
C LEU A 36 -43.93 -36.96 -24.97
N GLY A 37 -44.75 -36.77 -23.94
CA GLY A 37 -45.74 -37.74 -23.54
C GLY A 37 -45.14 -39.04 -23.02
N LYS A 38 -43.97 -38.94 -22.41
CA LYS A 38 -43.29 -40.11 -21.84
C LYS A 38 -43.73 -40.35 -20.39
N LYS A 39 -43.75 -41.61 -19.99
CA LYS A 39 -44.06 -41.98 -18.61
C LYS A 39 -42.77 -42.09 -17.80
N ILE A 40 -42.77 -41.53 -16.60
CA ILE A 40 -41.57 -41.56 -15.76
C ILE A 40 -41.26 -42.98 -15.30
N LYS A 41 -40.16 -43.52 -15.81
CA LYS A 41 -39.71 -44.87 -15.47
C LYS A 41 -38.69 -44.82 -14.33
N ASP A 42 -38.58 -45.91 -13.58
CA ASP A 42 -37.58 -46.01 -12.53
C ASP A 42 -36.21 -46.27 -13.15
N PHE A 43 -35.17 -45.75 -12.50
CA PHE A 43 -33.81 -45.88 -12.99
C PHE A 43 -33.33 -47.32 -12.95
N GLN A 44 -32.50 -47.70 -13.92
CA GLN A 44 -31.86 -49.01 -13.96
C GLN A 44 -30.37 -48.82 -14.19
N PHE A 45 -29.57 -49.49 -13.38
CA PHE A 45 -28.12 -49.35 -13.43
C PHE A 45 -27.53 -49.78 -14.78
N PRO A 46 -26.49 -49.07 -15.24
CA PRO A 46 -25.87 -49.35 -16.54
C PRO A 46 -25.15 -50.70 -16.59
N ASN A 47 -25.18 -51.35 -17.74
CA ASN A 47 -24.49 -52.61 -17.95
C ASN A 47 -23.21 -52.44 -18.76
N ASP A 48 -22.57 -51.29 -18.61
CA ASP A 48 -21.36 -50.98 -19.36
C ASP A 48 -20.25 -51.99 -19.08
N LYS A 49 -19.52 -52.35 -20.12
CA LYS A 49 -18.42 -53.31 -19.99
C LYS A 49 -17.21 -52.66 -19.32
N LYS A 50 -16.79 -51.53 -19.87
CA LYS A 50 -15.66 -50.77 -19.35
C LYS A 50 -16.13 -49.59 -18.51
N VAL A 51 -15.24 -49.08 -17.66
CA VAL A 51 -15.56 -47.92 -16.83
C VAL A 51 -15.12 -46.63 -17.53
N ARG A 52 -16.05 -45.69 -17.63
CA ARG A 52 -15.75 -44.40 -18.26
C ARG A 52 -14.73 -43.63 -17.45
N MET A 53 -13.57 -43.37 -18.04
CA MET A 53 -12.49 -42.67 -17.35
C MET A 53 -12.43 -41.19 -17.70
N ARG A 54 -12.90 -40.35 -16.79
CA ARG A 54 -12.85 -38.90 -16.97
C ARG A 54 -11.41 -38.41 -16.86
N TRP A 55 -11.06 -37.43 -17.70
CA TRP A 55 -9.67 -37.01 -17.87
C TRP A 55 -9.44 -35.55 -17.49
N PRO A 56 -8.22 -35.21 -17.05
CA PRO A 56 -7.91 -33.80 -16.76
C PRO A 56 -7.97 -32.95 -18.03
N ALA A 57 -8.64 -31.81 -17.97
CA ALA A 57 -8.85 -30.97 -19.14
C ALA A 57 -7.53 -30.42 -19.69
N HIS A 58 -6.48 -30.46 -18.88
CA HIS A 58 -5.18 -29.91 -19.26
C HIS A 58 -4.17 -31.00 -19.61
N LYS A 59 -4.60 -32.26 -19.55
CA LYS A 59 -3.75 -33.38 -19.92
C LYS A 59 -4.55 -34.42 -20.70
N GLY A 60 -5.28 -33.95 -21.71
CA GLY A 60 -6.10 -34.82 -22.53
C GLY A 60 -5.38 -35.25 -23.80
N THR A 61 -5.67 -36.47 -24.25
CA THR A 61 -5.13 -36.95 -25.52
C THR A 61 -5.86 -36.30 -26.69
N LYS A 62 -5.30 -36.43 -27.88
CA LYS A 62 -5.90 -35.88 -29.08
C LYS A 62 -7.29 -36.47 -29.30
N LYS A 63 -7.43 -37.76 -29.02
CA LYS A 63 -8.70 -38.44 -29.17
C LYS A 63 -9.75 -37.94 -28.18
N GLN A 64 -9.35 -37.82 -26.92
CA GLN A 64 -10.24 -37.40 -25.85
C GLN A 64 -10.81 -36.01 -26.10
N VAL A 65 -9.96 -35.10 -26.54
CA VAL A 65 -10.39 -33.72 -26.81
C VAL A 65 -11.28 -33.66 -28.05
N ASP A 66 -10.89 -34.35 -29.12
CA ASP A 66 -11.65 -34.35 -30.35
C ASP A 66 -13.03 -34.95 -30.17
N ASP A 67 -13.09 -36.05 -29.43
CA ASP A 67 -14.36 -36.71 -29.14
C ASP A 67 -15.28 -35.78 -28.36
N TYR A 68 -14.71 -35.05 -27.41
CA TYR A 68 -15.47 -34.13 -26.59
C TYR A 68 -15.98 -32.94 -27.41
N ARG A 69 -15.10 -32.41 -28.26
CA ARG A 69 -15.47 -31.30 -29.14
C ARG A 69 -16.56 -31.71 -30.13
N ARG A 70 -16.41 -32.91 -30.69
CA ARG A 70 -17.36 -33.42 -31.66
C ARG A 70 -18.72 -33.67 -30.99
N ALA A 71 -18.67 -34.07 -29.73
CA ALA A 71 -19.89 -34.38 -28.98
C ALA A 71 -20.69 -33.11 -28.65
N ILE A 72 -20.01 -32.07 -28.18
CA ILE A 72 -20.66 -30.80 -27.89
C ILE A 72 -21.19 -30.20 -29.19
N ALA A 73 -20.41 -30.33 -30.26
CA ALA A 73 -20.83 -29.84 -31.58
C ALA A 73 -22.12 -30.53 -32.01
N ALA A 74 -22.23 -31.82 -31.72
CA ALA A 74 -23.43 -32.58 -32.03
C ALA A 74 -24.61 -32.11 -31.19
N MET A 75 -24.33 -31.84 -29.92
CA MET A 75 -25.37 -31.38 -29.00
C MET A 75 -25.88 -29.99 -29.38
N ARG A 76 -24.97 -29.12 -29.81
CA ARG A 76 -25.36 -27.78 -30.24
C ARG A 76 -26.21 -27.81 -31.51
N ALA A 77 -26.06 -28.89 -32.28
CA ALA A 77 -26.72 -29.00 -33.58
C ALA A 77 -28.18 -29.45 -33.45
N LEU A 78 -28.53 -30.03 -32.31
CA LEU A 78 -29.88 -30.56 -32.11
C LEU A 78 -30.91 -29.43 -31.97
N PRO A 79 -32.18 -29.73 -32.27
CA PRO A 79 -33.24 -28.73 -32.05
C PRO A 79 -33.44 -28.42 -30.57
N ASP A 80 -33.80 -27.19 -30.25
CA ASP A 80 -33.99 -26.79 -28.85
C ASP A 80 -35.04 -27.66 -28.17
N ASP A 81 -36.03 -28.11 -28.94
CA ASP A 81 -37.11 -28.93 -28.40
C ASP A 81 -36.62 -30.31 -27.96
N ASP A 82 -35.43 -30.69 -28.41
CA ASP A 82 -34.87 -31.99 -28.07
C ASP A 82 -34.33 -31.99 -26.64
N PRO A 83 -34.71 -32.98 -25.83
CA PRO A 83 -34.20 -33.03 -24.45
C PRO A 83 -32.67 -33.13 -24.37
N ARG A 84 -32.03 -33.66 -25.41
CA ARG A 84 -30.59 -33.85 -25.40
C ARG A 84 -29.83 -32.63 -25.92
N SER A 85 -30.55 -31.59 -26.31
CA SER A 85 -29.91 -30.44 -26.94
C SER A 85 -29.10 -29.62 -25.95
N PHE A 86 -28.22 -28.78 -26.49
CA PHE A 86 -27.38 -27.92 -25.68
C PHE A 86 -28.23 -27.02 -24.78
N VAL A 87 -29.28 -26.46 -25.38
CA VAL A 87 -30.19 -25.56 -24.67
C VAL A 87 -30.98 -26.31 -23.60
N SER A 88 -31.51 -27.48 -23.94
CA SER A 88 -32.31 -28.26 -23.02
C SER A 88 -31.51 -28.67 -21.79
N GLN A 89 -30.28 -29.10 -22.02
CA GLN A 89 -29.41 -29.53 -20.94
C GLN A 89 -29.08 -28.38 -20.00
N ALA A 90 -28.87 -27.19 -20.57
CA ALA A 90 -28.59 -26.01 -19.76
C ALA A 90 -29.81 -25.64 -18.91
N LYS A 91 -30.99 -25.81 -19.49
CA LYS A 91 -32.24 -25.46 -18.82
C LYS A 91 -32.50 -26.34 -17.60
N ILE A 92 -31.93 -27.54 -17.60
CA ILE A 92 -32.07 -28.44 -16.46
C ILE A 92 -31.58 -27.76 -15.19
N HIS A 93 -30.40 -27.14 -15.28
CA HIS A 93 -29.81 -26.45 -14.15
C HIS A 93 -30.69 -25.29 -13.71
N CYS A 94 -31.24 -24.57 -14.69
CA CYS A 94 -32.11 -23.43 -14.41
C CYS A 94 -33.38 -23.85 -13.68
N ALA A 95 -33.99 -24.93 -14.16
CA ALA A 95 -35.25 -25.41 -13.58
C ALA A 95 -35.10 -25.82 -12.12
N TYR A 96 -34.00 -26.47 -11.78
CA TYR A 96 -33.79 -27.00 -10.44
C TYR A 96 -33.21 -25.98 -9.45
N CYS A 97 -32.48 -25.00 -9.97
CA CYS A 97 -31.75 -24.06 -9.11
C CYS A 97 -32.43 -22.70 -9.01
N ASN A 98 -33.46 -22.46 -9.83
CA ASN A 98 -34.11 -21.16 -9.88
C ASN A 98 -35.63 -21.27 -9.76
N GLY A 99 -36.08 -22.27 -9.00
CA GLY A 99 -37.48 -22.41 -8.67
C GLY A 99 -38.39 -22.80 -9.83
N GLY A 100 -37.96 -23.78 -10.61
CA GLY A 100 -38.77 -24.29 -11.69
C GLY A 100 -39.85 -25.23 -11.16
N TYR A 101 -39.49 -26.02 -10.15
CA TYR A 101 -40.38 -27.02 -9.58
C TYR A 101 -40.78 -26.67 -8.14
N THR A 102 -41.80 -27.34 -7.65
CA THR A 102 -42.28 -27.14 -6.28
C THR A 102 -42.36 -28.48 -5.55
N GLN A 103 -42.53 -28.43 -4.23
CA GLN A 103 -42.65 -29.63 -3.42
C GLN A 103 -44.09 -30.13 -3.40
N VAL A 104 -44.76 -30.06 -4.55
CA VAL A 104 -46.17 -30.41 -4.65
C VAL A 104 -46.43 -31.90 -4.40
N ASP A 105 -45.51 -32.74 -4.84
CA ASP A 105 -45.65 -34.18 -4.65
C ASP A 105 -45.53 -34.56 -3.17
N SER A 106 -44.86 -33.71 -2.41
CA SER A 106 -44.71 -33.93 -0.96
C SER A 106 -45.81 -33.21 -0.19
N GLY A 107 -46.72 -32.56 -0.91
CA GLY A 107 -47.85 -31.88 -0.31
C GLY A 107 -47.60 -30.42 0.03
N PHE A 108 -46.69 -29.79 -0.69
CA PHE A 108 -46.37 -28.38 -0.48
C PHE A 108 -46.17 -27.65 -1.80
N PRO A 109 -47.28 -27.37 -2.50
CA PRO A 109 -47.22 -26.75 -3.83
C PRO A 109 -46.77 -25.29 -3.79
N ASP A 110 -46.81 -24.67 -2.61
CA ASP A 110 -46.44 -23.26 -2.49
C ASP A 110 -44.98 -23.08 -2.07
N ILE A 111 -44.23 -24.18 -2.07
CA ILE A 111 -42.81 -24.16 -1.71
C ILE A 111 -41.97 -24.67 -2.86
N ASP A 112 -41.05 -23.84 -3.33
CA ASP A 112 -40.16 -24.21 -4.43
C ASP A 112 -39.11 -25.22 -4.01
N ILE A 113 -38.59 -25.95 -4.99
CA ILE A 113 -37.48 -26.87 -4.76
C ILE A 113 -36.16 -26.17 -5.06
N GLN A 114 -35.18 -26.37 -4.17
CA GLN A 114 -33.86 -25.82 -4.35
C GLN A 114 -32.81 -26.86 -3.99
N ILE A 115 -32.16 -27.41 -5.00
CA ILE A 115 -31.16 -28.46 -4.79
C ILE A 115 -29.89 -27.89 -4.19
N HIS A 116 -29.65 -26.60 -4.42
CA HIS A 116 -28.48 -25.92 -3.88
C HIS A 116 -28.73 -25.60 -2.41
N ASN A 117 -27.68 -25.18 -1.72
CA ASN A 117 -27.77 -24.80 -0.31
C ASN A 117 -28.31 -25.94 0.55
N SER A 118 -27.98 -27.16 0.17
CA SER A 118 -28.44 -28.34 0.92
C SER A 118 -27.59 -29.56 0.65
N TRP A 119 -27.91 -30.66 1.33
CA TRP A 119 -27.19 -31.91 1.15
C TRP A 119 -27.53 -32.57 -0.19
N LEU A 120 -28.46 -31.98 -0.93
CA LEU A 120 -28.83 -32.47 -2.26
C LEU A 120 -27.86 -31.96 -3.33
N PHE A 121 -26.99 -31.03 -2.94
CA PHE A 121 -26.06 -30.39 -3.86
C PHE A 121 -25.19 -31.38 -4.64
N PHE A 122 -24.44 -32.20 -3.91
CA PHE A 122 -23.54 -33.16 -4.54
C PHE A 122 -24.26 -34.24 -5.36
N PRO A 123 -25.23 -34.94 -4.77
CA PRO A 123 -25.89 -36.03 -5.52
C PRO A 123 -26.63 -35.56 -6.77
N PHE A 124 -27.25 -34.38 -6.71
CA PHE A 124 -27.98 -33.85 -7.85
C PHE A 124 -27.08 -33.65 -9.07
N HIS A 125 -25.98 -32.95 -8.85
CA HIS A 125 -25.07 -32.62 -9.94
C HIS A 125 -24.34 -33.85 -10.47
N ARG A 126 -24.23 -34.88 -9.63
CA ARG A 126 -23.66 -36.15 -10.07
C ARG A 126 -24.59 -36.81 -11.08
N TRP A 127 -25.87 -36.83 -10.76
CA TRP A 127 -26.88 -37.36 -11.68
C TRP A 127 -26.99 -36.47 -12.91
N TYR A 128 -26.92 -35.16 -12.68
CA TYR A 128 -26.97 -34.18 -13.76
C TYR A 128 -25.90 -34.49 -14.80
N LEU A 129 -24.66 -34.64 -14.34
CA LEU A 129 -23.55 -34.94 -15.23
C LEU A 129 -23.63 -36.35 -15.78
N TYR A 130 -24.19 -37.26 -14.99
CA TYR A 130 -24.28 -38.66 -15.38
C TYR A 130 -25.05 -38.83 -16.70
N PHE A 131 -26.25 -38.26 -16.77
CA PHE A 131 -27.06 -38.34 -17.97
C PHE A 131 -26.47 -37.48 -19.08
N TYR A 132 -26.01 -36.29 -18.71
CA TYR A 132 -25.37 -35.37 -19.64
C TYR A 132 -24.19 -36.04 -20.34
N GLU A 133 -23.42 -36.79 -19.56
CA GLU A 133 -22.25 -37.49 -20.08
C GLU A 133 -22.62 -38.61 -21.04
N ARG A 134 -23.65 -39.38 -20.68
CA ARG A 134 -24.08 -40.52 -21.50
C ARG A 134 -24.79 -40.05 -22.77
N ILE A 135 -25.42 -38.88 -22.70
CA ILE A 135 -26.05 -38.30 -23.87
C ILE A 135 -25.01 -37.92 -24.90
N LEU A 136 -23.98 -37.21 -24.47
CA LEU A 136 -22.90 -36.80 -25.37
C LEU A 136 -22.23 -38.01 -26.03
N GLY A 137 -22.09 -39.08 -25.26
CA GLY A 137 -21.46 -40.29 -25.74
C GLY A 137 -22.26 -40.97 -26.84
N SER A 138 -23.59 -40.93 -26.71
CA SER A 138 -24.45 -41.59 -27.67
C SER A 138 -24.60 -40.79 -28.96
N LEU A 139 -24.41 -39.47 -28.86
CA LEU A 139 -24.53 -38.59 -30.02
C LEU A 139 -23.38 -38.77 -31.00
N ILE A 140 -22.27 -39.34 -30.55
CA ILE A 140 -21.11 -39.55 -31.40
C ILE A 140 -20.71 -41.03 -31.46
N ASP A 141 -21.62 -41.90 -31.03
CA ASP A 141 -21.40 -43.34 -31.07
C ASP A 141 -20.15 -43.77 -30.31
N GLU A 142 -19.91 -43.12 -29.17
CA GLU A 142 -18.81 -43.49 -28.28
C GLU A 142 -19.36 -44.09 -26.99
N PRO A 143 -19.40 -45.43 -26.90
CA PRO A 143 -19.95 -46.06 -25.69
C PRO A 143 -19.06 -45.83 -24.46
N ASN A 144 -17.77 -45.58 -24.70
CA ASN A 144 -16.81 -45.38 -23.63
C ASN A 144 -16.48 -43.90 -23.43
N PHE A 145 -17.38 -43.03 -23.87
CA PHE A 145 -17.16 -41.59 -23.78
C PHE A 145 -17.09 -41.13 -22.33
N ALA A 146 -16.19 -40.19 -22.06
CA ALA A 146 -16.00 -39.65 -20.72
C ALA A 146 -15.75 -38.15 -20.76
N LEU A 147 -16.42 -37.42 -19.89
CA LEU A 147 -16.22 -35.98 -19.79
C LEU A 147 -14.82 -35.68 -19.28
N PRO A 148 -14.28 -34.50 -19.62
CA PRO A 148 -13.10 -34.03 -18.90
C PRO A 148 -13.49 -33.42 -17.57
N TYR A 149 -12.52 -33.13 -16.71
CA TYR A 149 -12.80 -32.42 -15.47
C TYR A 149 -11.74 -31.35 -15.22
N TRP A 150 -12.19 -30.19 -14.75
CA TRP A 150 -11.31 -29.07 -14.49
C TRP A 150 -10.57 -29.31 -13.18
N LYS A 151 -9.32 -29.78 -13.30
CA LYS A 151 -8.53 -30.16 -12.14
C LYS A 151 -7.86 -28.95 -11.51
N TRP A 152 -8.66 -28.04 -10.96
CA TRP A 152 -8.10 -26.83 -10.36
C TRP A 152 -7.54 -27.08 -8.96
N ASP A 153 -7.54 -28.34 -8.55
CA ASP A 153 -6.84 -28.74 -7.33
C ASP A 153 -5.40 -29.14 -7.65
N GLU A 154 -4.99 -28.88 -8.88
CA GLU A 154 -3.62 -29.15 -9.33
C GLU A 154 -3.09 -27.94 -10.11
N PRO A 155 -1.87 -27.45 -9.77
CA PRO A 155 -1.33 -26.21 -10.33
C PRO A 155 -1.46 -26.02 -11.85
N LYS A 156 -1.00 -27.00 -12.63
CA LYS A 156 -1.02 -26.86 -14.08
C LYS A 156 -2.43 -26.89 -14.64
N GLY A 157 -3.38 -27.38 -13.84
CA GLY A 157 -4.78 -27.46 -14.25
C GLY A 157 -5.64 -26.33 -13.73
N MET A 158 -5.03 -25.37 -13.03
CA MET A 158 -5.78 -24.28 -12.41
C MET A 158 -6.27 -23.24 -13.43
N PRO A 159 -5.41 -22.86 -14.39
CA PRO A 159 -5.93 -21.98 -15.44
C PRO A 159 -6.97 -22.68 -16.31
N ILE A 160 -7.87 -21.92 -16.93
CA ILE A 160 -8.83 -22.51 -17.85
C ILE A 160 -8.07 -23.20 -18.97
N SER A 161 -8.37 -24.48 -19.18
CA SER A 161 -7.74 -25.25 -20.25
C SER A 161 -8.00 -24.56 -21.58
N ASN A 162 -6.99 -24.54 -22.44
CA ASN A 162 -7.08 -23.84 -23.71
C ASN A 162 -8.10 -24.46 -24.66
N ILE A 163 -8.59 -25.65 -24.34
CA ILE A 163 -9.56 -26.33 -25.19
C ILE A 163 -10.89 -25.60 -25.21
N PHE A 164 -11.13 -24.78 -24.19
CA PHE A 164 -12.36 -24.00 -24.10
C PHE A 164 -12.21 -22.61 -24.69
N LEU A 165 -10.98 -22.26 -25.05
CA LEU A 165 -10.66 -20.91 -25.53
C LEU A 165 -10.68 -20.85 -27.06
N GLY A 166 -10.34 -19.68 -27.61
CA GLY A 166 -10.34 -19.48 -29.05
C GLY A 166 -11.47 -18.57 -29.50
N ASP A 167 -12.31 -19.08 -30.40
CA ASP A 167 -13.40 -18.29 -30.96
C ASP A 167 -14.66 -19.14 -31.14
N ALA A 168 -15.68 -18.55 -31.75
CA ALA A 168 -16.99 -19.19 -31.86
C ALA A 168 -16.97 -20.50 -32.65
N SER A 169 -15.95 -20.69 -33.48
CA SER A 169 -15.85 -21.91 -34.26
C SER A 169 -15.56 -23.11 -33.36
N ASN A 170 -15.08 -22.84 -32.15
CA ASN A 170 -14.84 -23.88 -31.16
C ASN A 170 -16.13 -24.17 -30.38
N PRO A 171 -16.61 -25.44 -30.42
CA PRO A 171 -17.84 -25.77 -29.70
C PRO A 171 -17.76 -25.52 -28.21
N LEU A 172 -16.56 -25.59 -27.64
CA LEU A 172 -16.37 -25.46 -26.21
C LEU A 172 -16.22 -23.99 -25.80
N TYR A 173 -16.26 -23.09 -26.77
CA TYR A 173 -16.06 -21.67 -26.52
C TYR A 173 -17.35 -21.01 -26.03
N ASP A 174 -17.18 -19.94 -25.24
CA ASP A 174 -18.30 -19.13 -24.79
C ASP A 174 -17.83 -17.68 -24.66
N GLN A 175 -18.49 -16.77 -25.35
CA GLN A 175 -18.11 -15.36 -25.33
C GLN A 175 -18.41 -14.74 -23.96
N TYR A 176 -19.41 -15.28 -23.28
CA TYR A 176 -19.84 -14.73 -22.00
C TYR A 176 -19.00 -15.26 -20.85
N ARG A 177 -17.74 -14.84 -20.82
CA ARG A 177 -16.83 -15.14 -19.74
C ARG A 177 -16.08 -13.86 -19.35
N ASP A 178 -15.53 -13.84 -18.14
CA ASP A 178 -14.75 -12.68 -17.69
C ASP A 178 -13.50 -12.54 -18.55
N ALA A 179 -13.46 -11.46 -19.32
CA ALA A 179 -12.35 -11.22 -20.25
C ALA A 179 -11.00 -11.12 -19.53
N ASN A 180 -11.02 -10.66 -18.29
CA ASN A 180 -9.80 -10.49 -17.52
C ASN A 180 -9.25 -11.81 -16.98
N HIS A 181 -9.99 -12.90 -17.23
CA HIS A 181 -9.67 -14.20 -16.64
C HIS A 181 -9.46 -15.29 -17.69
N ILE A 182 -9.71 -14.97 -18.95
CA ILE A 182 -9.62 -15.96 -20.02
C ILE A 182 -8.24 -16.00 -20.67
N GLU A 183 -7.35 -15.10 -20.24
CA GLU A 183 -6.03 -14.99 -20.82
C GLU A 183 -5.03 -15.90 -20.11
N ASP A 184 -5.33 -17.20 -20.06
CA ASP A 184 -4.45 -18.17 -19.42
C ASP A 184 -4.16 -17.82 -17.97
N ARG A 185 -5.11 -17.14 -17.32
CA ARG A 185 -4.93 -16.69 -15.95
C ARG A 185 -5.31 -17.78 -14.95
N ILE A 186 -4.62 -17.80 -13.82
CA ILE A 186 -4.86 -18.80 -12.78
C ILE A 186 -6.15 -18.50 -12.04
N VAL A 187 -6.97 -19.53 -11.83
CA VAL A 187 -8.23 -19.38 -11.14
C VAL A 187 -8.02 -19.02 -9.67
N ASP A 188 -8.94 -18.23 -9.12
CA ASP A 188 -8.94 -17.90 -7.70
C ASP A 188 -10.05 -18.67 -7.02
N LEU A 189 -9.68 -19.74 -6.31
CA LEU A 189 -10.67 -20.60 -5.67
C LEU A 189 -11.28 -19.92 -4.43
N ASP A 190 -10.80 -18.73 -4.11
CA ASP A 190 -11.36 -17.93 -3.02
C ASP A 190 -11.69 -16.53 -3.53
N TYR A 191 -12.22 -16.48 -4.75
CA TYR A 191 -12.56 -15.22 -5.40
C TYR A 191 -13.68 -14.51 -4.66
N ASP A 192 -13.59 -13.18 -4.59
CA ASP A 192 -14.61 -12.38 -3.90
C ASP A 192 -15.14 -11.24 -4.76
N GLY A 193 -14.92 -11.35 -6.07
CA GLY A 193 -15.43 -10.37 -7.03
C GLY A 193 -14.35 -9.45 -7.57
N LYS A 194 -13.27 -9.31 -6.81
CA LYS A 194 -12.15 -8.45 -7.21
C LYS A 194 -10.87 -9.27 -7.31
N ASP A 195 -10.12 -9.04 -8.39
CA ASP A 195 -8.86 -9.74 -8.58
C ASP A 195 -7.85 -9.34 -7.52
N LYS A 196 -7.02 -10.29 -7.11
CA LYS A 196 -5.97 -10.02 -6.13
C LYS A 196 -4.65 -9.73 -6.83
N ASP A 197 -3.96 -8.70 -6.37
CA ASP A 197 -2.66 -8.33 -6.93
C ASP A 197 -1.54 -9.11 -6.23
N ILE A 198 -1.59 -10.44 -6.35
CA ILE A 198 -0.58 -11.30 -5.75
C ILE A 198 0.11 -12.12 -6.84
N PRO A 199 1.34 -12.60 -6.56
CA PRO A 199 2.06 -13.41 -7.56
C PRO A 199 1.32 -14.71 -7.89
N ASP A 200 1.65 -15.32 -9.03
CA ASP A 200 1.07 -16.59 -9.40
C ASP A 200 1.41 -17.66 -8.37
N GLN A 201 2.65 -17.59 -7.88
CA GLN A 201 3.13 -18.53 -6.87
C GLN A 201 2.24 -18.52 -5.63
N GLN A 202 1.89 -17.32 -5.17
CA GLN A 202 1.04 -17.17 -4.00
C GLN A 202 -0.37 -17.71 -4.26
N GLN A 203 -0.88 -17.44 -5.45
CA GLN A 203 -2.25 -17.84 -5.81
C GLN A 203 -2.41 -19.36 -5.87
N VAL A 204 -1.39 -20.04 -6.38
CA VAL A 204 -1.41 -21.50 -6.43
C VAL A 204 -1.38 -22.07 -5.02
N ALA A 205 -0.50 -21.52 -4.19
CA ALA A 205 -0.38 -21.97 -2.81
C ALA A 205 -1.69 -21.78 -2.06
N CYS A 206 -2.37 -20.67 -2.34
CA CYS A 206 -3.63 -20.37 -1.68
C CYS A 206 -4.75 -21.25 -2.21
N ASN A 207 -4.69 -21.56 -3.51
CA ASN A 207 -5.65 -22.48 -4.11
C ASN A 207 -5.53 -23.86 -3.49
N LEU A 208 -4.31 -24.33 -3.31
CA LEU A 208 -4.09 -25.64 -2.70
C LEU A 208 -4.60 -25.70 -1.26
N SER A 209 -4.40 -24.60 -0.53
N SER A 209 -4.42 -24.61 -0.53
CA SER A 209 -4.88 -24.50 0.85
CA SER A 209 -4.89 -24.53 0.85
C SER A 209 -6.41 -24.46 0.89
C SER A 209 -6.41 -24.44 0.90
N THR A 210 -7.00 -23.84 -0.12
CA THR A 210 -8.45 -23.74 -0.23
C THR A 210 -9.05 -25.13 -0.38
N VAL A 211 -8.40 -25.97 -1.18
CA VAL A 211 -8.85 -27.35 -1.36
C VAL A 211 -8.75 -28.09 -0.03
N TYR A 212 -7.62 -27.91 0.65
CA TYR A 212 -7.41 -28.55 1.95
C TYR A 212 -8.43 -28.01 2.95
N ARG A 213 -8.72 -26.72 2.86
CA ARG A 213 -9.66 -26.09 3.78
C ARG A 213 -11.07 -26.64 3.59
N ASP A 214 -11.47 -26.86 2.34
CA ASP A 214 -12.82 -27.31 2.03
C ASP A 214 -13.01 -28.81 2.30
N LEU A 215 -11.94 -29.58 2.16
CA LEU A 215 -12.02 -31.04 2.29
C LEU A 215 -11.60 -31.55 3.65
N VAL A 216 -10.79 -30.78 4.37
CA VAL A 216 -10.26 -31.23 5.66
C VAL A 216 -10.69 -30.33 6.82
N ARG A 217 -10.24 -29.07 6.80
CA ARG A 217 -10.49 -28.14 7.90
C ARG A 217 -11.98 -27.92 8.16
N ASN A 218 -12.74 -27.67 7.10
CA ASN A 218 -14.16 -27.36 7.23
C ASN A 218 -15.05 -28.54 6.85
N GLY A 219 -14.55 -29.44 6.02
CA GLY A 219 -15.29 -30.64 5.65
C GLY A 219 -15.05 -31.75 6.67
N VAL A 220 -15.38 -31.47 7.93
CA VAL A 220 -15.03 -32.38 9.03
C VAL A 220 -16.04 -33.51 9.22
N ASP A 221 -17.27 -33.28 8.76
CA ASP A 221 -18.33 -34.28 8.90
C ASP A 221 -19.32 -34.11 7.74
N PRO A 222 -20.25 -35.07 7.57
CA PRO A 222 -21.16 -35.03 6.43
C PRO A 222 -21.99 -33.74 6.36
N THR A 223 -22.38 -33.20 7.51
CA THR A 223 -23.18 -31.99 7.55
C THR A 223 -22.42 -30.78 7.01
N SER A 224 -21.14 -30.69 7.36
CA SER A 224 -20.32 -29.55 6.96
C SER A 224 -19.82 -29.68 5.52
N PHE A 225 -19.75 -30.92 5.02
CA PHE A 225 -19.24 -31.17 3.68
C PHE A 225 -20.35 -31.15 2.63
N PHE A 226 -21.37 -31.99 2.82
CA PHE A 226 -22.46 -32.11 1.87
C PHE A 226 -23.43 -30.95 1.96
N GLY A 227 -23.65 -30.46 3.17
CA GLY A 227 -24.59 -29.38 3.42
C GLY A 227 -25.64 -29.82 4.42
N GLY A 228 -26.46 -28.86 4.87
CA GLY A 228 -27.44 -29.11 5.91
C GLY A 228 -28.60 -29.98 5.49
N LYS A 229 -29.35 -30.47 6.47
CA LYS A 229 -30.51 -31.32 6.22
C LYS A 229 -31.61 -30.52 5.53
N TYR A 230 -32.22 -31.13 4.50
CA TYR A 230 -33.25 -30.48 3.71
C TYR A 230 -34.34 -31.48 3.35
N VAL A 231 -35.47 -31.38 4.03
CA VAL A 231 -36.58 -32.31 3.86
C VAL A 231 -37.80 -31.57 3.32
N ALA A 232 -38.81 -32.33 2.92
CA ALA A 232 -40.04 -31.74 2.40
C ALA A 232 -40.72 -30.89 3.47
N GLY A 233 -41.23 -29.73 3.05
CA GLY A 233 -41.86 -28.80 3.97
C GLY A 233 -40.94 -27.64 4.30
N ASP A 234 -39.64 -27.84 4.08
CA ASP A 234 -38.66 -26.79 4.36
C ASP A 234 -38.77 -25.64 3.36
N SER A 235 -39.00 -24.45 3.90
CA SER A 235 -39.12 -23.24 3.10
C SER A 235 -37.96 -22.29 3.41
N PRO A 236 -37.45 -21.59 2.39
CA PRO A 236 -36.37 -20.64 2.66
C PRO A 236 -36.84 -19.44 3.46
N VAL A 237 -38.16 -19.28 3.57
CA VAL A 237 -38.74 -18.18 4.33
C VAL A 237 -39.11 -18.65 5.74
N ALA A 238 -39.36 -19.95 5.87
CA ALA A 238 -39.79 -20.53 7.14
C ALA A 238 -39.01 -21.81 7.47
N ASN A 239 -37.77 -21.70 7.96
CA ASN A 239 -37.09 -20.43 8.16
C ASN A 239 -35.62 -20.53 7.78
N GLY A 240 -35.28 -19.96 6.62
CA GLY A 240 -33.91 -19.94 6.14
C GLY A 240 -33.44 -21.20 5.42
N ASP A 241 -32.20 -21.14 4.95
CA ASP A 241 -31.60 -22.24 4.21
C ASP A 241 -30.95 -23.29 5.12
N PRO A 242 -30.94 -24.55 4.67
CA PRO A 242 -30.05 -25.57 5.23
C PRO A 242 -28.60 -25.12 5.11
N SER A 243 -27.84 -25.10 6.20
CA SER A 243 -26.44 -24.67 6.17
C SER A 243 -25.73 -25.21 4.93
N VAL A 244 -24.91 -24.37 4.32
CA VAL A 244 -24.24 -24.73 3.06
C VAL A 244 -22.92 -25.42 3.31
N GLY A 245 -22.59 -26.38 2.46
CA GLY A 245 -21.37 -27.16 2.59
C GLY A 245 -20.11 -26.35 2.36
N SER A 246 -18.98 -26.94 2.71
CA SER A 246 -17.70 -26.25 2.60
C SER A 246 -17.31 -26.05 1.14
N VAL A 247 -17.52 -27.08 0.32
CA VAL A 247 -17.17 -27.01 -1.09
C VAL A 247 -18.10 -26.05 -1.83
N GLU A 248 -19.41 -26.23 -1.66
CA GLU A 248 -20.40 -25.43 -2.37
C GLU A 248 -20.20 -23.93 -2.15
N ALA A 249 -20.03 -23.53 -0.90
CA ALA A 249 -19.89 -22.13 -0.55
C ALA A 249 -18.45 -21.66 -0.66
N GLY A 250 -17.55 -22.58 -1.01
CA GLY A 250 -16.13 -22.27 -1.10
C GLY A 250 -15.62 -22.22 -2.54
N SER A 251 -14.78 -23.19 -2.87
CA SER A 251 -14.14 -23.25 -4.18
C SER A 251 -15.15 -23.32 -5.31
N HIS A 252 -16.26 -24.03 -5.09
CA HIS A 252 -17.28 -24.18 -6.11
C HIS A 252 -17.84 -22.83 -6.53
N THR A 253 -18.26 -22.03 -5.55
CA THR A 253 -18.85 -20.72 -5.81
C THR A 253 -17.82 -19.79 -6.44
N ALA A 254 -16.57 -19.91 -6.00
CA ALA A 254 -15.50 -19.04 -6.47
C ALA A 254 -15.31 -19.15 -7.98
N VAL A 255 -15.34 -20.38 -8.49
CA VAL A 255 -15.14 -20.61 -9.91
C VAL A 255 -16.29 -20.01 -10.72
N HIS A 256 -17.51 -20.12 -10.22
CA HIS A 256 -18.67 -19.57 -10.89
C HIS A 256 -18.54 -18.07 -11.10
N ARG A 257 -18.14 -17.36 -10.06
CA ARG A 257 -18.03 -15.91 -10.12
C ARG A 257 -16.75 -15.47 -10.84
N TRP A 258 -15.75 -16.34 -10.87
CA TRP A 258 -14.49 -16.03 -11.55
C TRP A 258 -14.61 -16.16 -13.06
N VAL A 259 -15.43 -17.11 -13.53
CA VAL A 259 -15.57 -17.37 -14.96
C VAL A 259 -16.65 -16.49 -15.59
N GLY A 260 -17.75 -16.29 -14.88
CA GLY A 260 -18.86 -15.51 -15.37
C GLY A 260 -18.48 -14.11 -15.82
N ASP A 261 -19.06 -13.65 -16.92
CA ASP A 261 -18.76 -12.34 -17.48
C ASP A 261 -19.38 -11.24 -16.63
N PRO A 262 -18.55 -10.45 -15.92
CA PRO A 262 -19.15 -9.44 -15.04
C PRO A 262 -19.84 -8.30 -15.78
N THR A 263 -19.61 -8.17 -17.09
CA THR A 263 -20.22 -7.10 -17.87
C THR A 263 -21.67 -7.42 -18.21
N GLN A 264 -22.06 -8.68 -18.05
CA GLN A 264 -23.42 -9.11 -18.36
C GLN A 264 -24.35 -8.85 -17.18
N PRO A 265 -25.67 -8.71 -17.45
CA PRO A 265 -26.66 -8.34 -16.43
C PRO A 265 -26.62 -9.19 -15.16
N ASN A 266 -26.61 -10.51 -15.32
CA ASN A 266 -26.56 -11.42 -14.18
C ASN A 266 -25.26 -12.21 -14.15
N ASN A 267 -24.19 -11.57 -14.60
CA ASN A 267 -22.87 -12.20 -14.65
C ASN A 267 -22.89 -13.50 -15.47
N GLU A 268 -23.71 -13.52 -16.51
CA GLU A 268 -23.82 -14.69 -17.37
C GLU A 268 -22.48 -15.03 -18.02
N ASP A 269 -22.23 -16.31 -18.33
CA ASP A 269 -23.16 -17.41 -18.10
C ASP A 269 -22.93 -18.08 -16.74
N MET A 270 -21.67 -18.29 -16.38
CA MET A 270 -21.31 -19.05 -15.18
C MET A 270 -21.67 -18.36 -13.87
N GLY A 271 -21.75 -17.02 -13.89
CA GLY A 271 -21.95 -16.26 -12.67
C GLY A 271 -23.31 -16.42 -12.02
N ASN A 272 -24.22 -17.13 -12.69
CA ASN A 272 -25.56 -17.33 -12.18
C ASN A 272 -26.06 -18.74 -12.47
N PHE A 273 -26.89 -19.28 -11.60
CA PHE A 273 -27.40 -20.64 -11.75
C PHE A 273 -28.20 -20.82 -13.04
N TYR A 274 -29.02 -19.82 -13.37
CA TYR A 274 -29.99 -19.96 -14.45
C TYR A 274 -29.32 -20.01 -15.83
N SER A 275 -28.08 -19.56 -15.91
CA SER A 275 -27.38 -19.44 -17.19
C SER A 275 -26.08 -20.24 -17.25
N ALA A 276 -25.69 -20.85 -16.13
CA ALA A 276 -24.40 -21.53 -16.04
C ALA A 276 -24.28 -22.66 -17.05
N GLY A 277 -25.39 -23.35 -17.32
CA GLY A 277 -25.38 -24.50 -18.20
C GLY A 277 -25.08 -24.19 -19.66
N TYR A 278 -25.11 -22.90 -20.02
CA TYR A 278 -24.86 -22.50 -21.40
C TYR A 278 -23.37 -22.44 -21.69
N ASP A 279 -22.56 -22.46 -20.64
CA ASP A 279 -21.10 -22.51 -20.78
C ASP A 279 -20.63 -23.97 -20.63
N PRO A 280 -20.00 -24.51 -21.68
CA PRO A 280 -19.53 -25.90 -21.61
C PRO A 280 -18.62 -26.20 -20.40
N VAL A 281 -17.90 -25.18 -19.92
CA VAL A 281 -16.96 -25.39 -18.82
C VAL A 281 -17.69 -25.67 -17.51
N PHE A 282 -18.96 -25.26 -17.44
CA PHE A 282 -19.79 -25.50 -16.27
C PHE A 282 -19.80 -26.97 -15.87
N TYR A 283 -20.05 -27.83 -16.86
CA TYR A 283 -20.15 -29.26 -16.60
C TYR A 283 -18.77 -29.84 -16.25
N ILE A 284 -17.73 -29.22 -16.78
CA ILE A 284 -16.37 -29.69 -16.56
C ILE A 284 -15.88 -29.22 -15.19
N HIS A 285 -16.40 -28.08 -14.75
CA HIS A 285 -16.14 -27.60 -13.40
C HIS A 285 -16.78 -28.53 -12.38
N HIS A 286 -18.04 -28.89 -12.63
CA HIS A 286 -18.78 -29.78 -11.72
C HIS A 286 -18.28 -31.21 -11.79
N ALA A 287 -17.57 -31.56 -12.85
CA ALA A 287 -16.96 -32.87 -12.95
C ALA A 287 -15.89 -33.02 -11.86
N ASN A 288 -15.21 -31.93 -11.54
CA ASN A 288 -14.21 -31.95 -10.48
C ASN A 288 -14.84 -31.80 -9.10
N VAL A 289 -15.91 -31.02 -9.02
CA VAL A 289 -16.69 -30.92 -7.78
C VAL A 289 -17.21 -32.30 -7.44
N ASP A 290 -17.66 -33.03 -8.45
CA ASP A 290 -18.10 -34.40 -8.28
C ASP A 290 -16.93 -35.26 -7.77
N ARG A 291 -15.73 -34.92 -8.22
CA ARG A 291 -14.54 -35.65 -7.83
C ARG A 291 -14.12 -35.32 -6.40
N MET A 292 -14.46 -34.12 -5.93
CA MET A 292 -14.17 -33.72 -4.56
C MET A 292 -14.89 -34.65 -3.58
N TRP A 293 -16.10 -35.06 -3.97
CA TRP A 293 -16.87 -36.04 -3.19
C TRP A 293 -16.07 -37.33 -3.07
N LYS A 294 -15.53 -37.79 -4.19
CA LYS A 294 -14.73 -39.02 -4.20
C LYS A 294 -13.49 -38.86 -3.33
N LEU A 295 -12.77 -37.75 -3.51
CA LEU A 295 -11.54 -37.51 -2.77
C LEU A 295 -11.82 -37.35 -1.28
N TRP A 296 -12.93 -36.71 -0.95
CA TRP A 296 -13.29 -36.46 0.45
C TRP A 296 -13.42 -37.76 1.22
N LYS A 297 -13.88 -38.82 0.53
CA LYS A 297 -14.03 -40.13 1.15
C LYS A 297 -12.73 -40.94 1.10
N GLU A 298 -11.97 -40.77 0.02
CA GLU A 298 -10.73 -41.51 -0.14
C GLU A 298 -9.67 -41.04 0.86
N LEU A 299 -9.88 -39.87 1.46
CA LEU A 299 -8.99 -39.39 2.50
C LEU A 299 -9.08 -40.32 3.70
N ARG A 300 -10.24 -40.93 3.88
CA ARG A 300 -10.48 -41.92 4.93
C ARG A 300 -10.14 -41.35 6.32
N LEU A 301 -10.38 -40.05 6.48
CA LEU A 301 -10.22 -39.39 7.77
C LEU A 301 -11.48 -39.61 8.60
N PRO A 302 -11.37 -39.47 9.92
CA PRO A 302 -12.56 -39.64 10.76
C PRO A 302 -13.65 -38.62 10.42
N GLY A 303 -14.89 -39.09 10.32
CA GLY A 303 -16.01 -38.23 10.01
C GLY A 303 -16.33 -38.20 8.52
N HIS A 304 -15.40 -38.67 7.71
CA HIS A 304 -15.60 -38.67 6.26
C HIS A 304 -16.39 -39.91 5.86
N VAL A 305 -17.68 -39.90 6.15
CA VAL A 305 -18.56 -41.03 5.91
C VAL A 305 -19.77 -40.61 5.08
N ASP A 306 -20.45 -41.60 4.50
CA ASP A 306 -21.62 -41.34 3.67
C ASP A 306 -22.84 -41.01 4.51
N ILE A 307 -23.84 -40.41 3.87
CA ILE A 307 -25.08 -40.07 4.54
C ILE A 307 -25.98 -41.31 4.59
N THR A 308 -26.61 -41.54 5.73
CA THR A 308 -27.46 -42.71 5.92
C THR A 308 -28.90 -42.30 6.23
N ASP A 309 -29.15 -40.99 6.30
CA ASP A 309 -30.49 -40.48 6.55
C ASP A 309 -31.44 -40.90 5.43
N PRO A 310 -32.54 -41.60 5.76
CA PRO A 310 -33.49 -42.01 4.72
C PRO A 310 -34.08 -40.83 3.93
N ASP A 311 -34.19 -39.67 4.57
CA ASP A 311 -34.73 -38.49 3.90
C ASP A 311 -33.79 -38.00 2.80
N TRP A 312 -32.52 -38.38 2.91
CA TRP A 312 -31.55 -38.05 1.88
C TRP A 312 -31.55 -39.14 0.82
N LEU A 313 -31.45 -40.38 1.29
CA LEU A 313 -31.41 -41.55 0.41
C LEU A 313 -32.60 -41.60 -0.53
N ASN A 314 -33.78 -41.25 -0.03
CA ASN A 314 -35.01 -41.38 -0.79
C ASN A 314 -35.38 -40.13 -1.56
N ALA A 315 -34.55 -39.09 -1.48
CA ALA A 315 -34.76 -37.89 -2.28
C ALA A 315 -34.49 -38.24 -3.74
N SER A 316 -35.28 -37.67 -4.65
CA SER A 316 -35.19 -38.03 -6.05
C SER A 316 -35.39 -36.85 -6.99
N TYR A 317 -34.86 -37.01 -8.21
CA TYR A 317 -35.01 -36.03 -9.27
C TYR A 317 -35.41 -36.77 -10.54
N VAL A 318 -35.77 -36.03 -11.58
CA VAL A 318 -36.16 -36.62 -12.85
C VAL A 318 -35.31 -36.06 -13.98
N PHE A 319 -34.81 -36.94 -14.84
CA PHE A 319 -33.99 -36.55 -15.98
C PHE A 319 -34.37 -37.31 -17.24
N TYR A 320 -34.10 -36.70 -18.40
CA TYR A 320 -34.15 -37.39 -19.68
C TYR A 320 -32.81 -38.08 -19.91
N ASP A 321 -32.85 -39.32 -20.38
CA ASP A 321 -31.62 -40.05 -20.71
C ASP A 321 -31.35 -39.98 -22.21
N GLU A 322 -30.34 -40.72 -22.65
CA GLU A 322 -29.94 -40.71 -24.06
C GLU A 322 -31.05 -41.22 -24.98
N ASN A 323 -31.99 -41.97 -24.41
CA ASN A 323 -33.09 -42.53 -25.19
C ASN A 323 -34.36 -41.68 -25.07
N LYS A 324 -34.20 -40.43 -24.63
CA LYS A 324 -35.31 -39.50 -24.44
C LYS A 324 -36.38 -40.03 -23.48
N ASP A 325 -35.99 -40.95 -22.61
CA ASP A 325 -36.91 -41.50 -21.60
C ASP A 325 -36.81 -40.71 -20.29
N LEU A 326 -37.95 -40.46 -19.66
CA LEU A 326 -37.97 -39.82 -18.35
C LEU A 326 -37.60 -40.84 -17.29
N VAL A 327 -36.53 -40.54 -16.54
CA VAL A 327 -36.03 -41.44 -15.52
C VAL A 327 -35.99 -40.75 -14.16
N ARG A 328 -36.56 -41.42 -13.15
CA ARG A 328 -36.46 -40.94 -11.78
C ARG A 328 -35.28 -41.61 -11.09
N VAL A 329 -34.40 -40.80 -10.50
CA VAL A 329 -33.20 -41.29 -9.85
C VAL A 329 -33.17 -40.87 -8.39
N TYR A 330 -32.59 -41.73 -7.54
CA TYR A 330 -32.50 -41.47 -6.10
C TYR A 330 -31.05 -41.26 -5.68
N ASN A 331 -30.86 -40.48 -4.62
CA ASN A 331 -29.52 -40.21 -4.08
C ASN A 331 -28.80 -41.48 -3.66
N LYS A 332 -29.57 -42.44 -3.15
CA LYS A 332 -29.00 -43.69 -2.65
C LYS A 332 -28.26 -44.45 -3.74
N ASP A 333 -28.63 -44.21 -4.99
CA ASP A 333 -28.11 -45.00 -6.11
C ASP A 333 -26.90 -44.40 -6.82
N CYS A 334 -26.41 -43.25 -6.35
CA CYS A 334 -25.27 -42.59 -7.00
C CYS A 334 -24.03 -42.50 -6.11
N VAL A 335 -24.10 -43.10 -4.93
CA VAL A 335 -22.98 -43.07 -4.00
C VAL A 335 -21.79 -43.88 -4.50
N ASN A 336 -22.05 -44.93 -5.26
CA ASN A 336 -21.01 -45.81 -5.79
C ASN A 336 -20.70 -45.52 -7.24
N LEU A 337 -19.47 -45.07 -7.50
CA LEU A 337 -19.04 -44.72 -8.85
C LEU A 337 -18.91 -45.95 -9.73
N ASP A 338 -18.56 -47.09 -9.13
CA ASP A 338 -18.40 -48.32 -9.87
C ASP A 338 -19.72 -48.76 -10.50
N LYS A 339 -20.82 -48.55 -9.78
CA LYS A 339 -22.13 -48.91 -10.29
C LYS A 339 -22.58 -47.96 -11.41
N LEU A 340 -22.17 -46.70 -11.33
CA LEU A 340 -22.49 -45.73 -12.37
C LEU A 340 -21.51 -45.87 -13.54
N LYS A 341 -20.53 -46.76 -13.38
CA LYS A 341 -19.61 -47.11 -14.46
C LYS A 341 -18.81 -45.91 -14.98
N TYR A 342 -18.22 -45.16 -14.06
CA TYR A 342 -17.27 -44.11 -14.45
C TYR A 342 -16.39 -43.73 -13.27
N ASN A 343 -15.25 -43.13 -13.58
CA ASN A 343 -14.34 -42.64 -12.56
C ASN A 343 -13.41 -41.57 -13.13
N PHE A 344 -12.37 -41.21 -12.37
CA PHE A 344 -11.45 -40.16 -12.76
C PHE A 344 -10.03 -40.68 -12.88
N ILE A 345 -9.30 -40.18 -13.87
CA ILE A 345 -7.89 -40.55 -14.06
C ILE A 345 -7.03 -39.73 -13.12
N GLU A 346 -6.43 -40.42 -12.13
CA GLU A 346 -5.57 -39.77 -11.16
C GLU A 346 -4.08 -39.97 -11.50
N ASN A 347 -3.23 -39.15 -10.92
CA ASN A 347 -1.79 -39.31 -11.08
C ASN A 347 -1.29 -40.47 -10.23
N SER A 348 -0.73 -41.49 -10.87
CA SER A 348 -0.20 -42.64 -10.15
C SER A 348 1.09 -42.27 -9.43
N GLU A 350 1.78 -38.30 -7.84
CA GLU A 350 1.24 -39.34 -6.97
C GLU A 350 0.41 -38.73 -5.86
N VAL A 351 1.07 -38.37 -4.76
CA VAL A 351 0.40 -37.71 -3.64
C VAL A 351 -0.23 -36.41 -4.10
N PHE A 352 -1.44 -36.14 -3.63
CA PHE A 352 -2.16 -34.94 -4.05
C PHE A 352 -1.43 -33.69 -3.55
N PRO A 353 -1.30 -32.67 -4.42
CA PRO A 353 -0.50 -31.49 -4.05
C PRO A 353 -1.16 -30.65 -2.96
N TRP A 354 -2.42 -30.93 -2.65
CA TRP A 354 -3.15 -30.18 -1.64
C TRP A 354 -3.27 -30.94 -0.32
N ARG A 355 -2.80 -32.18 -0.30
CA ARG A 355 -2.98 -33.05 0.87
C ARG A 355 -2.33 -32.47 2.11
N ASN A 356 -1.20 -31.78 1.92
CA ASN A 356 -0.45 -31.21 3.03
C ASN A 356 -0.40 -29.69 2.95
N SER A 357 -1.49 -29.08 2.46
CA SER A 357 -1.57 -27.64 2.33
C SER A 357 -2.29 -27.03 3.53
N ARG A 358 -2.04 -27.59 4.70
CA ARG A 358 -2.52 -27.00 5.94
C ARG A 358 -1.75 -25.70 6.17
N PRO A 359 -2.44 -24.64 6.63
CA PRO A 359 -1.73 -23.37 6.85
C PRO A 359 -0.55 -23.54 7.80
N PRO A 360 0.56 -22.82 7.55
CA PRO A 360 1.72 -22.97 8.42
C PRO A 360 1.45 -22.52 9.85
N GLN A 361 2.09 -23.18 10.81
CA GLN A 361 1.94 -22.85 12.23
C GLN A 361 2.35 -21.40 12.49
N ARG A 362 1.51 -20.68 13.21
CA ARG A 362 1.82 -19.29 13.57
C ARG A 362 2.86 -19.27 14.68
N ARG A 363 3.91 -18.49 14.49
CA ARG A 363 4.94 -18.32 15.51
C ARG A 363 4.42 -17.43 16.62
N LYS A 364 4.68 -17.83 17.87
CA LYS A 364 4.28 -17.04 19.03
C LYS A 364 4.99 -15.69 19.03
N SER A 365 6.16 -15.64 18.41
CA SER A 365 6.93 -14.40 18.33
C SER A 365 6.26 -13.40 17.39
N ALA A 366 5.29 -13.87 16.61
CA ALA A 366 4.56 -13.01 15.68
C ALA A 366 3.24 -12.55 16.28
N GLN A 367 2.93 -13.05 17.48
CA GLN A 367 1.66 -12.74 18.12
C GLN A 367 1.85 -11.86 19.37
N VAL A 368 0.87 -11.01 19.64
CA VAL A 368 0.85 -10.22 20.87
C VAL A 368 -0.08 -10.85 21.90
N ALA A 369 -0.13 -10.24 23.09
CA ALA A 369 -1.05 -10.66 24.14
C ALA A 369 -2.41 -10.00 23.93
N THR A 370 -3.45 -10.82 23.78
CA THR A 370 -4.81 -10.33 23.54
C THR A 370 -4.86 -9.21 22.50
N ASP A 373 -9.00 -5.47 23.38
CA ASP A 373 -10.25 -5.15 24.07
C ASP A 373 -11.45 -5.34 23.14
N VAL A 374 -12.01 -6.56 23.15
CA VAL A 374 -13.13 -6.90 22.29
C VAL A 374 -14.31 -7.41 23.12
N LYS A 375 -15.50 -6.91 22.81
CA LYS A 375 -16.71 -7.28 23.55
C LYS A 375 -17.12 -8.74 23.31
N THR A 376 -17.75 -9.33 24.33
CA THR A 376 -18.23 -10.70 24.23
C THR A 376 -19.65 -10.71 23.67
N VAL A 377 -20.17 -11.91 23.42
CA VAL A 377 -21.52 -12.05 22.88
C VAL A 377 -22.55 -11.47 23.85
N GLU A 378 -22.30 -11.65 25.14
CA GLU A 378 -23.21 -11.16 26.17
C GLU A 378 -23.23 -9.64 26.19
N GLN A 379 -22.15 -9.03 25.71
CA GLN A 379 -22.04 -7.58 25.66
C GLN A 379 -22.49 -7.00 24.32
N THR A 380 -22.81 -7.88 23.38
CA THR A 380 -23.19 -7.46 22.03
C THR A 380 -24.68 -7.62 21.76
N LYS A 381 -25.26 -6.60 21.14
CA LYS A 381 -26.67 -6.61 20.77
C LYS A 381 -26.85 -7.21 19.38
N PHE A 382 -27.49 -8.37 19.32
CA PHE A 382 -27.77 -9.02 18.04
C PHE A 382 -29.20 -8.75 17.60
N PRO A 383 -29.47 -8.82 16.28
CA PRO A 383 -28.51 -9.11 15.21
C PRO A 383 -27.55 -7.96 14.95
N VAL A 384 -26.36 -8.27 14.44
CA VAL A 384 -25.38 -7.24 14.09
C VAL A 384 -25.28 -7.18 12.57
N ARG A 385 -25.11 -5.97 12.03
CA ARG A 385 -24.99 -5.79 10.59
C ARG A 385 -23.52 -5.76 10.18
N LEU A 386 -23.20 -6.48 9.12
CA LEU A 386 -21.83 -6.63 8.65
C LEU A 386 -21.46 -5.65 7.54
N ASN A 387 -21.84 -4.38 7.71
CA ASN A 387 -21.45 -3.33 6.78
C ASN A 387 -20.06 -2.77 7.11
N GLN A 388 -19.36 -3.47 7.99
CA GLN A 388 -17.99 -3.12 8.38
C GLN A 388 -17.40 -4.32 9.12
N ILE A 389 -16.10 -4.27 9.39
CA ILE A 389 -15.46 -5.36 10.12
C ILE A 389 -16.05 -5.48 11.53
N PHE A 390 -16.45 -6.70 11.86
CA PHE A 390 -17.08 -7.01 13.14
C PHE A 390 -16.23 -7.98 13.93
N LYS A 391 -15.89 -7.61 15.17
CA LYS A 391 -15.12 -8.47 16.07
C LYS A 391 -15.91 -8.78 17.34
N VAL A 392 -15.82 -10.02 17.81
CA VAL A 392 -16.51 -10.43 19.03
C VAL A 392 -15.86 -11.68 19.62
N ARG A 393 -15.77 -11.72 20.95
CA ARG A 393 -15.23 -12.89 21.64
C ARG A 393 -16.34 -13.89 21.96
N VAL A 394 -16.12 -15.15 21.56
CA VAL A 394 -17.11 -16.21 21.74
C VAL A 394 -16.60 -17.24 22.75
N LYS A 395 -17.44 -17.58 23.73
CA LYS A 395 -17.09 -18.55 24.74
C LYS A 395 -17.00 -19.96 24.15
N ARG A 396 -15.85 -20.60 24.34
CA ARG A 396 -15.64 -21.95 23.83
C ARG A 396 -16.30 -22.99 24.74
N PRO A 397 -16.64 -24.16 24.18
CA PRO A 397 -17.24 -25.25 24.97
C PRO A 397 -16.24 -25.98 25.85
N ALA A 398 -14.96 -25.82 25.58
CA ALA A 398 -13.90 -26.47 26.35
C ALA A 398 -12.55 -25.86 26.05
N VAL A 399 -11.55 -26.22 26.85
CA VAL A 399 -10.18 -25.77 26.63
C VAL A 399 -9.19 -26.90 26.89
N ASN A 400 -8.02 -26.80 26.26
CA ASN A 400 -6.94 -27.76 26.45
C ASN A 400 -7.38 -29.21 26.26
N ARG A 401 -8.14 -29.47 25.20
CA ARG A 401 -8.58 -30.82 24.89
C ARG A 401 -7.43 -31.70 24.46
N THR A 402 -7.40 -32.93 24.96
CA THR A 402 -6.34 -33.88 24.62
C THR A 402 -6.48 -34.35 23.19
N GLU A 403 -5.47 -35.06 22.69
CA GLU A 403 -5.49 -35.59 21.33
C GLU A 403 -6.64 -36.58 21.19
N GLU A 404 -6.95 -37.28 22.28
CA GLU A 404 -8.05 -38.25 22.28
C GLU A 404 -9.40 -37.55 22.17
N GLU A 405 -9.54 -36.42 22.85
CA GLU A 405 -10.77 -35.65 22.83
C GLU A 405 -11.05 -35.05 21.46
N LYS A 406 -10.00 -34.58 20.79
CA LYS A 406 -10.13 -33.95 19.48
C LYS A 406 -10.51 -34.97 18.40
N ASP A 407 -10.18 -36.23 18.65
CA ASP A 407 -10.49 -37.30 17.70
C ASP A 407 -11.92 -37.81 17.86
N GLN A 408 -12.63 -37.30 18.86
CA GLN A 408 -13.99 -37.74 19.16
C GLN A 408 -15.03 -36.68 18.81
N ALA A 409 -14.60 -35.42 18.76
CA ALA A 409 -15.52 -34.32 18.46
C ALA A 409 -14.77 -33.13 17.86
N ASN A 410 -15.42 -32.47 16.91
CA ASN A 410 -14.88 -31.25 16.31
C ASN A 410 -15.42 -30.02 17.00
N GLU A 411 -14.53 -29.08 17.32
CA GLU A 411 -14.94 -27.79 17.83
C GLU A 411 -15.31 -26.89 16.65
N VAL A 412 -16.61 -26.65 16.49
CA VAL A 412 -17.13 -25.99 15.29
C VAL A 412 -17.73 -24.63 15.59
N LEU A 413 -17.25 -23.61 14.87
CA LEU A 413 -17.83 -22.27 14.95
C LEU A 413 -19.07 -22.18 14.07
N LEU A 414 -20.19 -21.84 14.68
CA LEU A 414 -21.46 -21.74 13.96
C LEU A 414 -21.91 -20.29 13.86
N ILE A 415 -22.04 -19.82 12.62
CA ILE A 415 -22.61 -18.49 12.35
C ILE A 415 -23.99 -18.65 11.72
N LYS A 416 -25.01 -18.48 12.56
CA LYS A 416 -26.40 -18.75 12.15
C LYS A 416 -27.19 -17.47 11.95
N LYS A 417 -28.35 -17.60 11.31
CA LYS A 417 -29.26 -16.48 11.06
C LYS A 417 -28.56 -15.37 10.29
N ILE A 418 -27.88 -15.75 9.21
CA ILE A 418 -27.24 -14.80 8.32
C ILE A 418 -28.27 -14.27 7.31
N LYS A 419 -28.85 -13.12 7.61
CA LYS A 419 -29.88 -12.52 6.75
C LYS A 419 -29.30 -11.50 5.78
N TYR A 420 -29.76 -11.56 4.54
CA TYR A 420 -29.23 -10.71 3.47
C TYR A 420 -30.11 -10.74 2.23
N ASP A 421 -30.02 -9.68 1.43
CA ASP A 421 -30.69 -9.66 0.13
C ASP A 421 -29.90 -10.53 -0.84
N SER A 422 -30.50 -11.63 -1.27
CA SER A 422 -29.83 -12.59 -2.14
C SER A 422 -30.02 -12.26 -3.62
N GLY A 423 -30.29 -10.99 -3.92
CA GLY A 423 -30.41 -10.54 -5.29
C GLY A 423 -29.04 -10.37 -5.93
N LYS A 424 -28.01 -10.23 -5.10
CA LYS A 424 -26.64 -10.07 -5.58
C LYS A 424 -25.72 -11.10 -4.92
N PHE A 425 -24.49 -11.19 -5.44
CA PHE A 425 -23.50 -12.09 -4.87
C PHE A 425 -22.99 -11.56 -3.53
N VAL A 426 -22.96 -12.44 -2.53
CA VAL A 426 -22.57 -12.06 -1.18
C VAL A 426 -21.37 -12.88 -0.73
N LYS A 427 -20.42 -12.22 -0.05
CA LYS A 427 -19.31 -12.93 0.56
C LYS A 427 -18.66 -12.12 1.68
N PHE A 428 -18.35 -12.80 2.77
CA PHE A 428 -17.55 -12.23 3.84
C PHE A 428 -16.59 -13.28 4.38
N ASP A 429 -15.43 -12.84 4.86
CA ASP A 429 -14.41 -13.74 5.38
C ASP A 429 -14.48 -13.85 6.89
N VAL A 430 -14.05 -15.00 7.40
CA VAL A 430 -14.04 -15.28 8.83
C VAL A 430 -12.61 -15.57 9.29
N PHE A 431 -12.12 -14.77 10.23
CA PHE A 431 -10.83 -14.99 10.86
C PHE A 431 -11.01 -15.25 12.36
N VAL A 432 -10.23 -16.19 12.89
CA VAL A 432 -10.37 -16.60 14.29
C VAL A 432 -9.03 -16.47 15.02
N ASN A 433 -9.08 -15.79 16.17
CA ASN A 433 -7.91 -15.57 17.00
C ASN A 433 -6.78 -14.89 16.23
N ASP A 434 -7.13 -13.81 15.54
CA ASP A 434 -6.15 -12.95 14.90
C ASP A 434 -5.57 -12.01 15.94
N LYS A 435 -4.27 -12.18 16.20
CA LYS A 435 -3.56 -11.31 17.13
C LYS A 435 -2.11 -11.14 16.70
N LEU A 436 -1.93 -10.81 15.43
CA LEU A 436 -0.59 -10.60 14.88
C LEU A 436 -0.05 -9.24 15.28
N LYS A 437 1.27 -9.14 15.43
CA LYS A 437 1.92 -7.87 15.68
C LYS A 437 1.84 -6.97 14.45
N ASP A 438 2.11 -5.69 14.63
CA ASP A 438 2.15 -4.75 13.52
C ASP A 438 3.41 -4.98 12.69
N GLY A 439 3.22 -5.06 11.37
CA GLY A 439 4.34 -5.23 10.46
C GLY A 439 4.60 -6.69 10.11
N VAL A 440 3.77 -7.58 10.65
CA VAL A 440 3.89 -9.01 10.34
C VAL A 440 3.28 -9.27 8.96
N PHE A 441 4.04 -9.98 8.12
CA PHE A 441 3.60 -10.29 6.77
C PHE A 441 2.39 -11.22 6.78
N THR A 442 1.39 -10.88 5.98
CA THR A 442 0.16 -11.66 5.92
C THR A 442 -0.05 -12.20 4.51
N THR A 443 -0.77 -13.32 4.43
CA THR A 443 -1.12 -13.93 3.16
C THR A 443 -2.62 -14.25 3.12
N PRO A 444 -3.16 -14.48 1.91
CA PRO A 444 -4.57 -14.86 1.83
C PRO A 444 -4.86 -16.25 2.38
N CYS A 445 -3.81 -16.97 2.78
CA CYS A 445 -3.94 -18.34 3.29
C CYS A 445 -3.25 -18.49 4.65
N ASP A 446 -3.47 -17.52 5.53
CA ASP A 446 -2.92 -17.57 6.88
C ASP A 446 -3.72 -18.55 7.74
N PRO A 447 -3.11 -19.04 8.84
CA PRO A 447 -3.80 -19.99 9.72
C PRO A 447 -5.03 -19.40 10.43
N GLU A 448 -5.04 -18.10 10.63
CA GLU A 448 -6.16 -17.44 11.30
C GLU A 448 -7.43 -17.50 10.45
N TYR A 449 -7.25 -17.67 9.14
CA TYR A 449 -8.36 -17.68 8.20
C TYR A 449 -9.13 -19.00 8.25
N ALA A 450 -10.36 -18.94 8.74
CA ALA A 450 -11.21 -20.12 8.88
C ALA A 450 -11.94 -20.46 7.58
N GLY A 451 -11.94 -19.51 6.65
CA GLY A 451 -12.68 -19.65 5.41
C GLY A 451 -13.71 -18.54 5.26
N GLY A 452 -14.71 -18.76 4.41
CA GLY A 452 -15.72 -17.75 4.16
C GLY A 452 -17.09 -18.32 3.86
N PHE A 453 -18.07 -17.41 3.79
CA PHE A 453 -19.42 -17.74 3.37
C PHE A 453 -19.75 -16.98 2.10
N ALA A 454 -19.79 -17.69 0.97
CA ALA A 454 -20.08 -17.09 -0.31
C ALA A 454 -21.40 -17.63 -0.85
N GLN A 455 -22.20 -16.76 -1.44
CA GLN A 455 -23.52 -17.15 -1.93
C GLN A 455 -23.86 -16.56 -3.29
N ILE A 456 -24.05 -17.43 -4.26
CA ILE A 456 -24.57 -17.07 -5.57
C ILE A 456 -26.02 -16.64 -5.39
N PRO A 457 -26.49 -15.65 -6.17
CA PRO A 457 -27.87 -15.20 -5.97
C PRO A 457 -28.89 -16.33 -6.09
N HIS A 458 -29.72 -16.48 -5.06
CA HIS A 458 -30.74 -17.52 -5.02
C HIS A 458 -31.96 -17.01 -4.27
N ASN A 459 -32.19 -15.70 -4.35
CA ASN A 459 -33.31 -15.06 -3.67
C ASN A 459 -34.63 -15.69 -4.11
N ASP A 460 -35.48 -15.98 -3.13
CA ASP A 460 -36.75 -16.64 -3.40
C ASP A 460 -37.77 -15.67 -4.01
N LYS A 461 -38.78 -16.26 -4.64
CA LYS A 461 -39.83 -15.52 -5.32
C LYS A 461 -40.67 -14.64 -4.39
N ARG A 462 -41.00 -15.13 -3.21
CA ARG A 462 -41.90 -14.41 -2.31
C ARG A 462 -41.25 -13.82 -1.06
N SER A 463 -39.95 -13.98 -0.88
CA SER A 463 -39.23 -13.17 0.09
C SER A 463 -38.15 -12.31 -0.57
N MET A 464 -37.82 -11.18 0.05
CA MET A 464 -36.76 -10.31 -0.43
C MET A 464 -35.46 -10.52 0.34
N VAL A 465 -35.50 -11.43 1.32
CA VAL A 465 -34.34 -11.74 2.14
C VAL A 465 -34.18 -13.25 2.34
N MET A 466 -32.96 -13.74 2.23
CA MET A 466 -32.68 -15.16 2.47
C MET A 466 -31.83 -15.29 3.73
N THR A 467 -32.01 -16.41 4.43
CA THR A 467 -31.28 -16.68 5.67
C THR A 467 -30.43 -17.95 5.52
N SER A 468 -29.20 -17.90 6.01
CA SER A 468 -28.27 -19.01 5.82
C SER A 468 -27.44 -19.31 7.06
N THR A 469 -26.63 -20.36 6.99
CA THR A 469 -25.79 -20.79 8.11
C THR A 469 -24.45 -21.32 7.60
N ALA A 470 -23.39 -21.04 8.35
CA ALA A 470 -22.05 -21.49 8.01
C ALA A 470 -21.42 -22.25 9.17
N ARG A 471 -20.57 -23.23 8.83
CA ARG A 471 -19.90 -24.07 9.82
C ARG A 471 -18.41 -24.13 9.55
N PHE A 472 -17.60 -23.80 10.55
CA PHE A 472 -16.15 -23.82 10.42
C PHE A 472 -15.49 -24.67 11.50
N GLY A 473 -14.62 -25.59 11.09
CA GLY A 473 -13.89 -26.42 12.02
C GLY A 473 -12.72 -25.68 12.65
N LEU A 474 -12.51 -25.87 13.95
CA LEU A 474 -11.49 -25.13 14.69
C LEU A 474 -10.39 -26.02 15.27
N ASN A 475 -10.51 -27.33 15.10
CA ASN A 475 -9.55 -28.27 15.68
C ASN A 475 -8.10 -27.95 15.31
N GLU A 476 -7.86 -27.66 14.03
CA GLU A 476 -6.52 -27.33 13.57
C GLU A 476 -6.20 -25.86 13.78
N LEU A 477 -7.19 -25.00 13.58
CA LEU A 477 -6.99 -23.56 13.64
C LEU A 477 -6.49 -23.13 15.01
N LEU A 478 -7.12 -23.63 16.07
CA LEU A 478 -6.75 -23.25 17.43
C LEU A 478 -5.32 -23.66 17.74
N GLU A 479 -4.89 -24.80 17.20
CA GLU A 479 -3.51 -25.23 17.34
C GLU A 479 -2.61 -24.29 16.53
N ASP A 480 -3.02 -24.00 15.30
CA ASP A 480 -2.24 -23.18 14.39
C ASP A 480 -2.05 -21.76 14.90
N THR A 481 -2.94 -21.33 15.82
CA THR A 481 -2.89 -19.99 16.36
C THR A 481 -2.39 -19.95 17.81
N ASN A 482 -2.07 -21.12 18.35
CA ASN A 482 -1.59 -21.24 19.73
C ASN A 482 -2.60 -20.69 20.73
N THR A 483 -3.87 -21.04 20.55
CA THR A 483 -4.94 -20.55 21.41
C THR A 483 -5.84 -21.68 21.93
N GLU A 484 -5.29 -22.89 21.99
CA GLU A 484 -6.03 -24.03 22.49
C GLU A 484 -6.35 -23.92 23.97
N GLY A 485 -5.62 -23.05 24.67
CA GLY A 485 -5.77 -22.89 26.11
C GLY A 485 -6.67 -21.73 26.52
N GLU A 486 -7.01 -20.87 25.56
CA GLU A 486 -7.79 -19.67 25.85
C GLU A 486 -9.28 -19.99 25.91
N GLU A 487 -9.96 -19.42 26.91
CA GLU A 487 -11.37 -19.70 27.13
C GLU A 487 -12.25 -19.08 26.04
N TYR A 488 -11.86 -17.90 25.58
CA TYR A 488 -12.59 -17.19 24.53
C TYR A 488 -11.86 -17.25 23.20
N ALA A 489 -12.64 -17.31 22.12
CA ALA A 489 -12.12 -17.24 20.76
C ALA A 489 -12.58 -15.95 20.09
N THR A 490 -11.64 -15.12 19.68
CA THR A 490 -11.97 -13.87 19.00
C THR A 490 -12.30 -14.13 17.53
N VAL A 491 -13.57 -13.95 17.17
CA VAL A 491 -14.02 -14.15 15.80
C VAL A 491 -14.13 -12.81 15.09
N THR A 492 -13.43 -12.68 13.97
CA THR A 492 -13.47 -11.47 13.15
C THR A 492 -14.14 -11.75 11.81
N LEU A 493 -15.23 -11.03 11.56
CA LEU A 493 -15.97 -11.14 10.30
C LEU A 493 -15.67 -9.95 9.40
N VAL A 494 -15.09 -10.22 8.23
CA VAL A 494 -14.71 -9.18 7.28
C VAL A 494 -15.58 -9.25 6.02
N PRO A 495 -16.44 -8.24 5.80
CA PRO A 495 -17.27 -8.26 4.59
C PRO A 495 -16.44 -8.00 3.33
N ARG A 496 -16.78 -8.69 2.23
CA ARG A 496 -16.06 -8.54 0.97
C ARG A 496 -16.92 -7.92 -0.12
N THR A 497 -18.15 -8.39 -0.24
CA THR A 497 -19.06 -7.85 -1.25
C THR A 497 -20.50 -8.22 -0.93
N GLY A 498 -21.42 -7.29 -1.21
CA GLY A 498 -22.84 -7.52 -0.99
C GLY A 498 -23.22 -7.67 0.47
N CYS A 499 -22.42 -7.07 1.36
CA CYS A 499 -22.65 -7.17 2.80
C CYS A 499 -23.26 -5.90 3.39
N GLU A 500 -23.62 -4.94 2.53
CA GLU A 500 -24.17 -3.67 2.97
C GLU A 500 -25.44 -3.88 3.81
N ASP A 501 -26.25 -4.86 3.42
CA ASP A 501 -27.50 -5.14 4.10
C ASP A 501 -27.44 -6.44 4.90
N LEU A 502 -26.29 -7.09 4.90
CA LEU A 502 -26.15 -8.38 5.57
C LEU A 502 -26.09 -8.20 7.08
N THR A 503 -26.75 -9.13 7.79
CA THR A 503 -26.73 -9.14 9.25
C THR A 503 -26.53 -10.56 9.76
N VAL A 504 -25.92 -10.68 10.93
CA VAL A 504 -25.70 -11.97 11.58
C VAL A 504 -26.51 -12.02 12.88
N GLY A 505 -27.29 -13.08 13.03
CA GLY A 505 -28.20 -13.20 14.15
C GLY A 505 -27.63 -13.92 15.36
N GLU A 506 -26.72 -14.85 15.14
CA GLU A 506 -26.17 -15.65 16.23
C GLU A 506 -24.79 -16.22 15.91
N ILE A 507 -23.92 -16.23 16.91
CA ILE A 507 -22.59 -16.80 16.80
C ILE A 507 -22.29 -17.64 18.04
N LYS A 508 -21.83 -18.87 17.83
CA LYS A 508 -21.52 -19.76 18.93
C LYS A 508 -20.58 -20.89 18.51
N ILE A 509 -19.82 -21.40 19.47
CA ILE A 509 -18.91 -22.52 19.25
C ILE A 509 -19.45 -23.75 19.98
N GLU A 510 -19.48 -24.87 19.28
CA GLU A 510 -20.00 -26.11 19.85
C GLU A 510 -19.12 -27.31 19.51
N LEU A 511 -19.13 -28.31 20.37
CA LEU A 511 -18.45 -29.57 20.11
C LEU A 511 -19.38 -30.50 19.33
N VAL A 512 -18.98 -30.83 18.11
CA VAL A 512 -19.76 -31.73 17.27
C VAL A 512 -19.12 -33.13 17.28
N PRO A 513 -19.84 -34.13 17.81
CA PRO A 513 -19.28 -35.49 17.80
C PRO A 513 -19.05 -36.00 16.38
N ILE A 514 -17.91 -36.63 16.15
CA ILE A 514 -17.57 -37.14 14.83
C ILE A 514 -18.34 -38.44 14.56
N PRO A 515 -19.19 -38.45 13.51
CA PRO A 515 -19.93 -39.67 13.18
C PRO A 515 -19.03 -40.76 12.59
N LYS A 516 -19.34 -42.02 12.91
CA LYS A 516 -18.54 -43.15 12.43
C LYS A 516 -19.45 -44.31 12.04
N ALA B 1 48.58 -7.59 4.74
CA ALA B 1 49.16 -8.35 3.60
C ALA B 1 48.06 -8.76 2.62
N PRO B 2 47.51 -7.79 1.88
CA PRO B 2 46.40 -8.07 0.96
C PRO B 2 46.82 -8.86 -0.27
N ILE B 3 45.95 -9.73 -0.76
CA ILE B 3 46.20 -10.46 -1.99
C ILE B 3 46.32 -9.49 -3.15
N THR B 4 47.42 -9.61 -3.90
CA THR B 4 47.71 -8.70 -5.00
C THR B 4 48.04 -9.48 -6.27
N ALA B 5 47.25 -9.29 -7.31
CA ALA B 5 47.49 -9.93 -8.59
C ALA B 5 48.80 -9.40 -9.20
N PRO B 6 49.63 -10.30 -9.76
CA PRO B 6 50.90 -9.87 -10.34
C PRO B 6 50.72 -9.31 -11.75
N ASP B 7 51.82 -9.09 -12.45
CA ASP B 7 51.75 -8.78 -13.87
C ASP B 7 51.24 -10.03 -14.59
N ILE B 8 49.93 -10.09 -14.80
CA ILE B 8 49.28 -11.28 -15.32
C ILE B 8 49.78 -11.65 -16.72
N THR B 9 50.37 -10.69 -17.42
CA THR B 9 50.91 -10.92 -18.76
C THR B 9 52.36 -11.39 -18.73
N SER B 10 53.00 -11.25 -17.58
CA SER B 10 54.40 -11.65 -17.42
C SER B 10 54.50 -12.97 -16.65
N ILE B 11 53.91 -13.01 -15.46
CA ILE B 11 53.95 -14.19 -14.62
C ILE B 11 52.62 -14.93 -14.65
N CYS B 12 52.60 -16.07 -15.35
CA CYS B 12 51.38 -16.87 -15.44
C CYS B 12 51.72 -18.30 -15.85
N LYS B 13 50.85 -19.24 -15.48
CA LYS B 13 51.06 -20.66 -15.80
C LYS B 13 49.75 -21.33 -16.16
N ASP B 14 49.83 -22.47 -16.85
CA ASP B 14 48.65 -23.22 -17.23
C ASP B 14 47.87 -23.68 -16.00
N ALA B 15 46.55 -23.69 -16.10
CA ALA B 15 45.69 -24.08 -14.99
C ALA B 15 45.98 -25.51 -14.55
N SER B 17 44.71 -27.20 -11.51
CA SER B 17 43.92 -27.17 -10.29
C SER B 17 42.44 -27.01 -10.62
N GLY B 18 41.59 -27.66 -9.83
CA GLY B 18 40.15 -27.53 -9.97
C GLY B 18 39.61 -28.27 -11.18
N ILE B 19 40.40 -29.20 -11.71
CA ILE B 19 40.00 -30.00 -12.86
C ILE B 19 40.18 -31.49 -12.54
N ILE B 26 37.70 -30.84 -22.35
CA ILE B 26 37.17 -30.43 -23.64
C ILE B 26 37.67 -29.03 -24.02
N ARG B 27 37.89 -28.20 -23.01
CA ARG B 27 38.42 -26.86 -23.21
C ARG B 27 39.92 -26.83 -22.89
N THR B 28 40.57 -25.72 -23.23
CA THR B 28 42.01 -25.59 -23.02
C THR B 28 42.34 -25.24 -21.57
N ARG B 29 43.54 -25.64 -21.14
CA ARG B 29 44.04 -25.31 -19.80
C ARG B 29 45.02 -24.14 -19.87
N LYS B 30 45.33 -23.68 -21.08
CA LYS B 30 46.20 -22.52 -21.26
C LYS B 30 45.37 -21.25 -21.12
N CYS B 31 45.09 -20.87 -19.88
CA CYS B 31 44.17 -19.77 -19.60
C CYS B 31 44.89 -18.44 -19.37
N CYS B 32 46.18 -18.39 -19.69
CA CYS B 32 46.93 -17.16 -19.51
C CYS B 32 46.46 -16.11 -20.51
N PRO B 33 46.43 -14.83 -20.09
CA PRO B 33 45.95 -13.77 -20.97
C PRO B 33 47.01 -13.35 -21.98
N PRO B 34 46.59 -12.71 -23.08
CA PRO B 34 47.59 -12.26 -24.07
C PRO B 34 48.57 -11.23 -23.48
N SER B 35 49.84 -11.33 -23.88
CA SER B 35 50.85 -10.37 -23.46
C SER B 35 51.15 -9.40 -24.59
N LEU B 36 50.56 -8.22 -24.51
CA LEU B 36 50.70 -7.21 -25.56
C LEU B 36 51.69 -6.13 -25.17
N GLY B 37 52.47 -6.38 -24.13
CA GLY B 37 53.46 -5.43 -23.67
C GLY B 37 52.82 -4.16 -23.15
N LYS B 38 51.64 -4.30 -22.55
CA LYS B 38 50.91 -3.17 -21.99
C LYS B 38 51.35 -2.91 -20.55
N LYS B 39 51.32 -1.65 -20.15
CA LYS B 39 51.62 -1.27 -18.77
C LYS B 39 50.34 -1.24 -17.95
N ILE B 40 50.41 -1.81 -16.74
CA ILE B 40 49.25 -1.84 -15.86
C ILE B 40 48.93 -0.44 -15.41
N LYS B 41 47.78 0.07 -15.83
CA LYS B 41 47.35 1.42 -15.49
C LYS B 41 46.51 1.43 -14.22
N ASP B 42 46.51 2.57 -13.54
CA ASP B 42 45.70 2.73 -12.34
C ASP B 42 44.24 2.91 -12.72
N PHE B 43 43.35 2.42 -11.89
CA PHE B 43 41.92 2.50 -12.16
C PHE B 43 41.41 3.93 -12.03
N GLN B 44 40.46 4.30 -12.89
CA GLN B 44 39.79 5.58 -12.81
C GLN B 44 38.29 5.34 -12.92
N PHE B 45 37.52 5.94 -12.02
CA PHE B 45 36.08 5.72 -12.00
C PHE B 45 35.46 6.20 -13.32
N PRO B 46 34.44 5.48 -13.81
CA PRO B 46 33.85 5.83 -15.11
C PRO B 46 33.13 7.17 -15.10
N ASN B 47 33.20 7.87 -16.22
CA ASN B 47 32.55 9.16 -16.39
C ASN B 47 31.29 9.05 -17.24
N ASP B 48 30.64 7.88 -17.17
CA ASP B 48 29.45 7.62 -17.96
C ASP B 48 28.36 8.63 -17.65
N LYS B 49 27.63 9.04 -18.69
CA LYS B 49 26.56 10.01 -18.54
C LYS B 49 25.35 9.34 -17.88
N LYS B 50 24.92 8.22 -18.44
CA LYS B 50 23.80 7.46 -17.91
C LYS B 50 24.29 6.26 -17.11
N VAL B 51 23.43 5.74 -16.24
CA VAL B 51 23.74 4.55 -15.45
C VAL B 51 23.23 3.31 -16.16
N ARG B 52 24.12 2.32 -16.33
CA ARG B 52 23.76 1.08 -16.99
C ARG B 52 22.74 0.30 -16.16
N MET B 53 21.55 0.10 -16.71
CA MET B 53 20.49 -0.62 -16.00
C MET B 53 20.41 -2.08 -16.45
N ARG B 54 20.92 -2.99 -15.62
CA ARG B 54 20.85 -4.41 -15.93
C ARG B 54 19.41 -4.91 -15.80
N TRP B 55 19.02 -5.80 -16.71
CA TRP B 55 17.62 -6.19 -16.87
C TRP B 55 17.40 -7.67 -16.63
N PRO B 56 16.19 -8.06 -16.18
CA PRO B 56 15.89 -9.48 -16.02
C PRO B 56 15.94 -10.22 -17.35
N ALA B 57 16.62 -11.36 -17.38
CA ALA B 57 16.82 -12.11 -18.61
C ALA B 57 15.51 -12.62 -19.21
N HIS B 58 14.46 -12.62 -18.39
CA HIS B 58 13.16 -13.14 -18.81
C HIS B 58 12.14 -12.01 -19.06
N LYS B 59 12.56 -10.77 -18.89
CA LYS B 59 11.69 -9.62 -19.13
C LYS B 59 12.46 -8.48 -19.80
N GLY B 60 13.19 -8.80 -20.86
CA GLY B 60 13.98 -7.82 -21.57
C GLY B 60 13.22 -7.26 -22.76
N THR B 61 13.49 -6.00 -23.09
CA THR B 61 12.90 -5.39 -24.27
C THR B 61 13.58 -5.94 -25.52
N LYS B 62 12.96 -5.71 -26.67
CA LYS B 62 13.53 -6.18 -27.94
C LYS B 62 14.92 -5.58 -28.15
N LYS B 63 15.07 -4.31 -27.77
CA LYS B 63 16.34 -3.61 -27.92
C LYS B 63 17.39 -4.22 -27.00
N GLN B 64 17.00 -4.45 -25.75
CA GLN B 64 17.92 -5.00 -24.74
C GLN B 64 18.46 -6.36 -25.15
N VAL B 65 17.57 -7.23 -25.64
CA VAL B 65 17.97 -8.57 -26.04
C VAL B 65 18.83 -8.56 -27.30
N ASP B 66 18.41 -7.79 -28.29
CA ASP B 66 19.13 -7.72 -29.56
C ASP B 66 20.52 -7.13 -29.36
N ASP B 67 20.62 -6.09 -28.54
CA ASP B 67 21.91 -5.48 -28.24
C ASP B 67 22.83 -6.50 -27.57
N TYR B 68 22.26 -7.31 -26.68
CA TYR B 68 23.02 -8.32 -25.97
C TYR B 68 23.47 -9.42 -26.94
N ARG B 69 22.58 -9.87 -27.82
CA ARG B 69 22.93 -10.87 -28.83
C ARG B 69 23.99 -10.34 -29.78
N ARG B 70 23.82 -9.09 -30.18
CA ARG B 70 24.75 -8.46 -31.12
C ARG B 70 26.14 -8.30 -30.52
N ALA B 71 26.20 -8.04 -29.22
CA ALA B 71 27.47 -7.86 -28.53
C ALA B 71 28.22 -9.17 -28.38
N ILE B 72 27.52 -10.23 -27.99
CA ILE B 72 28.13 -11.55 -27.84
C ILE B 72 28.61 -12.07 -29.20
N ALA B 73 27.81 -11.85 -30.24
CA ALA B 73 28.19 -12.23 -31.59
C ALA B 73 29.47 -11.52 -32.00
N ALA B 74 29.58 -10.24 -31.62
CA ALA B 74 30.76 -9.46 -31.90
C ALA B 74 31.96 -10.00 -31.11
N MET B 75 31.73 -10.36 -29.85
CA MET B 75 32.78 -10.89 -28.99
C MET B 75 33.25 -12.25 -29.51
N ARG B 76 32.32 -13.07 -29.98
CA ARG B 76 32.65 -14.37 -30.55
C ARG B 76 33.40 -14.22 -31.88
N ALA B 77 33.23 -13.07 -32.54
CA ALA B 77 33.82 -12.86 -33.86
C ALA B 77 35.28 -12.44 -33.81
N LEU B 78 35.74 -11.98 -32.66
CA LEU B 78 37.11 -11.49 -32.52
C LEU B 78 38.12 -12.65 -32.56
N PRO B 79 39.38 -12.34 -32.91
CA PRO B 79 40.42 -13.36 -32.83
C PRO B 79 40.69 -13.77 -31.38
N ASP B 80 41.05 -15.03 -31.15
CA ASP B 80 41.30 -15.53 -29.80
C ASP B 80 42.40 -14.73 -29.11
N ASP B 81 43.36 -14.24 -29.89
CA ASP B 81 44.49 -13.50 -29.36
C ASP B 81 44.06 -12.16 -28.77
N ASP B 82 42.84 -11.73 -29.11
CA ASP B 82 42.32 -10.47 -28.61
C ASP B 82 41.88 -10.64 -27.15
N PRO B 83 42.34 -9.75 -26.25
CA PRO B 83 41.95 -9.88 -24.84
C PRO B 83 40.44 -9.75 -24.63
N ARG B 84 39.79 -9.08 -25.57
CA ARG B 84 38.36 -8.81 -25.49
C ARG B 84 37.53 -9.93 -26.11
N SER B 85 38.20 -10.97 -26.60
CA SER B 85 37.51 -12.05 -27.30
C SER B 85 36.74 -12.95 -26.34
N PHE B 86 35.83 -13.74 -26.89
CA PHE B 86 35.00 -14.66 -26.13
C PHE B 86 35.88 -15.64 -25.33
N VAL B 87 36.89 -16.19 -25.99
CA VAL B 87 37.80 -17.14 -25.37
C VAL B 87 38.64 -16.46 -24.29
N SER B 88 39.17 -15.28 -24.60
CA SER B 88 40.02 -14.56 -23.66
C SER B 88 39.28 -14.23 -22.37
N GLN B 89 38.03 -13.80 -22.52
CA GLN B 89 37.21 -13.45 -21.37
C GLN B 89 36.93 -14.67 -20.50
N ALA B 90 36.71 -15.83 -21.14
CA ALA B 90 36.47 -17.06 -20.40
C ALA B 90 37.72 -17.47 -19.62
N LYS B 91 38.89 -17.28 -20.23
CA LYS B 91 40.15 -17.69 -19.63
C LYS B 91 40.47 -16.89 -18.37
N ILE B 92 39.93 -15.67 -18.27
CA ILE B 92 40.12 -14.85 -17.08
C ILE B 92 39.65 -15.62 -15.85
N HIS B 93 38.46 -16.22 -15.97
CA HIS B 93 37.88 -16.97 -14.87
C HIS B 93 38.76 -18.17 -14.54
N CYS B 94 39.25 -18.84 -15.59
CA CYS B 94 40.11 -20.01 -15.41
C CYS B 94 41.42 -19.65 -14.72
N ALA B 95 42.04 -18.57 -15.18
CA ALA B 95 43.33 -18.14 -14.63
C ALA B 95 43.22 -17.80 -13.14
N TYR B 96 42.13 -17.16 -12.76
CA TYR B 96 41.96 -16.71 -11.37
C TYR B 96 41.40 -17.79 -10.45
N CYS B 97 40.69 -18.76 -11.02
CA CYS B 97 40.02 -19.79 -10.22
C CYS B 97 40.74 -21.13 -10.20
N ASN B 98 41.77 -21.27 -11.03
CA ASN B 98 42.48 -22.54 -11.13
C ASN B 98 44.01 -22.39 -11.00
N GLY B 99 44.43 -21.41 -10.20
CA GLY B 99 45.82 -21.27 -9.86
C GLY B 99 46.71 -20.87 -11.03
N GLY B 100 46.27 -19.89 -11.80
CA GLY B 100 47.05 -19.39 -12.91
C GLY B 100 48.15 -18.45 -12.44
N TYR B 101 47.85 -17.67 -11.41
CA TYR B 101 48.77 -16.67 -10.89
C TYR B 101 49.27 -17.04 -9.50
N THR B 102 50.33 -16.36 -9.05
CA THR B 102 50.90 -16.60 -7.73
C THR B 102 50.99 -15.31 -6.93
N GLN B 103 51.24 -15.44 -5.64
CA GLN B 103 51.38 -14.29 -4.75
C GLN B 103 52.81 -13.75 -4.76
N VAL B 104 53.41 -13.70 -5.95
CA VAL B 104 54.81 -13.31 -6.09
C VAL B 104 55.03 -11.85 -5.72
N ASP B 105 54.05 -11.00 -6.03
CA ASP B 105 54.16 -9.57 -5.73
C ASP B 105 54.13 -9.30 -4.24
N SER B 106 53.54 -10.21 -3.48
CA SER B 106 53.47 -10.09 -2.02
C SER B 106 54.64 -10.79 -1.34
N GLY B 107 55.53 -11.38 -2.15
CA GLY B 107 56.71 -12.04 -1.62
C GLY B 107 56.47 -13.51 -1.32
N PHE B 108 55.52 -14.11 -2.04
CA PHE B 108 55.19 -15.52 -1.87
C PHE B 108 54.96 -16.19 -3.22
N PRO B 109 56.05 -16.44 -3.97
CA PRO B 109 55.94 -16.99 -5.33
C PRO B 109 55.47 -18.45 -5.35
N ASP B 110 55.52 -19.12 -4.20
CA ASP B 110 55.16 -20.54 -4.12
C ASP B 110 53.71 -20.76 -3.71
N ILE B 111 52.93 -19.68 -3.67
CA ILE B 111 51.52 -19.76 -3.30
C ILE B 111 50.63 -19.22 -4.41
N ASP B 112 49.72 -20.05 -4.90
CA ASP B 112 48.80 -19.66 -5.96
C ASP B 112 47.71 -18.74 -5.42
N ILE B 113 47.12 -17.95 -6.31
CA ILE B 113 45.97 -17.11 -5.97
C ILE B 113 44.67 -17.83 -6.29
N GLN B 114 43.73 -17.78 -5.36
CA GLN B 114 42.42 -18.38 -5.53
C GLN B 114 41.35 -17.42 -5.01
N ILE B 115 40.62 -16.80 -5.93
CA ILE B 115 39.62 -15.80 -5.56
C ILE B 115 38.37 -16.43 -4.96
N HIS B 116 38.11 -17.70 -5.28
CA HIS B 116 36.95 -18.40 -4.74
C HIS B 116 37.20 -18.86 -3.30
N ASN B 117 36.13 -19.27 -2.62
CA ASN B 117 36.22 -19.78 -1.26
C ASN B 117 36.86 -18.80 -0.29
N SER B 118 36.59 -17.51 -0.50
CA SER B 118 37.13 -16.47 0.35
C SER B 118 36.29 -15.21 0.21
N TRP B 119 36.66 -14.18 0.96
CA TRP B 119 35.95 -12.92 0.91
C TRP B 119 36.24 -12.16 -0.39
N LEU B 120 37.11 -12.72 -1.22
CA LEU B 120 37.42 -12.13 -2.52
C LEU B 120 36.39 -12.54 -3.59
N PHE B 121 35.53 -13.50 -3.25
CA PHE B 121 34.56 -14.05 -4.18
C PHE B 121 33.69 -12.99 -4.84
N PHE B 122 32.96 -12.23 -4.02
CA PHE B 122 32.05 -11.21 -4.53
C PHE B 122 32.75 -10.09 -5.28
N PRO B 123 33.75 -9.44 -4.64
CA PRO B 123 34.37 -8.29 -5.32
C PRO B 123 35.07 -8.64 -6.62
N PHE B 124 35.70 -9.81 -6.70
CA PHE B 124 36.37 -10.21 -7.92
C PHE B 124 35.40 -10.31 -9.09
N HIS B 125 34.31 -11.04 -8.89
CA HIS B 125 33.34 -11.25 -9.94
C HIS B 125 32.59 -9.98 -10.30
N ARG B 126 32.52 -9.04 -9.36
CA ARG B 126 31.93 -7.73 -9.65
C ARG B 126 32.81 -6.97 -10.64
N TRP B 127 34.12 -6.98 -10.38
CA TRP B 127 35.06 -6.37 -11.30
C TRP B 127 35.10 -7.12 -12.63
N TYR B 128 35.03 -8.45 -12.52
CA TYR B 128 35.03 -9.32 -13.69
C TYR B 128 33.92 -8.90 -14.65
N LEU B 129 32.70 -8.77 -14.12
CA LEU B 129 31.55 -8.38 -14.92
C LEU B 129 31.63 -6.91 -15.36
N TYR B 130 32.23 -6.08 -14.53
CA TYR B 130 32.33 -4.65 -14.82
C TYR B 130 33.03 -4.38 -16.15
N PHE B 131 34.21 -4.94 -16.31
CA PHE B 131 34.97 -4.76 -17.54
C PHE B 131 34.33 -5.55 -18.69
N TYR B 132 33.88 -6.76 -18.39
CA TYR B 132 33.19 -7.61 -19.36
C TYR B 132 32.00 -6.88 -19.98
N GLU B 133 31.24 -6.19 -19.14
CA GLU B 133 30.06 -5.45 -19.58
C GLU B 133 30.45 -4.26 -20.45
N ARG B 134 31.50 -3.55 -20.04
CA ARG B 134 31.95 -2.36 -20.76
C ARG B 134 32.63 -2.76 -22.07
N ILE B 135 33.23 -3.94 -22.10
CA ILE B 135 33.83 -4.46 -23.32
C ILE B 135 32.73 -4.73 -24.34
N LEU B 136 31.70 -5.46 -23.91
CA LEU B 136 30.56 -5.77 -24.78
C LEU B 136 29.90 -4.49 -25.30
N GLY B 137 29.84 -3.47 -24.46
CA GLY B 137 29.24 -2.21 -24.84
C GLY B 137 29.98 -1.48 -25.94
N SER B 138 31.31 -1.53 -25.89
CA SER B 138 32.14 -0.82 -26.86
C SER B 138 32.21 -1.57 -28.20
N LEU B 139 31.98 -2.88 -28.15
CA LEU B 139 32.04 -3.69 -29.37
C LEU B 139 30.89 -3.38 -30.32
N ILE B 140 29.82 -2.79 -29.80
CA ILE B 140 28.66 -2.44 -30.62
C ILE B 140 28.34 -0.95 -30.52
N ASP B 141 29.30 -0.17 -30.02
CA ASP B 141 29.16 1.28 -29.92
C ASP B 141 27.93 1.69 -29.11
N GLU B 142 27.67 0.95 -28.04
CA GLU B 142 26.58 1.27 -27.10
C GLU B 142 27.16 1.71 -25.76
N PRO B 143 27.24 3.02 -25.50
CA PRO B 143 27.81 3.48 -24.23
C PRO B 143 26.93 3.15 -23.02
N ASN B 144 25.63 2.97 -23.25
CA ASN B 144 24.69 2.69 -22.18
C ASN B 144 24.31 1.21 -22.15
N PHE B 145 25.18 0.38 -22.69
CA PHE B 145 24.92 -1.06 -22.75
C PHE B 145 24.86 -1.66 -21.36
N ALA B 146 23.95 -2.61 -21.17
CA ALA B 146 23.77 -3.26 -19.88
C ALA B 146 23.51 -4.74 -20.04
N LEU B 147 24.20 -5.54 -19.23
CA LEU B 147 24.01 -6.99 -19.21
C LEU B 147 22.63 -7.35 -18.68
N PRO B 148 22.10 -8.50 -19.10
CA PRO B 148 20.94 -9.04 -18.36
C PRO B 148 21.41 -9.77 -17.10
N TYR B 149 20.48 -10.11 -16.21
CA TYR B 149 20.83 -10.93 -15.06
C TYR B 149 19.76 -12.00 -14.83
N TRP B 150 20.22 -13.20 -14.49
CA TRP B 150 19.35 -14.35 -14.29
C TRP B 150 18.64 -14.24 -12.95
N LYS B 151 17.41 -13.77 -13.00
CA LYS B 151 16.64 -13.50 -11.79
C LYS B 151 15.98 -14.76 -11.26
N TRP B 152 16.80 -15.72 -10.80
CA TRP B 152 16.27 -16.98 -10.29
C TRP B 152 15.77 -16.84 -8.85
N ASP B 153 15.78 -15.63 -8.32
CA ASP B 153 15.14 -15.36 -7.03
C ASP B 153 13.69 -14.93 -7.23
N GLU B 154 13.21 -15.04 -8.46
CA GLU B 154 11.82 -14.72 -8.79
C GLU B 154 11.24 -15.83 -9.68
N PRO B 155 10.04 -16.35 -9.34
CA PRO B 155 9.48 -17.53 -10.00
C PRO B 155 9.57 -17.56 -11.53
N LYS B 156 9.10 -16.52 -12.21
CA LYS B 156 9.08 -16.51 -13.67
C LYS B 156 10.49 -16.45 -14.27
N GLY B 157 11.47 -16.05 -13.46
CA GLY B 157 12.84 -15.94 -13.91
C GLY B 157 13.69 -17.14 -13.54
N MET B 158 13.08 -18.13 -12.90
CA MET B 158 13.81 -19.30 -12.40
C MET B 158 14.25 -20.24 -13.53
N PRO B 159 13.36 -20.50 -14.50
CA PRO B 159 13.81 -21.30 -15.65
C PRO B 159 14.84 -20.54 -16.48
N ILE B 160 15.70 -21.27 -17.19
CA ILE B 160 16.64 -20.64 -18.11
C ILE B 160 15.82 -19.85 -19.14
N SER B 161 16.14 -18.57 -19.28
CA SER B 161 15.46 -17.72 -20.26
C SER B 161 15.62 -18.28 -21.67
N ASN B 162 14.56 -18.18 -22.47
CA ASN B 162 14.57 -18.75 -23.80
C ASN B 162 15.58 -18.07 -24.73
N ILE B 163 16.11 -16.93 -24.31
CA ILE B 163 17.09 -16.21 -25.13
C ILE B 163 18.42 -16.97 -25.22
N PHE B 164 18.66 -17.86 -24.27
CA PHE B 164 19.88 -18.66 -24.26
C PHE B 164 19.69 -19.99 -24.98
N LEU B 165 18.45 -20.31 -25.32
CA LEU B 165 18.12 -21.61 -25.89
C LEU B 165 18.07 -21.57 -27.41
N GLY B 166 17.72 -22.71 -28.01
CA GLY B 166 17.68 -22.86 -29.45
C GLY B 166 18.82 -23.72 -29.92
N ASP B 167 19.64 -23.17 -30.82
CA ASP B 167 20.75 -23.91 -31.39
C ASP B 167 21.97 -23.00 -31.60
N ALA B 168 23.00 -23.53 -32.24
CA ALA B 168 24.27 -22.84 -32.41
C ALA B 168 24.12 -21.52 -33.17
N SER B 169 23.03 -21.36 -33.89
CA SER B 169 22.78 -20.12 -34.63
C SER B 169 22.52 -18.97 -33.66
N ASN B 170 22.18 -19.31 -32.42
CA ASN B 170 22.01 -18.34 -31.35
C ASN B 170 23.35 -18.06 -30.67
N PRO B 171 23.79 -16.78 -30.66
CA PRO B 171 25.08 -16.49 -30.01
C PRO B 171 25.10 -16.83 -28.51
N LEU B 172 23.93 -16.80 -27.88
CA LEU B 172 23.84 -17.03 -26.44
C LEU B 172 23.74 -18.52 -26.10
N TYR B 173 23.72 -19.35 -27.14
CA TYR B 173 23.57 -20.79 -26.98
C TYR B 173 24.88 -21.47 -26.62
N ASP B 174 24.77 -22.60 -25.94
CA ASP B 174 25.92 -23.44 -25.62
C ASP B 174 25.47 -24.90 -25.64
N GLN B 175 26.12 -25.71 -26.46
CA GLN B 175 25.75 -27.12 -26.61
C GLN B 175 26.06 -27.91 -25.33
N TYR B 176 27.05 -27.45 -24.59
CA TYR B 176 27.49 -28.16 -23.39
C TYR B 176 26.66 -27.74 -22.17
N ARG B 177 25.38 -28.14 -22.18
CA ARG B 177 24.50 -27.94 -21.04
C ARG B 177 23.72 -29.22 -20.78
N ASP B 178 23.21 -29.36 -19.56
CA ASP B 178 22.42 -30.52 -19.20
C ASP B 178 21.13 -30.54 -20.01
N ALA B 179 21.01 -31.51 -20.91
CA ALA B 179 19.86 -31.63 -21.80
C ALA B 179 18.56 -31.78 -21.02
N ASN B 180 18.67 -32.40 -19.84
CA ASN B 180 17.48 -32.65 -19.02
C ASN B 180 16.97 -31.42 -18.28
N HIS B 181 17.66 -30.29 -18.44
CA HIS B 181 17.35 -29.08 -17.67
C HIS B 181 17.04 -27.85 -18.52
N ILE B 182 17.22 -27.95 -19.83
CA ILE B 182 17.07 -26.81 -20.72
C ILE B 182 15.67 -26.66 -21.32
N GLU B 183 14.78 -27.61 -21.01
CA GLU B 183 13.44 -27.60 -21.60
C GLU B 183 12.46 -26.75 -20.78
N ASP B 184 12.79 -25.48 -20.60
CA ASP B 184 11.94 -24.55 -19.85
C ASP B 184 11.69 -25.06 -18.43
N ARG B 185 12.64 -25.83 -17.92
CA ARG B 185 12.55 -26.43 -16.59
C ARG B 185 13.06 -25.47 -15.52
N ILE B 186 12.46 -25.55 -14.34
CA ILE B 186 12.81 -24.66 -13.23
C ILE B 186 14.16 -25.03 -12.63
N VAL B 187 14.97 -24.02 -12.37
CA VAL B 187 16.30 -24.22 -11.79
C VAL B 187 16.18 -24.75 -10.36
N ASP B 188 17.14 -25.57 -9.96
CA ASP B 188 17.20 -26.07 -8.59
C ASP B 188 18.33 -25.36 -7.85
N LEU B 189 17.98 -24.37 -7.02
CA LEU B 189 18.98 -23.57 -6.32
C LEU B 189 19.64 -24.34 -5.17
N ASP B 190 19.17 -25.57 -4.93
CA ASP B 190 19.77 -26.44 -3.92
C ASP B 190 20.12 -27.79 -4.55
N TYR B 191 20.59 -27.72 -5.79
CA TYR B 191 20.93 -28.91 -6.57
C TYR B 191 22.11 -29.67 -5.97
N ASP B 192 22.05 -31.01 -6.02
CA ASP B 192 23.13 -31.85 -5.49
C ASP B 192 23.59 -32.90 -6.51
N GLY B 193 23.23 -32.70 -7.78
CA GLY B 193 23.67 -33.57 -8.84
C GLY B 193 22.59 -34.49 -9.39
N LYS B 194 21.56 -34.73 -8.58
CA LYS B 194 20.45 -35.60 -8.96
C LYS B 194 19.14 -34.84 -8.94
N ASP B 195 18.32 -35.04 -9.97
CA ASP B 195 17.03 -34.37 -10.06
C ASP B 195 16.11 -34.82 -8.94
N LYS B 196 15.29 -33.91 -8.45
CA LYS B 196 14.32 -34.20 -7.39
C LYS B 196 12.94 -34.47 -8.00
N ASP B 197 12.28 -35.51 -7.50
CA ASP B 197 10.95 -35.87 -7.97
C ASP B 197 9.88 -35.09 -7.19
N ILE B 198 9.93 -33.76 -7.31
CA ILE B 198 8.96 -32.89 -6.65
C ILE B 198 8.22 -32.04 -7.69
N PRO B 199 7.01 -31.57 -7.35
CA PRO B 199 6.27 -30.71 -8.28
C PRO B 199 7.00 -29.40 -8.56
N ASP B 200 6.64 -28.74 -9.66
CA ASP B 200 7.22 -27.44 -10.00
C ASP B 200 6.89 -26.42 -8.92
N GLN B 201 5.66 -26.48 -8.41
CA GLN B 201 5.21 -25.61 -7.33
C GLN B 201 6.13 -25.70 -6.13
N GLN B 202 6.50 -26.92 -5.77
CA GLN B 202 7.38 -27.16 -4.63
C GLN B 202 8.76 -26.59 -4.89
N GLN B 203 9.25 -26.73 -6.12
CA GLN B 203 10.59 -26.29 -6.48
C GLN B 203 10.73 -24.77 -6.42
N VAL B 204 9.69 -24.06 -6.84
CA VAL B 204 9.69 -22.61 -6.78
C VAL B 204 9.71 -22.16 -5.33
N ALA B 205 8.87 -22.77 -4.51
CA ALA B 205 8.78 -22.46 -3.09
C ALA B 205 10.11 -22.71 -2.39
N CYS B 206 10.77 -23.78 -2.78
CA CYS B 206 12.04 -24.15 -2.16
C CYS B 206 13.18 -23.25 -2.66
N ASN B 207 13.11 -22.82 -3.91
CA ASN B 207 14.08 -21.87 -4.44
C ASN B 207 14.01 -20.56 -3.66
N LEU B 208 12.78 -20.11 -3.39
CA LEU B 208 12.58 -18.89 -2.62
C LEU B 208 13.15 -19.05 -1.22
N SER B 209 13.02 -20.25 -0.66
CA SER B 209 13.58 -20.55 0.66
C SER B 209 15.11 -20.52 0.61
N THR B 210 15.67 -20.97 -0.50
CA THR B 210 17.13 -20.98 -0.67
C THR B 210 17.69 -19.55 -0.70
N VAL B 211 16.98 -18.66 -1.39
CA VAL B 211 17.39 -17.27 -1.44
C VAL B 211 17.34 -16.64 -0.06
N TYR B 212 16.26 -16.90 0.67
CA TYR B 212 16.11 -16.38 2.03
C TYR B 212 17.18 -16.96 2.94
N ARG B 213 17.49 -18.24 2.75
CA ARG B 213 18.48 -18.91 3.56
C ARG B 213 19.88 -18.32 3.35
N ASP B 214 20.18 -18.01 2.09
CA ASP B 214 21.50 -17.50 1.74
C ASP B 214 21.69 -16.04 2.12
N LEU B 215 20.60 -15.28 2.14
CA LEU B 215 20.66 -13.83 2.39
C LEU B 215 20.34 -13.45 3.83
N VAL B 216 19.57 -14.28 4.53
CA VAL B 216 19.13 -13.95 5.89
C VAL B 216 19.61 -14.96 6.93
N ARG B 217 19.15 -16.20 6.84
CA ARG B 217 19.44 -17.22 7.83
C ARG B 217 20.93 -17.47 8.01
N ASN B 218 21.65 -17.65 6.90
CA ASN B 218 23.07 -17.97 6.97
C ASN B 218 23.96 -16.78 6.64
N GLY B 219 23.42 -15.82 5.89
CA GLY B 219 24.15 -14.60 5.59
C GLY B 219 23.98 -13.56 6.69
N VAL B 220 24.39 -13.92 7.91
CA VAL B 220 24.12 -13.10 9.08
C VAL B 220 25.13 -11.98 9.30
N ASP B 221 26.33 -12.16 8.78
CA ASP B 221 27.39 -11.15 8.92
C ASP B 221 28.35 -11.27 7.73
N PRO B 222 29.27 -10.30 7.58
CA PRO B 222 30.14 -10.30 6.40
C PRO B 222 30.94 -11.59 6.22
N THR B 223 31.40 -12.18 7.32
CA THR B 223 32.19 -13.39 7.25
C THR B 223 31.35 -14.54 6.72
N SER B 224 30.09 -14.62 7.14
CA SER B 224 29.21 -15.69 6.74
C SER B 224 28.65 -15.45 5.34
N PHE B 225 28.62 -14.19 4.93
CA PHE B 225 28.08 -13.83 3.61
C PHE B 225 29.18 -13.78 2.54
N PHE B 226 30.20 -12.96 2.78
CA PHE B 226 31.27 -12.78 1.80
C PHE B 226 32.24 -13.96 1.76
N GLY B 227 32.51 -14.55 2.92
CA GLY B 227 33.46 -15.63 3.04
C GLY B 227 34.57 -15.30 4.01
N GLY B 228 35.40 -16.29 4.33
CA GLY B 228 36.45 -16.14 5.33
C GLY B 228 37.59 -15.24 4.90
N LYS B 229 38.39 -14.82 5.86
CA LYS B 229 39.53 -13.96 5.60
C LYS B 229 40.62 -14.70 4.81
N TYR B 230 41.16 -14.02 3.81
CA TYR B 230 42.17 -14.60 2.93
C TYR B 230 43.23 -13.57 2.57
N VAL B 231 44.40 -13.70 3.20
CA VAL B 231 45.50 -12.76 3.01
C VAL B 231 46.71 -13.45 2.38
N ALA B 232 47.69 -12.64 2.00
CA ALA B 232 48.92 -13.15 1.40
C ALA B 232 49.69 -14.01 2.40
N GLY B 233 50.23 -15.13 1.93
CA GLY B 233 50.95 -16.06 2.78
C GLY B 233 50.12 -17.28 3.10
N PRO B 242 39.94 -20.89 4.47
CA PRO B 242 38.99 -19.78 4.65
C PRO B 242 37.55 -20.21 4.38
N SER B 243 36.71 -20.11 5.41
CA SER B 243 35.29 -20.45 5.31
C SER B 243 34.65 -19.89 4.04
N VAL B 244 33.76 -20.67 3.43
CA VAL B 244 33.09 -20.26 2.21
C VAL B 244 31.81 -19.52 2.56
N GLY B 245 31.46 -18.51 1.75
CA GLY B 245 30.28 -17.71 2.00
C GLY B 245 28.99 -18.49 1.81
N SER B 246 27.89 -17.91 2.28
CA SER B 246 26.59 -18.59 2.22
C SER B 246 26.07 -18.68 0.80
N VAL B 247 26.21 -17.60 0.04
CA VAL B 247 25.73 -17.56 -1.33
C VAL B 247 26.59 -18.47 -2.22
N GLU B 248 27.90 -18.30 -2.11
CA GLU B 248 28.84 -19.03 -2.96
C GLU B 248 28.65 -20.53 -2.87
N ALA B 249 28.53 -21.04 -1.64
CA ALA B 249 28.39 -22.48 -1.42
C ALA B 249 26.93 -22.94 -1.52
N GLY B 250 26.03 -22.00 -1.77
CA GLY B 250 24.61 -22.29 -1.85
C GLY B 250 24.08 -22.21 -3.27
N SER B 251 23.23 -21.21 -3.52
CA SER B 251 22.58 -21.05 -4.81
C SER B 251 23.60 -20.89 -5.94
N HIS B 252 24.70 -20.21 -5.67
CA HIS B 252 25.73 -19.98 -6.68
C HIS B 252 26.29 -21.30 -7.23
N THR B 253 26.71 -22.18 -6.33
CA THR B 253 27.27 -23.47 -6.73
C THR B 253 26.21 -24.36 -7.38
N ALA B 254 24.98 -24.27 -6.87
CA ALA B 254 23.90 -25.11 -7.36
C ALA B 254 23.62 -24.89 -8.84
N VAL B 255 23.60 -23.62 -9.25
CA VAL B 255 23.31 -23.26 -10.63
C VAL B 255 24.40 -23.75 -11.58
N HIS B 256 25.66 -23.66 -11.14
CA HIS B 256 26.79 -24.12 -11.95
C HIS B 256 26.64 -25.60 -12.33
N ARG B 257 26.31 -26.43 -11.36
CA ARG B 257 26.21 -27.87 -11.59
C ARG B 257 24.91 -28.22 -12.29
N TRP B 258 23.90 -27.37 -12.14
CA TRP B 258 22.59 -27.63 -12.72
C TRP B 258 22.62 -27.37 -14.23
N VAL B 259 23.44 -26.41 -14.66
CA VAL B 259 23.53 -26.05 -16.08
C VAL B 259 24.57 -26.92 -16.78
N GLY B 260 25.66 -27.24 -16.07
CA GLY B 260 26.72 -28.05 -16.64
C GLY B 260 26.25 -29.37 -17.19
N ASP B 261 26.79 -29.76 -18.34
CA ASP B 261 26.42 -31.00 -19.02
C ASP B 261 27.05 -32.21 -18.31
N PRO B 262 26.22 -33.05 -17.67
CA PRO B 262 26.81 -34.17 -16.91
C PRO B 262 27.46 -35.24 -17.80
N THR B 263 27.24 -35.18 -19.10
CA THR B 263 27.83 -36.14 -20.02
C THR B 263 29.29 -35.80 -20.34
N GLN B 264 29.71 -34.57 -20.03
CA GLN B 264 31.06 -34.13 -20.31
C GLN B 264 32.03 -34.51 -19.18
N PRO B 265 33.33 -34.62 -19.49
CA PRO B 265 34.35 -35.06 -18.53
C PRO B 265 34.32 -34.33 -17.19
N ASN B 266 34.33 -33.00 -17.23
CA ASN B 266 34.33 -32.18 -16.01
C ASN B 266 33.03 -31.40 -15.88
N ASN B 267 31.94 -31.98 -16.37
CA ASN B 267 30.63 -31.34 -16.35
C ASN B 267 30.65 -29.98 -17.04
N GLU B 268 31.47 -29.86 -18.08
CA GLU B 268 31.57 -28.61 -18.84
C GLU B 268 30.22 -28.23 -19.42
N ASP B 269 29.96 -26.93 -19.63
CA ASP B 269 30.93 -25.86 -19.36
C ASP B 269 30.78 -25.29 -17.94
N MET B 270 29.53 -25.11 -17.51
CA MET B 270 29.25 -24.43 -16.24
C MET B 270 29.68 -25.22 -15.01
N GLY B 271 29.78 -26.54 -15.14
CA GLY B 271 30.05 -27.39 -13.99
C GLY B 271 31.44 -27.26 -13.40
N ASN B 272 32.31 -26.49 -14.06
CA ASN B 272 33.68 -26.31 -13.61
C ASN B 272 34.16 -24.87 -13.83
N PHE B 273 35.02 -24.39 -12.94
CA PHE B 273 35.53 -23.02 -13.02
C PHE B 273 36.30 -22.75 -14.29
N TYR B 274 37.10 -23.71 -14.72
CA TYR B 274 38.02 -23.49 -15.83
C TYR B 274 37.29 -23.36 -17.18
N SER B 275 36.06 -23.84 -17.24
CA SER B 275 35.30 -23.87 -18.50
C SER B 275 33.99 -23.09 -18.42
N ALA B 276 33.66 -22.57 -17.25
CA ALA B 276 32.38 -21.90 -17.03
C ALA B 276 32.20 -20.68 -17.94
N GLY B 277 33.30 -19.96 -18.19
CA GLY B 277 33.25 -18.73 -18.96
C GLY B 277 32.90 -18.91 -20.43
N TYR B 278 32.89 -20.15 -20.90
CA TYR B 278 32.57 -20.44 -22.30
C TYR B 278 31.07 -20.48 -22.54
N ASP B 279 30.29 -20.54 -21.46
CA ASP B 279 28.84 -20.47 -21.55
C ASP B 279 28.38 -19.04 -21.28
N PRO B 280 27.72 -18.40 -22.25
CA PRO B 280 27.27 -17.01 -22.05
C PRO B 280 26.41 -16.80 -20.81
N VAL B 281 25.69 -17.84 -20.38
CA VAL B 281 24.79 -17.72 -19.23
C VAL B 281 25.57 -17.56 -17.93
N PHE B 282 26.84 -17.99 -17.95
CA PHE B 282 27.73 -17.87 -16.79
C PHE B 282 27.78 -16.45 -16.25
N TYR B 283 27.98 -15.48 -17.14
CA TYR B 283 28.09 -14.08 -16.74
C TYR B 283 26.74 -13.55 -16.25
N ILE B 284 25.67 -14.11 -16.79
CA ILE B 284 24.33 -13.66 -16.46
C ILE B 284 23.90 -14.24 -15.11
N HIS B 285 24.43 -15.42 -14.80
CA HIS B 285 24.22 -16.02 -13.49
C HIS B 285 24.91 -15.17 -12.43
N HIS B 286 26.15 -14.80 -12.69
CA HIS B 286 26.92 -13.99 -11.75
C HIS B 286 26.41 -12.55 -11.70
N ALA B 287 25.67 -12.14 -12.72
CA ALA B 287 25.06 -10.83 -12.71
C ALA B 287 24.03 -10.75 -11.58
N ASN B 288 23.34 -11.85 -11.33
CA ASN B 288 22.38 -11.91 -10.23
C ASN B 288 23.07 -12.15 -8.89
N VAL B 289 24.15 -12.94 -8.92
CA VAL B 289 24.97 -13.12 -7.72
C VAL B 289 25.50 -11.76 -7.27
N ASP B 290 25.90 -10.95 -8.24
CA ASP B 290 26.35 -9.59 -7.98
C ASP B 290 25.21 -8.78 -7.35
N ARG B 291 23.99 -9.08 -7.78
CA ARG B 291 22.81 -8.39 -7.28
C ARG B 291 22.45 -8.84 -5.86
N MET B 292 22.80 -10.07 -5.51
CA MET B 292 22.57 -10.58 -4.16
C MET B 292 23.34 -9.73 -3.15
N TRP B 293 24.53 -9.31 -3.55
CA TRP B 293 25.35 -8.41 -2.75
C TRP B 293 24.59 -7.10 -2.50
N LYS B 294 24.02 -6.54 -3.55
CA LYS B 294 23.24 -5.31 -3.42
C LYS B 294 22.04 -5.52 -2.51
N LEU B 295 21.30 -6.59 -2.75
CA LEU B 295 20.10 -6.89 -1.97
C LEU B 295 20.44 -7.17 -0.51
N TRP B 296 21.57 -7.85 -0.28
CA TRP B 296 21.98 -8.20 1.07
C TRP B 296 22.19 -6.95 1.92
N LYS B 297 22.64 -5.86 1.29
CA LYS B 297 22.86 -4.61 2.00
C LYS B 297 21.57 -3.80 2.10
N GLU B 298 20.74 -3.89 1.05
CA GLU B 298 19.48 -3.17 1.02
C GLU B 298 18.46 -3.73 2.00
N LEU B 299 18.71 -4.94 2.50
CA LEU B 299 17.84 -5.52 3.52
C LEU B 299 17.89 -4.70 4.81
N ARG B 300 19.03 -4.07 5.05
CA ARG B 300 19.23 -3.21 6.22
C ARG B 300 18.99 -4.00 7.52
N LEU B 301 19.28 -5.29 7.49
CA LEU B 301 19.19 -6.12 8.67
C LEU B 301 20.48 -6.02 9.48
N PRO B 302 20.43 -6.33 10.78
CA PRO B 302 21.65 -6.28 11.60
C PRO B 302 22.74 -7.23 11.10
N GLY B 303 23.96 -6.72 11.02
CA GLY B 303 25.10 -7.50 10.57
C GLY B 303 25.37 -7.37 9.08
N HIS B 304 24.41 -6.83 8.35
CA HIS B 304 24.55 -6.68 6.90
C HIS B 304 25.31 -5.41 6.54
N VAL B 305 26.62 -5.45 6.74
CA VAL B 305 27.50 -4.30 6.46
C VAL B 305 28.66 -4.75 5.59
N ASP B 306 29.33 -3.79 4.95
CA ASP B 306 30.47 -4.09 4.09
C ASP B 306 31.72 -4.36 4.93
N ILE B 307 32.74 -4.96 4.28
CA ILE B 307 34.00 -5.26 4.95
C ILE B 307 34.89 -4.02 5.03
N THR B 308 35.53 -3.83 6.18
CA THR B 308 36.40 -2.69 6.43
C THR B 308 37.84 -3.11 6.70
N ASP B 309 38.10 -4.40 6.70
CA ASP B 309 39.45 -4.92 6.91
C ASP B 309 40.37 -4.42 5.81
N PRO B 310 41.46 -3.71 6.17
CA PRO B 310 42.36 -3.18 5.13
C PRO B 310 42.92 -4.25 4.19
N ASP B 311 43.08 -5.47 4.68
CA ASP B 311 43.61 -6.55 3.87
C ASP B 311 42.64 -6.95 2.76
N TRP B 312 41.37 -6.61 2.93
CA TRP B 312 40.37 -6.85 1.90
C TRP B 312 40.28 -5.65 0.96
N LEU B 313 40.17 -4.47 1.54
CA LEU B 313 40.03 -3.23 0.78
C LEU B 313 41.17 -3.01 -0.22
N ASN B 314 42.38 -3.34 0.21
CA ASN B 314 43.57 -3.10 -0.60
C ASN B 314 43.96 -4.30 -1.46
N ALA B 315 43.18 -5.37 -1.39
CA ALA B 315 43.37 -6.51 -2.29
C ALA B 315 42.99 -6.08 -3.69
N SER B 316 43.73 -6.56 -4.70
CA SER B 316 43.53 -6.10 -6.06
C SER B 316 43.67 -7.20 -7.12
N TYR B 317 43.06 -6.94 -8.27
CA TYR B 317 43.16 -7.83 -9.41
C TYR B 317 43.51 -7.02 -10.66
N VAL B 318 43.81 -7.72 -11.76
CA VAL B 318 44.15 -7.07 -13.02
C VAL B 318 43.24 -7.54 -14.14
N PHE B 319 42.75 -6.60 -14.94
CA PHE B 319 41.87 -6.91 -16.06
C PHE B 319 42.24 -6.09 -17.29
N TYR B 320 41.89 -6.64 -18.46
CA TYR B 320 41.93 -5.88 -19.71
C TYR B 320 40.63 -5.09 -19.83
N ASP B 321 40.73 -3.83 -20.25
CA ASP B 321 39.54 -3.01 -20.46
C ASP B 321 39.18 -2.96 -21.94
N GLU B 322 38.22 -2.12 -22.30
CA GLU B 322 37.74 -2.03 -23.67
C GLU B 322 38.83 -1.53 -24.64
N ASN B 323 39.84 -0.87 -24.10
CA ASN B 323 40.93 -0.31 -24.90
C ASN B 323 42.17 -1.20 -24.91
N LYS B 324 41.98 -2.47 -24.54
CA LYS B 324 43.09 -3.42 -24.44
C LYS B 324 44.17 -2.96 -23.46
N ASP B 325 43.81 -2.08 -22.53
CA ASP B 325 44.73 -1.63 -21.49
C ASP B 325 44.59 -2.49 -20.24
N LEU B 326 45.73 -2.80 -19.61
CA LEU B 326 45.74 -3.52 -18.35
C LEU B 326 45.42 -2.57 -17.21
N VAL B 327 44.40 -2.89 -16.42
CA VAL B 327 43.96 -2.04 -15.32
C VAL B 327 43.97 -2.81 -14.00
N ARG B 328 44.60 -2.23 -12.98
CA ARG B 328 44.56 -2.80 -11.64
C ARG B 328 43.43 -2.18 -10.84
N VAL B 329 42.58 -3.02 -10.26
CA VAL B 329 41.43 -2.57 -9.49
C VAL B 329 41.48 -3.12 -8.07
N TYR B 330 40.94 -2.35 -7.12
CA TYR B 330 40.92 -2.75 -5.70
C TYR B 330 39.49 -3.00 -5.23
N ASN B 331 39.34 -3.88 -4.23
CA ASN B 331 38.03 -4.19 -3.67
C ASN B 331 37.31 -2.97 -3.11
N LYS B 332 38.08 -2.04 -2.56
CA LYS B 332 37.50 -0.86 -1.94
C LYS B 332 36.69 -0.02 -2.93
N ASP B 333 37.03 -0.14 -4.21
CA ASP B 333 36.45 0.74 -5.23
C ASP B 333 35.22 0.16 -5.93
N CYS B 334 34.78 -1.03 -5.51
CA CYS B 334 33.62 -1.67 -6.13
C CYS B 334 32.45 -1.83 -5.17
N VAL B 335 32.60 -1.29 -3.96
CA VAL B 335 31.54 -1.40 -2.97
C VAL B 335 30.33 -0.57 -3.35
N ASN B 336 30.57 0.54 -4.05
CA ASN B 336 29.49 1.45 -4.46
C ASN B 336 29.13 1.26 -5.93
N LEU B 337 27.90 0.83 -6.18
CA LEU B 337 27.43 0.60 -7.55
C LEU B 337 27.25 1.92 -8.31
N ASP B 338 26.90 2.97 -7.58
CA ASP B 338 26.68 4.27 -8.19
C ASP B 338 27.97 4.80 -8.82
N LYS B 339 29.10 4.53 -8.17
CA LYS B 339 30.39 4.96 -8.66
C LYS B 339 30.83 4.18 -9.89
N LEU B 340 30.45 2.91 -9.95
CA LEU B 340 30.76 2.08 -11.11
C LEU B 340 29.76 2.29 -12.25
N LYS B 341 28.77 3.14 -12.00
CA LYS B 341 27.81 3.55 -13.03
C LYS B 341 27.01 2.38 -13.61
N TYR B 342 26.45 1.55 -12.73
CA TYR B 342 25.48 0.54 -13.16
C TYR B 342 24.63 0.08 -11.99
N ASN B 343 23.47 -0.49 -12.29
CA ASN B 343 22.58 -1.03 -11.28
C ASN B 343 21.61 -2.05 -11.89
N PHE B 344 20.60 -2.45 -11.11
CA PHE B 344 19.65 -3.47 -11.55
C PHE B 344 18.22 -2.95 -11.54
N ILE B 345 17.45 -3.37 -12.55
CA ILE B 345 16.04 -3.03 -12.64
C ILE B 345 15.22 -3.94 -11.74
N GLU B 346 14.65 -3.36 -10.69
CA GLU B 346 13.85 -4.11 -9.72
C GLU B 346 12.36 -3.94 -10.01
N ASN B 347 11.54 -4.79 -9.40
CA ASN B 347 10.08 -4.69 -9.54
C ASN B 347 9.52 -3.50 -8.77
N SER B 348 8.87 -2.58 -9.48
CA SER B 348 8.26 -1.42 -8.85
C SER B 348 7.03 -1.86 -8.05
N LYS B 349 7.27 -2.41 -6.87
CA LYS B 349 6.20 -2.90 -6.01
C LYS B 349 6.66 -2.99 -4.57
N VAL B 351 7.49 -5.91 -3.27
CA VAL B 351 8.26 -6.68 -2.31
C VAL B 351 8.74 -7.99 -2.94
N PHE B 352 9.99 -8.35 -2.66
CA PHE B 352 10.58 -9.56 -3.23
C PHE B 352 9.88 -10.80 -2.69
N PRO B 353 9.62 -11.78 -3.58
CA PRO B 353 8.84 -12.96 -3.21
C PRO B 353 9.55 -13.90 -2.25
N TRP B 354 10.85 -13.66 -2.02
CA TRP B 354 11.65 -14.51 -1.13
C TRP B 354 11.85 -13.87 0.24
N ARG B 355 11.38 -12.62 0.38
CA ARG B 355 11.63 -11.87 1.60
C ARG B 355 11.04 -12.53 2.83
N ASN B 356 9.89 -13.19 2.65
CA ASN B 356 9.20 -13.84 3.75
C ASN B 356 9.11 -15.35 3.54
N SER B 357 10.13 -15.92 2.91
CA SER B 357 10.18 -17.34 2.64
C SER B 357 11.00 -18.07 3.69
N ARG B 358 10.86 -17.63 4.94
CA ARG B 358 11.42 -18.35 6.07
C ARG B 358 10.67 -19.67 6.21
N PRO B 359 11.38 -20.77 6.52
CA PRO B 359 10.69 -22.06 6.63
C PRO B 359 9.53 -22.00 7.63
N PRO B 360 8.43 -22.73 7.34
CA PRO B 360 7.29 -22.68 8.25
C PRO B 360 7.61 -23.25 9.62
N GLN B 361 7.00 -22.67 10.66
CA GLN B 361 7.19 -23.13 12.03
C GLN B 361 6.80 -24.60 12.18
N ARG B 362 7.68 -25.38 12.79
CA ARG B 362 7.40 -26.79 13.04
C ARG B 362 6.44 -26.93 14.22
N ARG B 363 5.38 -27.71 14.03
CA ARG B 363 4.43 -27.98 15.11
C ARG B 363 5.01 -28.97 16.11
N LYS B 364 4.81 -28.68 17.39
CA LYS B 364 5.25 -29.55 18.47
C LYS B 364 4.54 -30.90 18.39
N SER B 365 3.34 -30.90 17.82
CA SER B 365 2.56 -32.12 17.67
C SER B 365 3.17 -33.04 16.60
N ALA B 366 4.09 -32.49 15.81
CA ALA B 366 4.76 -33.26 14.76
C ALA B 366 6.13 -33.77 15.20
N GLN B 367 6.55 -33.40 16.41
CA GLN B 367 7.86 -33.78 16.92
C GLN B 367 7.80 -34.78 18.08
N VAL B 368 8.84 -35.60 18.19
CA VAL B 368 9.00 -36.49 19.33
C VAL B 368 9.95 -35.88 20.35
N ALA B 369 10.15 -36.57 21.46
CA ALA B 369 11.09 -36.13 22.49
C ALA B 369 12.49 -36.60 22.13
N THR B 370 13.41 -35.65 22.01
CA THR B 370 14.79 -35.94 21.61
C THR B 370 14.86 -36.90 20.42
N ASP B 373 19.23 -41.49 21.29
CA ASP B 373 20.55 -41.84 21.78
C ASP B 373 21.63 -41.45 20.77
N VAL B 374 22.15 -40.23 20.91
CA VAL B 374 23.18 -39.71 20.02
C VAL B 374 24.39 -39.26 20.82
N LYS B 375 25.57 -39.65 20.38
CA LYS B 375 26.81 -39.29 21.07
C LYS B 375 27.11 -37.79 20.91
N THR B 376 27.77 -37.22 21.90
CA THR B 376 28.15 -35.81 21.87
C THR B 376 29.50 -35.65 21.19
N VAL B 377 29.89 -34.40 20.96
CA VAL B 377 31.17 -34.10 20.33
C VAL B 377 32.31 -34.60 21.22
N GLU B 378 32.12 -34.47 22.53
CA GLU B 378 33.13 -34.89 23.50
C GLU B 378 33.28 -36.41 23.51
N GLN B 379 32.22 -37.12 23.11
CA GLN B 379 32.23 -38.57 23.09
C GLN B 379 32.65 -39.12 21.72
N THR B 380 32.85 -38.24 20.76
CA THR B 380 33.19 -38.63 19.39
C THR B 380 34.65 -38.33 19.09
N LYS B 381 35.32 -39.27 18.43
CA LYS B 381 36.72 -39.10 18.05
C LYS B 381 36.84 -38.41 16.69
N PHE B 382 37.37 -37.19 16.70
CA PHE B 382 37.59 -36.42 15.47
C PHE B 382 39.04 -36.57 15.02
N PRO B 383 39.30 -36.39 13.71
CA PRO B 383 38.33 -36.08 12.65
C PRO B 383 37.41 -37.24 12.32
N VAL B 384 36.22 -36.92 11.82
CA VAL B 384 35.24 -37.93 11.45
C VAL B 384 35.07 -38.02 9.93
N ARG B 385 34.84 -39.25 9.45
CA ARG B 385 34.69 -39.52 8.04
C ARG B 385 33.22 -39.48 7.62
N LEU B 386 32.93 -38.80 6.52
CA LEU B 386 31.55 -38.64 6.05
C LEU B 386 31.20 -39.73 5.04
N ASN B 387 31.61 -40.95 5.34
CA ASN B 387 31.24 -42.12 4.56
C ASN B 387 29.92 -42.70 5.03
N GLN B 388 29.17 -41.89 5.80
CA GLN B 388 27.86 -42.30 6.30
C GLN B 388 27.08 -41.10 6.79
N ILE B 389 25.80 -41.31 7.07
CA ILE B 389 24.98 -40.28 7.69
C ILE B 389 25.59 -40.10 9.06
N PHE B 390 25.93 -38.87 9.42
CA PHE B 390 26.60 -38.60 10.68
C PHE B 390 25.74 -37.72 11.59
N LYS B 391 25.49 -38.21 12.80
CA LYS B 391 24.73 -37.48 13.80
C LYS B 391 25.60 -37.24 15.03
N VAL B 392 25.46 -36.05 15.61
CA VAL B 392 26.19 -35.72 16.83
C VAL B 392 25.51 -34.57 17.56
N ARG B 393 25.47 -34.66 18.87
CA ARG B 393 24.90 -33.59 19.69
C ARG B 393 25.99 -32.57 19.97
N VAL B 394 25.70 -31.30 19.68
CA VAL B 394 26.68 -30.24 19.85
C VAL B 394 26.21 -29.31 20.96
N LYS B 395 27.11 -29.06 21.90
CA LYS B 395 26.80 -28.20 23.05
C LYS B 395 26.69 -26.74 22.62
N ARG B 396 25.55 -26.14 22.93
CA ARG B 396 25.33 -24.72 22.63
C ARG B 396 25.99 -23.83 23.67
N PRO B 397 26.30 -22.58 23.28
CA PRO B 397 26.90 -21.63 24.22
C PRO B 397 25.88 -21.07 25.22
N ALA B 398 24.59 -21.23 24.91
CA ALA B 398 23.53 -20.74 25.77
C ALA B 398 22.17 -21.30 25.37
N VAL B 399 21.17 -21.07 26.21
CA VAL B 399 19.80 -21.49 25.94
C VAL B 399 18.84 -20.37 26.34
N ASN B 400 17.66 -20.36 25.74
CA ASN B 400 16.62 -19.38 26.07
C ASN B 400 17.15 -17.94 26.00
N ARG B 401 17.88 -17.62 24.95
CA ARG B 401 18.40 -16.26 24.78
C ARG B 401 17.26 -15.29 24.51
N THR B 402 17.34 -14.12 25.13
CA THR B 402 16.32 -13.10 24.99
C THR B 402 16.34 -12.49 23.58
N GLU B 403 15.31 -11.72 23.26
CA GLU B 403 15.24 -11.06 21.96
C GLU B 403 16.35 -10.04 21.79
N GLU B 404 16.74 -9.41 22.90
CA GLU B 404 17.81 -8.41 22.87
C GLU B 404 19.16 -9.05 22.58
N GLU B 405 19.40 -10.22 23.16
CA GLU B 405 20.65 -10.93 22.95
C GLU B 405 20.78 -11.41 21.51
N LYS B 406 19.67 -11.86 20.93
CA LYS B 406 19.68 -12.36 19.56
C LYS B 406 19.90 -11.24 18.54
N ASP B 407 19.56 -10.01 18.93
CA ASP B 407 19.77 -8.85 18.05
C ASP B 407 21.21 -8.34 18.16
N GLN B 408 21.97 -8.90 19.11
CA GLN B 408 23.34 -8.48 19.35
C GLN B 408 24.36 -9.54 18.94
N ALA B 409 23.92 -10.79 18.85
CA ALA B 409 24.83 -11.88 18.50
C ALA B 409 24.09 -13.04 17.82
N ASN B 410 24.75 -13.64 16.84
CA ASN B 410 24.23 -14.81 16.14
C ASN B 410 24.81 -16.10 16.69
N GLU B 411 23.93 -17.08 16.93
CA GLU B 411 24.36 -18.41 17.30
C GLU B 411 24.69 -19.19 16.03
N VAL B 412 25.98 -19.42 15.80
CA VAL B 412 26.45 -19.95 14.53
C VAL B 412 27.04 -21.35 14.67
N LEU B 413 26.54 -22.29 13.88
CA LEU B 413 27.09 -23.63 13.81
C LEU B 413 28.30 -23.64 12.89
N LEU B 414 29.45 -24.04 13.43
CA LEU B 414 30.70 -24.07 12.68
C LEU B 414 31.17 -25.49 12.42
N ILE B 415 31.31 -25.84 11.14
CA ILE B 415 31.91 -27.12 10.76
C ILE B 415 33.28 -26.81 10.17
N LYS B 416 34.32 -27.02 10.97
CA LYS B 416 35.68 -26.61 10.62
C LYS B 416 36.55 -27.79 10.20
N LYS B 417 37.68 -27.47 9.57
CA LYS B 417 38.64 -28.47 9.13
C LYS B 417 37.99 -29.49 8.21
N ILE B 418 37.22 -29.00 7.24
CA ILE B 418 36.59 -29.86 6.25
C ILE B 418 37.59 -30.19 5.14
N LYS B 419 38.23 -31.35 5.26
CA LYS B 419 39.22 -31.78 4.29
C LYS B 419 38.57 -32.68 3.25
N TYR B 420 38.92 -32.48 1.98
CA TYR B 420 38.29 -33.19 0.89
C TYR B 420 39.09 -33.05 -0.40
N ASP B 421 38.92 -34.00 -1.31
CA ASP B 421 39.51 -33.90 -2.64
C ASP B 421 38.72 -32.91 -3.47
N SER B 422 39.34 -31.78 -3.81
CA SER B 422 38.66 -30.74 -4.57
C SER B 422 38.82 -30.97 -6.07
N GLY B 423 39.13 -32.21 -6.45
CA GLY B 423 39.19 -32.60 -7.84
C GLY B 423 37.81 -32.84 -8.42
N LYS B 424 36.86 -33.14 -7.53
CA LYS B 424 35.48 -33.40 -7.92
C LYS B 424 34.49 -32.54 -7.15
N PHE B 425 33.25 -32.54 -7.60
CA PHE B 425 32.19 -31.79 -6.93
C PHE B 425 31.80 -32.46 -5.62
N VAL B 426 31.77 -31.68 -4.55
CA VAL B 426 31.48 -32.19 -3.22
C VAL B 426 30.28 -31.49 -2.61
N LYS B 427 29.40 -32.25 -1.97
CA LYS B 427 28.30 -31.66 -1.22
C LYS B 427 27.72 -32.59 -0.16
N PHE B 428 27.43 -32.02 1.00
CA PHE B 428 26.69 -32.71 2.04
C PHE B 428 25.71 -31.72 2.66
N ASP B 429 24.55 -32.21 3.10
CA ASP B 429 23.54 -31.36 3.69
C ASP B 429 23.64 -31.38 5.22
N VAL B 430 23.17 -30.30 5.83
CA VAL B 430 23.20 -30.15 7.27
C VAL B 430 21.78 -29.97 7.81
N PHE B 431 21.37 -30.90 8.67
CA PHE B 431 20.08 -30.81 9.34
C PHE B 431 20.30 -30.64 10.83
N VAL B 432 19.48 -29.78 11.44
CA VAL B 432 19.63 -29.44 12.85
C VAL B 432 18.33 -29.67 13.61
N ASN B 433 18.44 -30.42 14.70
CA ASN B 433 17.30 -30.73 15.57
C ASN B 433 16.15 -31.37 14.80
N ASP B 434 16.47 -32.37 13.99
CA ASP B 434 15.45 -33.18 13.33
C ASP B 434 14.93 -34.23 14.31
N LYS B 435 13.67 -34.09 14.70
CA LYS B 435 13.03 -35.02 15.60
C LYS B 435 11.55 -35.15 15.29
N LEU B 436 11.25 -35.37 14.01
CA LEU B 436 9.87 -35.52 13.55
C LEU B 436 9.34 -36.91 13.87
N LYS B 437 8.03 -36.99 14.09
CA LYS B 437 7.36 -38.27 14.28
C LYS B 437 7.38 -39.04 12.97
N ASP B 438 7.10 -40.34 13.04
CA ASP B 438 7.01 -41.17 11.85
C ASP B 438 5.74 -40.82 11.08
N GLY B 439 5.88 -40.62 9.77
CA GLY B 439 4.74 -40.33 8.91
C GLY B 439 4.51 -38.85 8.69
N VAL B 440 5.39 -38.01 9.25
CA VAL B 440 5.28 -36.57 9.07
C VAL B 440 5.78 -36.17 7.69
N PHE B 441 4.97 -35.39 6.97
CA PHE B 441 5.33 -34.95 5.63
C PHE B 441 6.51 -33.98 5.66
N THR B 442 7.48 -34.24 4.78
CA THR B 442 8.69 -33.43 4.71
C THR B 442 8.85 -32.79 3.33
N THR B 443 9.56 -31.66 3.29
CA THR B 443 9.89 -30.98 2.05
C THR B 443 11.38 -30.70 2.01
N PRO B 444 11.91 -30.39 0.81
CA PRO B 444 13.34 -30.07 0.72
C PRO B 444 13.71 -28.75 1.39
N CYS B 445 12.70 -28.01 1.86
CA CYS B 445 12.92 -26.71 2.49
C CYS B 445 12.27 -26.63 3.87
N ASP B 446 12.47 -27.68 4.67
CA ASP B 446 11.96 -27.72 6.03
C ASP B 446 12.81 -26.87 6.98
N PRO B 447 12.26 -26.51 8.14
CA PRO B 447 13.01 -25.69 9.11
C PRO B 447 14.24 -26.39 9.67
N GLU B 448 14.22 -27.73 9.69
CA GLU B 448 15.35 -28.49 10.19
C GLU B 448 16.56 -28.36 9.29
N TYR B 449 16.32 -28.03 8.02
CA TYR B 449 17.40 -27.90 7.04
C TYR B 449 18.17 -26.59 7.21
N ALA B 450 19.42 -26.70 7.64
CA ALA B 450 20.25 -25.53 7.88
C ALA B 450 20.93 -25.05 6.60
N GLY B 451 20.93 -25.92 5.58
CA GLY B 451 21.62 -25.65 4.34
C GLY B 451 22.66 -26.72 4.09
N GLY B 452 23.63 -26.41 3.23
CA GLY B 452 24.67 -27.37 2.90
C GLY B 452 26.00 -26.72 2.59
N PHE B 453 27.02 -27.56 2.43
CA PHE B 453 28.33 -27.13 2.02
C PHE B 453 28.64 -27.75 0.66
N ALA B 454 28.61 -26.93 -0.38
CA ALA B 454 28.83 -27.39 -1.75
C ALA B 454 30.10 -26.78 -2.33
N GLN B 455 30.85 -27.58 -3.08
CA GLN B 455 32.14 -27.15 -3.61
C GLN B 455 32.35 -27.56 -5.07
N ILE B 456 32.47 -26.55 -5.94
CA ILE B 456 32.92 -26.77 -7.31
C ILE B 456 34.40 -27.14 -7.24
N PRO B 457 34.87 -28.04 -8.12
CA PRO B 457 36.28 -28.47 -8.02
C PRO B 457 37.28 -27.31 -8.04
N HIS B 458 38.12 -27.24 -7.02
CA HIS B 458 39.14 -26.19 -6.91
C HIS B 458 40.40 -26.70 -6.23
N MET B 466 41.97 -29.66 -0.66
CA MET B 466 41.67 -28.34 -0.14
C MET B 466 40.90 -28.44 1.18
N THR B 467 41.10 -27.46 2.05
CA THR B 467 40.43 -27.44 3.36
C THR B 467 39.53 -26.22 3.48
N SER B 468 38.33 -26.42 4.03
CA SER B 468 37.34 -25.35 4.13
C SER B 468 36.55 -25.41 5.43
N THR B 469 35.66 -24.43 5.61
CA THR B 469 34.82 -24.32 6.79
C THR B 469 33.45 -23.80 6.39
N ALA B 470 32.41 -24.28 7.09
CA ALA B 470 31.04 -23.86 6.80
C ALA B 470 30.40 -23.24 8.03
N ARG B 471 29.55 -22.25 7.81
CA ARG B 471 28.91 -21.51 8.89
C ARG B 471 27.40 -21.45 8.69
N PHE B 472 26.64 -21.87 9.69
CA PHE B 472 25.18 -21.85 9.62
C PHE B 472 24.58 -21.11 10.81
N GLY B 473 23.69 -20.17 10.52
CA GLY B 473 23.00 -19.42 11.55
C GLY B 473 21.87 -20.23 12.15
N LEU B 474 21.73 -20.15 13.47
CA LEU B 474 20.73 -20.95 14.19
C LEU B 474 19.69 -20.10 14.92
N ASN B 475 19.81 -18.78 14.86
CA ASN B 475 18.90 -17.90 15.56
C ASN B 475 17.45 -18.17 15.18
N GLU B 476 17.19 -18.31 13.88
CA GLU B 476 15.85 -18.60 13.39
C GLU B 476 15.55 -20.09 13.45
N LEU B 477 16.55 -20.91 13.13
CA LEU B 477 16.36 -22.36 13.06
C LEU B 477 15.92 -22.94 14.40
N LEU B 478 16.60 -22.53 15.47
CA LEU B 478 16.28 -23.04 16.80
C LEU B 478 14.86 -22.68 17.20
N GLU B 479 14.42 -21.50 16.80
CA GLU B 479 13.04 -21.09 17.04
C GLU B 479 12.09 -21.93 16.20
N ASP B 480 12.42 -22.09 14.92
CA ASP B 480 11.56 -22.80 13.99
C ASP B 480 11.39 -24.28 14.36
N THR B 481 12.32 -24.81 15.16
CA THR B 481 12.31 -26.22 15.55
C THR B 481 11.89 -26.41 17.01
N ASN B 482 11.59 -25.31 17.70
CA ASN B 482 11.18 -25.36 19.10
C ASN B 482 12.25 -25.99 20.00
N THR B 483 13.50 -25.58 19.80
CA THR B 483 14.62 -26.12 20.57
C THR B 483 15.49 -24.99 21.10
N GLU B 484 14.90 -23.81 21.28
CA GLU B 484 15.62 -22.66 21.80
C GLU B 484 16.03 -22.90 23.26
N GLY B 485 15.37 -23.83 23.93
CA GLY B 485 15.63 -24.10 25.33
C GLY B 485 16.56 -25.28 25.56
N GLU B 486 16.82 -26.06 24.52
CA GLU B 486 17.62 -27.26 24.66
C GLU B 486 19.12 -26.94 24.58
N GLU B 487 19.90 -27.53 25.49
CA GLU B 487 21.32 -27.24 25.59
C GLU B 487 22.12 -27.82 24.44
N TYR B 488 21.70 -28.99 23.97
CA TYR B 488 22.37 -29.65 22.86
C TYR B 488 21.58 -29.49 21.58
N ALA B 489 22.30 -29.32 20.48
CA ALA B 489 21.72 -29.30 19.15
C ALA B 489 22.19 -30.52 18.39
N THR B 490 21.26 -31.36 17.97
CA THR B 490 21.60 -32.55 17.21
C THR B 490 21.85 -32.14 15.76
N VAL B 491 23.11 -32.23 15.34
CA VAL B 491 23.50 -31.90 13.97
C VAL B 491 23.64 -33.18 13.15
N THR B 492 22.91 -33.22 12.03
CA THR B 492 22.98 -34.36 11.12
C THR B 492 23.64 -33.95 9.81
N LEU B 493 24.77 -34.60 9.50
CA LEU B 493 25.46 -34.36 8.23
C LEU B 493 25.17 -35.49 7.26
N VAL B 494 24.53 -35.14 6.15
CA VAL B 494 24.12 -36.12 5.13
C VAL B 494 24.92 -35.90 3.85
N PRO B 495 25.82 -36.83 3.51
CA PRO B 495 26.59 -36.68 2.27
C PRO B 495 25.74 -36.88 1.01
N ARG B 496 26.02 -36.08 -0.02
CA ARG B 496 25.28 -36.14 -1.28
C ARG B 496 26.21 -36.61 -2.39
N THR B 497 27.42 -36.05 -2.40
CA THR B 497 28.41 -36.40 -3.40
C THR B 497 29.80 -35.95 -2.93
N GLY B 498 30.81 -36.75 -3.25
CA GLY B 498 32.18 -36.44 -2.88
C GLY B 498 32.40 -36.50 -1.38
N ASP B 501 35.86 -39.47 0.48
CA ASP B 501 37.16 -39.14 1.05
C ASP B 501 37.08 -37.92 1.96
N LEU B 502 35.87 -37.40 2.13
CA LEU B 502 35.65 -36.18 2.93
C LEU B 502 35.77 -36.46 4.42
N THR B 503 36.38 -35.53 5.15
CA THR B 503 36.50 -35.63 6.59
C THR B 503 36.18 -34.29 7.26
N VAL B 504 35.64 -34.36 8.48
CA VAL B 504 35.35 -33.17 9.28
C VAL B 504 36.20 -33.19 10.54
N GLY B 505 36.90 -32.08 10.80
CA GLY B 505 37.84 -32.01 11.90
C GLY B 505 37.27 -31.50 13.21
N GLU B 506 36.28 -30.60 13.12
CA GLU B 506 35.72 -29.97 14.31
C GLU B 506 34.29 -29.48 14.09
N ILE B 507 33.46 -29.63 15.12
CA ILE B 507 32.09 -29.12 15.08
C ILE B 507 31.79 -28.41 16.38
N LYS B 508 31.28 -27.18 16.29
CA LYS B 508 30.95 -26.42 17.48
C LYS B 508 29.99 -25.26 17.18
N ILE B 509 29.25 -24.85 18.20
CA ILE B 509 28.36 -23.70 18.12
C ILE B 509 28.92 -22.57 18.98
N GLU B 510 28.97 -21.37 18.40
CA GLU B 510 29.50 -20.20 19.11
C GLU B 510 28.64 -18.97 18.87
N LEU B 511 28.64 -18.06 19.83
CA LEU B 511 27.96 -16.78 19.68
C LEU B 511 28.87 -15.78 18.98
N VAL B 512 28.46 -15.34 17.80
CA VAL B 512 29.22 -14.37 17.04
C VAL B 512 28.56 -12.99 17.16
N PRO B 513 29.28 -12.00 17.75
CA PRO B 513 28.70 -10.65 17.86
C PRO B 513 28.42 -10.01 16.51
N ILE B 514 27.27 -9.36 16.39
CA ILE B 514 26.87 -8.71 15.15
C ILE B 514 27.59 -7.37 14.95
N PRO B 515 28.36 -7.24 13.85
CA PRO B 515 29.04 -5.95 13.59
C PRO B 515 28.05 -4.87 13.18
N LYS B 516 28.32 -3.63 13.57
CA LYS B 516 27.43 -2.51 13.27
C LYS B 516 28.24 -1.27 12.91
N ALA C 1 -46.89 23.99 -13.49
CA ALA C 1 -47.37 22.91 -12.57
C ALA C 1 -46.37 22.69 -11.44
N PRO C 2 -46.30 23.64 -10.50
CA PRO C 2 -45.34 23.57 -9.40
C PRO C 2 -45.70 22.50 -8.39
N ILE C 3 -44.69 21.88 -7.77
CA ILE C 3 -44.93 20.94 -6.70
C ILE C 3 -45.59 21.68 -5.55
N THR C 4 -46.71 21.15 -5.07
CA THR C 4 -47.49 21.80 -4.02
C THR C 4 -47.82 20.81 -2.91
N ALA C 5 -47.34 21.09 -1.71
CA ALA C 5 -47.64 20.25 -0.56
C ALA C 5 -49.14 20.30 -0.28
N PRO C 6 -49.77 19.14 -0.02
CA PRO C 6 -51.21 19.14 0.24
C PRO C 6 -51.55 19.58 1.65
N ASP C 7 -52.80 19.42 2.06
CA ASP C 7 -53.18 19.60 3.45
C ASP C 7 -52.52 18.50 4.27
N ILE C 8 -51.35 18.80 4.82
CA ILE C 8 -50.52 17.81 5.49
C ILE C 8 -51.20 17.16 6.70
N THR C 9 -52.22 17.82 7.24
CA THR C 9 -52.94 17.27 8.39
C THR C 9 -54.10 16.37 7.95
N SER C 10 -54.45 16.44 6.67
CA SER C 10 -55.55 15.64 6.13
C SER C 10 -55.02 14.47 5.30
N ILE C 11 -54.19 14.77 4.31
CA ILE C 11 -53.64 13.76 3.41
C ILE C 11 -52.20 13.44 3.77
N CYS C 12 -51.98 12.27 4.38
CA CYS C 12 -50.65 11.84 4.76
C CYS C 12 -50.62 10.33 4.99
N LYS C 13 -49.45 9.73 4.83
CA LYS C 13 -49.26 8.30 5.01
C LYS C 13 -47.91 8.02 5.66
N ASP C 14 -47.78 6.84 6.26
CA ASP C 14 -46.53 6.44 6.91
C ASP C 14 -45.39 6.38 5.90
N ALA C 15 -44.19 6.76 6.35
CA ALA C 15 -43.01 6.76 5.50
C ALA C 15 -42.70 5.35 5.01
N SER C 16 -42.59 5.20 3.69
CA SER C 16 -42.32 3.90 3.09
C SER C 16 -41.22 3.97 2.03
N SER C 17 -40.51 5.10 2.00
CA SER C 17 -39.46 5.32 1.00
C SER C 17 -38.14 5.69 1.66
N GLY C 18 -37.04 5.22 1.06
CA GLY C 18 -35.72 5.57 1.53
C GLY C 18 -35.31 4.88 2.82
N ILE C 19 -36.00 3.79 3.15
CA ILE C 19 -35.71 3.03 4.36
C ILE C 19 -35.48 1.55 4.01
N GLY C 20 -34.20 1.17 3.94
CA GLY C 20 -33.82 -0.18 3.54
C GLY C 20 -34.33 -1.25 4.48
N ASN C 21 -34.28 -0.98 5.78
CA ASN C 21 -34.71 -1.94 6.79
C ASN C 21 -35.81 -1.35 7.67
N GLN C 22 -37.06 -1.53 7.24
CA GLN C 22 -38.21 -0.99 7.96
C GLN C 22 -38.59 -1.80 9.20
N GLU C 23 -38.34 -3.11 9.16
CA GLU C 23 -38.68 -3.98 10.28
C GLU C 23 -37.80 -3.71 11.50
N GLY C 24 -36.55 -3.36 11.25
CA GLY C 24 -35.60 -3.07 12.31
C GLY C 24 -35.41 -1.58 12.55
N ALA C 25 -36.24 -0.76 11.91
CA ALA C 25 -36.16 0.68 12.02
C ALA C 25 -36.23 1.16 13.48
N ILE C 26 -35.17 1.84 13.91
CA ILE C 26 -35.04 2.28 15.29
C ILE C 26 -36.01 3.40 15.61
N ARG C 27 -36.29 4.24 14.61
CA ARG C 27 -37.24 5.34 14.75
C ARG C 27 -38.57 4.98 14.11
N THR C 28 -39.58 5.80 14.37
CA THR C 28 -40.93 5.55 13.85
C THR C 28 -41.05 5.97 12.39
N ARG C 29 -41.94 5.30 11.67
CA ARG C 29 -42.23 5.66 10.28
C ARG C 29 -43.52 6.48 10.20
N LYS C 30 -44.19 6.63 11.34
CA LYS C 30 -45.38 7.44 11.42
C LYS C 30 -45.00 8.90 11.60
N CYS C 31 -44.62 9.54 10.49
CA CYS C 31 -44.07 10.89 10.51
C CYS C 31 -45.12 11.95 10.22
N CYS C 32 -46.39 11.57 10.22
CA CYS C 32 -47.46 12.51 9.94
C CYS C 32 -47.59 13.54 11.06
N PRO C 33 -47.91 14.80 10.70
CA PRO C 33 -47.97 15.87 11.71
C PRO C 33 -49.27 15.87 12.50
N PRO C 34 -49.28 16.51 13.68
CA PRO C 34 -50.50 16.59 14.50
C PRO C 34 -51.64 17.33 13.80
N SER C 35 -52.87 16.88 14.03
CA SER C 35 -54.05 17.55 13.50
C SER C 35 -54.73 18.37 14.59
N LEU C 36 -54.46 19.68 14.59
CA LEU C 36 -55.00 20.57 15.60
C LEU C 36 -56.18 21.39 15.08
N GLY C 37 -56.70 20.99 13.93
CA GLY C 37 -57.85 21.67 13.34
C GLY C 37 -57.56 23.09 12.92
N LYS C 38 -56.33 23.36 12.52
CA LYS C 38 -55.93 24.69 12.06
C LYS C 38 -56.16 24.85 10.56
N LYS C 39 -56.49 26.08 10.14
CA LYS C 39 -56.61 26.40 8.72
C LYS C 39 -55.28 26.91 8.18
N ILE C 40 -54.88 26.39 7.02
CA ILE C 40 -53.60 26.78 6.43
C ILE C 40 -53.62 28.23 5.95
N LYS C 41 -52.83 29.07 6.61
CA LYS C 41 -52.72 30.48 6.25
C LYS C 41 -51.51 30.72 5.35
N ASP C 42 -51.56 31.77 4.54
CA ASP C 42 -50.43 32.15 3.70
C ASP C 42 -49.36 32.83 4.54
N PHE C 43 -48.10 32.65 4.14
CA PHE C 43 -46.97 33.20 4.89
C PHE C 43 -46.91 34.73 4.81
N GLN C 44 -46.45 35.34 5.90
CA GLN C 44 -46.21 36.77 5.96
C GLN C 44 -44.82 37.03 6.50
N PHE C 45 -44.08 37.91 5.84
CA PHE C 45 -42.69 38.18 6.22
C PHE C 45 -42.59 38.70 7.64
N PRO C 46 -41.54 38.29 8.38
CA PRO C 46 -41.39 38.73 9.76
C PRO C 46 -41.05 40.22 9.85
N ASN C 47 -41.56 40.88 10.89
CA ASN C 47 -41.28 42.29 11.13
C ASN C 47 -40.28 42.47 12.27
N ASP C 48 -39.38 41.50 12.40
CA ASP C 48 -38.38 41.51 13.46
C ASP C 48 -37.51 42.76 13.43
N LYS C 49 -37.18 43.26 14.61
CA LYS C 49 -36.37 44.47 14.72
C LYS C 49 -34.91 44.19 14.39
N LYS C 50 -34.33 43.18 15.04
CA LYS C 50 -32.94 42.81 14.81
C LYS C 50 -32.84 41.58 13.91
N VAL C 51 -31.68 41.41 13.28
CA VAL C 51 -31.42 40.28 12.40
C VAL C 51 -30.74 39.14 13.16
N ARG C 52 -31.31 37.94 13.05
CA ARG C 52 -30.76 36.76 13.70
C ARG C 52 -29.41 36.41 13.10
N MET C 53 -28.35 36.49 13.90
CA MET C 53 -27.00 36.20 13.41
C MET C 53 -26.58 34.78 13.78
N ARG C 54 -26.61 33.88 12.81
CA ARG C 54 -26.19 32.51 13.03
C ARG C 54 -24.67 32.46 13.20
N TRP C 55 -24.21 31.61 14.11
CA TRP C 55 -22.82 31.63 14.56
C TRP C 55 -22.10 30.31 14.27
N PRO C 56 -20.77 30.36 14.07
CA PRO C 56 -20.02 29.12 13.90
C PRO C 56 -20.09 28.24 15.15
N ALA C 57 -20.38 26.96 14.97
CA ALA C 57 -20.59 26.05 16.09
C ALA C 57 -19.34 25.85 16.94
N HIS C 58 -18.17 26.22 16.41
CA HIS C 58 -16.90 26.01 17.10
C HIS C 58 -16.31 27.31 17.65
N LYS C 59 -17.03 28.42 17.47
CA LYS C 59 -16.60 29.72 17.98
C LYS C 59 -17.79 30.50 18.54
N GLY C 60 -18.55 29.84 19.40
CA GLY C 60 -19.72 30.45 20.01
C GLY C 60 -19.45 31.06 21.37
N THR C 61 -20.18 32.12 21.69
CA THR C 61 -20.09 32.75 23.00
C THR C 61 -20.78 31.87 24.04
N LYS C 62 -20.54 32.16 25.32
CA LYS C 62 -21.16 31.41 26.40
C LYS C 62 -22.68 31.48 26.32
N LYS C 63 -23.21 32.65 25.99
CA LYS C 63 -24.65 32.86 25.90
C LYS C 63 -25.24 32.09 24.72
N GLN C 64 -24.59 32.17 23.57
CA GLN C 64 -25.07 31.52 22.35
C GLN C 64 -25.23 30.02 22.54
N VAL C 65 -24.23 29.38 23.15
CA VAL C 65 -24.27 27.95 23.37
C VAL C 65 -25.32 27.59 24.42
N ASP C 66 -25.33 28.33 25.52
CA ASP C 66 -26.27 28.07 26.62
C ASP C 66 -27.72 28.28 26.17
N ASP C 67 -27.95 29.35 25.43
CA ASP C 67 -29.29 29.62 24.91
C ASP C 67 -29.74 28.51 23.96
N TYR C 68 -28.80 28.02 23.15
CA TYR C 68 -29.09 26.95 22.21
C TYR C 68 -29.36 25.64 22.96
N ARG C 69 -28.53 25.34 23.96
CA ARG C 69 -28.73 24.14 24.76
C ARG C 69 -30.05 24.20 25.52
N ARG C 70 -30.36 25.36 26.05
CA ARG C 70 -31.58 25.57 26.82
C ARG C 70 -32.80 25.41 25.91
N ALA C 71 -32.66 25.84 24.66
CA ALA C 71 -33.75 25.79 23.69
C ALA C 71 -34.06 24.35 23.28
N ILE C 72 -33.01 23.57 22.99
CA ILE C 72 -33.18 22.17 22.64
C ILE C 72 -33.75 21.40 23.83
N ALA C 73 -33.26 21.71 25.02
CA ALA C 73 -33.76 21.07 26.25
C ALA C 73 -35.25 21.32 26.43
N ALA C 74 -35.68 22.54 26.11
CA ALA C 74 -37.09 22.89 26.19
C ALA C 74 -37.89 22.13 25.12
N MET C 75 -37.31 22.02 23.94
CA MET C 75 -37.96 21.31 22.83
C MET C 75 -38.13 19.83 23.13
N ARG C 76 -37.13 19.25 23.78
CA ARG C 76 -37.18 17.84 24.19
C ARG C 76 -38.23 17.62 25.28
N ALA C 77 -38.56 18.68 26.01
CA ALA C 77 -39.47 18.57 27.16
C ALA C 77 -40.92 18.56 26.74
N LEU C 78 -41.21 19.02 25.52
CA LEU C 78 -42.59 19.09 25.05
C LEU C 78 -43.14 17.69 24.79
N PRO C 79 -44.47 17.53 24.84
CA PRO C 79 -45.07 16.25 24.47
C PRO C 79 -44.89 15.97 22.98
N ASP C 80 -44.76 14.70 22.61
CA ASP C 80 -44.56 14.33 21.22
C ASP C 80 -45.69 14.84 20.35
N ASP C 81 -46.89 14.91 20.91
CA ASP C 81 -48.06 15.35 20.19
C ASP C 81 -48.00 16.84 19.83
N ASP C 82 -47.10 17.57 20.48
CA ASP C 82 -46.95 18.99 20.22
C ASP C 82 -46.18 19.21 18.91
N PRO C 83 -46.71 20.07 18.01
CA PRO C 83 -46.01 20.30 16.74
C PRO C 83 -44.62 20.88 16.88
N ARG C 84 -44.35 21.59 17.98
CA ARG C 84 -43.06 22.24 18.18
C ARG C 84 -42.06 21.31 18.90
N SER C 85 -42.50 20.09 19.21
CA SER C 85 -41.68 19.17 19.99
C SER C 85 -40.49 18.64 19.19
N PHE C 86 -39.53 18.08 19.93
CA PHE C 86 -38.33 17.50 19.34
C PHE C 86 -38.67 16.42 18.32
N VAL C 87 -39.58 15.54 18.69
CA VAL C 87 -39.99 14.44 17.82
C VAL C 87 -40.76 14.96 16.61
N SER C 88 -41.68 15.89 16.83
CA SER C 88 -42.50 16.43 15.74
C SER C 88 -41.65 17.13 14.70
N GLN C 89 -40.66 17.90 15.15
CA GLN C 89 -39.77 18.59 14.24
C GLN C 89 -38.95 17.59 13.42
N ALA C 90 -38.55 16.50 14.06
CA ALA C 90 -37.79 15.46 13.39
C ALA C 90 -38.65 14.78 12.32
N LYS C 91 -39.93 14.62 12.62
CA LYS C 91 -40.86 13.95 11.70
C LYS C 91 -41.07 14.74 10.41
N ILE C 92 -40.89 16.06 10.47
CA ILE C 92 -41.04 16.91 9.29
C ILE C 92 -40.14 16.43 8.16
N HIS C 93 -38.88 16.17 8.50
CA HIS C 93 -37.91 15.73 7.51
C HIS C 93 -38.32 14.38 6.93
N CYS C 94 -38.81 13.50 7.80
CA CYS C 94 -39.22 12.17 7.39
C CYS C 94 -40.40 12.22 6.43
N ALA C 95 -41.39 13.04 6.75
CA ALA C 95 -42.61 13.14 5.95
C ALA C 95 -42.32 13.63 4.53
N TYR C 96 -41.41 14.60 4.40
CA TYR C 96 -41.11 15.22 3.11
C TYR C 96 -40.07 14.43 2.30
N CYS C 97 -39.22 13.67 2.99
CA CYS C 97 -38.11 12.99 2.33
C CYS C 97 -38.33 11.49 2.15
N ASN C 98 -39.38 10.95 2.75
CA ASN C 98 -39.63 9.51 2.71
C ASN C 98 -41.06 9.18 2.29
N GLY C 99 -41.63 10.02 1.43
CA GLY C 99 -42.91 9.76 0.81
C GLY C 99 -44.09 9.81 1.78
N GLY C 100 -44.13 10.84 2.61
CA GLY C 100 -45.25 11.03 3.50
C GLY C 100 -46.44 11.62 2.77
N TYR C 101 -46.16 12.54 1.85
CA TYR C 101 -47.19 13.23 1.10
C TYR C 101 -47.17 12.85 -0.38
N THR C 102 -48.25 13.16 -1.08
CA THR C 102 -48.38 12.89 -2.50
C THR C 102 -48.74 14.16 -3.25
N GLN C 103 -48.64 14.11 -4.58
CA GLN C 103 -48.97 15.25 -5.42
C GLN C 103 -50.47 15.27 -5.73
N VAL C 104 -51.29 14.97 -4.74
CA VAL C 104 -52.73 14.86 -4.94
C VAL C 104 -53.35 16.21 -5.30
N ASP C 105 -52.84 17.28 -4.71
CA ASP C 105 -53.35 18.62 -4.98
C ASP C 105 -52.99 19.07 -6.40
N SER C 106 -51.93 18.48 -6.95
CA SER C 106 -51.50 18.82 -8.31
C SER C 106 -52.12 17.87 -9.34
N GLY C 107 -52.94 16.93 -8.87
CA GLY C 107 -53.64 16.01 -9.74
C GLY C 107 -52.88 14.72 -10.01
N PHE C 108 -52.01 14.34 -9.07
CA PHE C 108 -51.21 13.13 -9.20
C PHE C 108 -51.11 12.40 -7.86
N PRO C 109 -52.20 11.74 -7.45
CA PRO C 109 -52.25 11.10 -6.12
C PRO C 109 -51.35 9.86 -5.98
N ASP C 110 -50.88 9.31 -7.10
CA ASP C 110 -50.06 8.11 -7.07
C ASP C 110 -48.57 8.44 -7.10
N ILE C 111 -48.23 9.71 -6.95
CA ILE C 111 -46.84 10.16 -6.96
C ILE C 111 -46.51 10.86 -5.65
N ASP C 112 -45.50 10.34 -4.96
CA ASP C 112 -45.06 10.93 -3.70
C ASP C 112 -44.31 12.24 -3.96
N ILE C 113 -44.25 13.09 -2.94
CA ILE C 113 -43.46 14.32 -3.04
C ILE C 113 -42.07 14.02 -2.48
N GLN C 114 -41.06 14.47 -3.20
CA GLN C 114 -39.67 14.29 -2.79
C GLN C 114 -38.90 15.58 -3.03
N ILE C 115 -38.60 16.28 -1.95
CA ILE C 115 -37.90 17.56 -2.04
C ILE C 115 -36.43 17.36 -2.36
N HIS C 116 -35.90 16.19 -2.02
CA HIS C 116 -34.50 15.88 -2.29
C HIS C 116 -34.32 15.53 -3.76
N ASN C 117 -33.07 15.47 -4.20
CA ASN C 117 -32.74 15.10 -5.57
C ASN C 117 -33.43 16.02 -6.57
N SER C 118 -33.59 17.29 -6.21
CA SER C 118 -34.24 18.25 -7.10
C SER C 118 -33.87 19.68 -6.70
N TRP C 119 -34.39 20.64 -7.46
CA TRP C 119 -34.14 22.05 -7.19
C TRP C 119 -34.91 22.53 -5.96
N LEU C 120 -35.73 21.66 -5.37
CA LEU C 120 -36.46 21.97 -4.15
C LEU C 120 -35.61 21.77 -2.90
N PHE C 121 -34.45 21.14 -3.07
CA PHE C 121 -33.57 20.79 -1.96
C PHE C 121 -33.21 21.98 -1.07
N PHE C 122 -32.59 22.99 -1.65
CA PHE C 122 -32.15 24.16 -0.90
C PHE C 122 -33.31 24.94 -0.27
N PRO C 123 -34.30 25.36 -1.08
CA PRO C 123 -35.37 26.18 -0.52
C PRO C 123 -36.20 25.50 0.58
N PHE C 124 -36.43 24.19 0.44
CA PHE C 124 -37.19 23.46 1.44
C PHE C 124 -36.50 23.50 2.80
N HIS C 125 -35.22 23.15 2.82
CA HIS C 125 -34.47 23.09 4.07
C HIS C 125 -34.27 24.47 4.66
N ARG C 126 -34.30 25.49 3.81
CA ARG C 126 -34.22 26.87 4.29
C ARG C 126 -35.47 27.21 5.09
N TRP C 127 -36.63 26.84 4.55
CA TRP C 127 -37.89 27.04 5.25
C TRP C 127 -37.96 26.14 6.48
N TYR C 128 -37.47 24.91 6.34
CA TYR C 128 -37.43 23.94 7.43
C TYR C 128 -36.71 24.55 8.63
N LEU C 129 -35.51 25.05 8.39
CA LEU C 129 -34.71 25.66 9.45
C LEU C 129 -35.30 26.99 9.91
N TYR C 130 -35.97 27.69 8.99
CA TYR C 130 -36.55 28.99 9.30
C TYR C 130 -37.53 28.89 10.47
N PHE C 131 -38.49 27.99 10.35
CA PHE C 131 -39.49 27.79 11.41
C PHE C 131 -38.87 27.12 12.63
N TYR C 132 -38.00 26.15 12.37
CA TYR C 132 -37.28 25.45 13.42
C TYR C 132 -36.51 26.43 14.30
N GLU C 133 -35.88 27.41 13.66
CA GLU C 133 -35.10 28.43 14.36
C GLU C 133 -36.00 29.34 15.20
N ARG C 134 -37.13 29.75 14.62
CA ARG C 134 -38.05 30.66 15.29
C ARG C 134 -38.78 29.96 16.43
N ILE C 135 -38.98 28.65 16.29
CA ILE C 135 -39.60 27.86 17.35
C ILE C 135 -38.69 27.81 18.57
N LEU C 136 -37.42 27.44 18.34
CA LEU C 136 -36.45 27.36 19.43
C LEU C 136 -36.31 28.69 20.16
N GLY C 137 -36.36 29.78 19.41
CA GLY C 137 -36.25 31.11 19.98
C GLY C 137 -37.43 31.41 20.89
N SER C 138 -38.61 30.96 20.48
CA SER C 138 -39.83 31.24 21.21
C SER C 138 -39.98 30.34 22.45
N LEU C 139 -39.34 29.18 22.41
CA LEU C 139 -39.42 28.24 23.53
C LEU C 139 -38.66 28.74 24.75
N ILE C 140 -37.75 29.69 24.54
CA ILE C 140 -36.95 30.27 25.62
C ILE C 140 -37.12 31.78 25.66
N ASP C 141 -38.15 32.27 24.98
CA ASP C 141 -38.48 33.70 24.98
C ASP C 141 -37.31 34.55 24.50
N GLU C 142 -36.60 34.05 23.49
CA GLU C 142 -35.51 34.79 22.86
C GLU C 142 -35.91 35.22 21.46
N PRO C 143 -36.34 36.49 21.31
CA PRO C 143 -36.75 36.95 19.99
C PRO C 143 -35.59 37.05 19.00
N ASN C 144 -34.37 37.21 19.52
CA ASN C 144 -33.18 37.36 18.70
C ASN C 144 -32.35 36.08 18.63
N PHE C 145 -32.99 34.95 18.92
CA PHE C 145 -32.29 33.66 18.91
C PHE C 145 -31.79 33.30 17.51
N ALA C 146 -30.61 32.69 17.45
CA ALA C 146 -30.01 32.30 16.18
C ALA C 146 -29.34 30.93 16.28
N LEU C 147 -29.60 30.08 15.30
CA LEU C 147 -28.98 28.76 15.24
C LEU C 147 -27.47 28.86 15.03
N PRO C 148 -26.72 27.86 15.49
CA PRO C 148 -25.34 27.74 15.03
C PRO C 148 -25.27 27.10 13.65
N TYR C 149 -24.11 27.12 13.01
CA TYR C 149 -23.94 26.40 11.76
C TYR C 149 -22.59 25.69 11.75
N TRP C 150 -22.59 24.46 11.25
CA TRP C 150 -21.38 23.65 11.20
C TRP C 150 -20.50 24.11 10.06
N LYS C 151 -19.51 24.93 10.40
CA LYS C 151 -18.63 25.55 9.43
C LYS C 151 -17.53 24.58 9.00
N TRP C 152 -17.91 23.49 8.34
CA TRP C 152 -16.94 22.49 7.90
C TRP C 152 -16.24 22.92 6.61
N ASP C 153 -16.52 24.13 6.14
CA ASP C 153 -15.78 24.71 5.03
C ASP C 153 -14.59 25.53 5.57
N GLU C 154 -14.34 25.40 6.86
CA GLU C 154 -13.20 26.06 7.51
C GLU C 154 -12.50 25.03 8.41
N PRO C 155 -11.16 24.92 8.30
CA PRO C 155 -10.41 23.86 8.99
C PRO C 155 -10.78 23.62 10.45
N LYS C 156 -10.77 24.65 11.28
CA LYS C 156 -11.04 24.50 12.70
C LYS C 156 -12.50 24.14 12.98
N GLY C 157 -13.37 24.37 11.99
CA GLY C 157 -14.79 24.07 12.14
C GLY C 157 -15.19 22.73 11.53
N MET C 158 -14.22 22.00 11.01
CA MET C 158 -14.48 20.73 10.33
C MET C 158 -14.84 19.60 11.29
N PRO C 159 -14.12 19.49 12.41
CA PRO C 159 -14.53 18.48 13.40
C PRO C 159 -15.87 18.82 14.01
N ILE C 160 -16.59 17.81 14.50
CA ILE C 160 -17.84 18.04 15.21
C ILE C 160 -17.54 18.90 16.43
N SER C 161 -18.25 20.01 16.55
CA SER C 161 -18.08 20.91 17.70
C SER C 161 -18.32 20.14 19.00
N ASN C 162 -17.51 20.41 20.01
CA ASN C 162 -17.60 19.67 21.27
C ASN C 162 -18.91 19.91 22.01
N ILE C 163 -19.69 20.90 21.56
CA ILE C 163 -20.97 21.19 22.19
C ILE C 163 -21.97 20.06 21.97
N PHE C 164 -21.73 19.25 20.94
CA PHE C 164 -22.60 18.12 20.63
C PHE C 164 -22.12 16.85 21.32
N LEU C 165 -20.93 16.92 21.92
CA LEU C 165 -20.31 15.73 22.51
C LEU C 165 -20.60 15.64 24.00
N GLY C 166 -20.04 14.62 24.65
CA GLY C 166 -20.25 14.39 26.06
C GLY C 166 -21.12 13.17 26.31
N ASP C 167 -22.23 13.38 27.00
CA ASP C 167 -23.13 12.29 27.37
C ASP C 167 -24.59 12.73 27.31
N ALA C 168 -25.49 11.85 27.75
CA ALA C 168 -26.93 12.08 27.65
C ALA C 168 -27.40 13.31 28.43
N SER C 169 -26.60 13.76 29.38
CA SER C 169 -26.96 14.96 30.16
C SER C 169 -26.89 16.21 29.28
N ASN C 170 -26.19 16.10 28.15
CA ASN C 170 -26.11 17.19 27.18
C ASN C 170 -27.30 17.13 26.21
N PRO C 171 -28.11 18.21 26.15
CA PRO C 171 -29.27 18.20 25.24
C PRO C 171 -28.88 18.02 23.78
N LEU C 172 -27.67 18.44 23.42
CA LEU C 172 -27.20 18.40 22.04
C LEU C 172 -26.59 17.05 21.68
N TYR C 173 -26.53 16.14 22.66
CA TYR C 173 -25.89 14.85 22.46
C TYR C 173 -26.83 13.88 21.75
N ASP C 174 -26.24 12.93 21.03
CA ASP C 174 -26.97 11.85 20.38
C ASP C 174 -26.09 10.61 20.37
N GLN C 175 -26.59 9.53 20.95
CA GLN C 175 -25.83 8.29 21.04
C GLN C 175 -25.65 7.64 19.67
N TYR C 176 -26.61 7.89 18.78
CA TYR C 176 -26.61 7.26 17.46
C TYR C 176 -25.74 8.04 16.47
N ARG C 177 -24.44 7.98 16.70
CA ARG C 177 -23.45 8.54 15.80
C ARG C 177 -22.33 7.52 15.61
N ASP C 178 -21.57 7.66 14.53
CA ASP C 178 -20.44 6.75 14.29
C ASP C 178 -19.40 6.95 15.38
N ALA C 179 -19.21 5.93 16.20
CA ALA C 179 -18.29 6.00 17.34
C ALA C 179 -16.86 6.30 16.91
N ASN C 180 -16.50 5.86 15.70
CA ASN C 180 -15.15 6.07 15.19
C ASN C 180 -14.90 7.49 14.71
N HIS C 181 -15.91 8.34 14.78
CA HIS C 181 -15.85 9.69 14.19
C HIS C 181 -16.09 10.83 15.18
N ILE C 182 -16.46 10.49 16.41
CA ILE C 182 -16.82 11.51 17.41
C ILE C 182 -15.64 11.95 18.26
N GLU C 183 -14.48 11.34 18.05
CA GLU C 183 -13.31 11.63 18.87
C GLU C 183 -12.51 12.83 18.33
N ASP C 184 -13.18 13.97 18.18
CA ASP C 184 -12.56 15.19 17.70
C ASP C 184 -11.91 15.00 16.33
N ARG C 185 -12.44 14.06 15.55
CA ARG C 185 -11.87 13.75 14.24
C ARG C 185 -12.42 14.65 13.14
N ILE C 186 -11.57 14.91 12.14
CA ILE C 186 -11.93 15.78 11.04
C ILE C 186 -12.91 15.09 10.10
N VAL C 187 -13.95 15.83 9.71
CA VAL C 187 -14.98 15.29 8.82
C VAL C 187 -14.43 15.03 7.42
N ASP C 188 -14.98 14.02 6.77
CA ASP C 188 -14.65 13.71 5.38
C ASP C 188 -15.80 14.16 4.48
N LEU C 189 -15.63 15.29 3.82
CA LEU C 189 -16.68 15.85 2.97
C LEU C 189 -16.82 15.08 1.65
N ASP C 190 -15.97 14.07 1.45
CA ASP C 190 -16.04 13.21 0.29
C ASP C 190 -16.09 11.75 0.75
N TYR C 191 -16.81 11.53 1.84
CA TYR C 191 -16.93 10.22 2.46
C TYR C 191 -17.69 9.24 1.56
N ASP C 192 -17.25 7.98 1.57
CA ASP C 192 -17.90 6.93 0.78
C ASP C 192 -18.21 5.69 1.61
N GLY C 193 -18.18 5.84 2.93
CA GLY C 193 -18.51 4.75 3.84
C GLY C 193 -17.30 4.16 4.54
N LYS C 194 -16.11 4.35 3.95
CA LYS C 194 -14.88 3.84 4.52
C LYS C 194 -13.90 4.98 4.80
N ASP C 195 -13.27 4.94 5.97
CA ASP C 195 -12.30 5.95 6.36
C ASP C 195 -11.06 5.89 5.48
N LYS C 196 -10.46 7.05 5.24
CA LYS C 196 -9.23 7.15 4.45
C LYS C 196 -8.01 7.18 5.36
N ASP C 197 -6.98 6.42 4.99
CA ASP C 197 -5.74 6.39 5.74
C ASP C 197 -4.81 7.50 5.28
N ILE C 198 -5.27 8.74 5.44
CA ILE C 198 -4.49 9.91 5.06
C ILE C 198 -4.24 10.82 6.26
N PRO C 199 -3.19 11.67 6.19
CA PRO C 199 -2.93 12.60 7.29
C PRO C 199 -4.07 13.59 7.47
N ASP C 200 -4.14 14.22 8.65
CA ASP C 200 -5.14 15.24 8.91
C ASP C 200 -4.97 16.42 7.96
N GLN C 201 -3.71 16.76 7.68
CA GLN C 201 -3.39 17.84 6.76
C GLN C 201 -4.02 17.59 5.39
N GLN C 202 -3.92 16.35 4.93
CA GLN C 202 -4.47 15.97 3.62
C GLN C 202 -5.99 16.07 3.60
N GLN C 203 -6.62 15.66 4.70
CA GLN C 203 -8.08 15.64 4.79
C GLN C 203 -8.65 17.06 4.77
N VAL C 204 -7.98 17.98 5.45
CA VAL C 204 -8.40 19.38 5.48
C VAL C 204 -8.27 19.98 4.08
N ALA C 205 -7.14 19.72 3.43
CA ALA C 205 -6.89 20.22 2.08
C ALA C 205 -7.93 19.70 1.09
N CYS C 206 -8.32 18.44 1.27
CA CYS C 206 -9.29 17.81 0.37
C CYS C 206 -10.70 18.31 0.65
N ASN C 207 -11.00 18.60 1.91
CA ASN C 207 -12.28 19.17 2.27
C ASN C 207 -12.49 20.51 1.59
N LEU C 208 -11.45 21.33 1.60
CA LEU C 208 -11.51 22.65 0.97
C LEU C 208 -11.72 22.53 -0.53
N SER C 209 -11.09 21.53 -1.14
CA SER C 209 -11.25 21.29 -2.57
C SER C 209 -12.67 20.81 -2.87
N THR C 210 -13.23 20.04 -1.96
CA THR C 210 -14.59 19.54 -2.12
C THR C 210 -15.59 20.70 -2.11
N VAL C 211 -15.37 21.65 -1.21
CA VAL C 211 -16.22 22.84 -1.15
C VAL C 211 -16.08 23.64 -2.45
N TYR C 212 -14.84 23.80 -2.90
CA TYR C 212 -14.57 24.51 -4.15
C TYR C 212 -15.20 23.77 -5.32
N ARG C 213 -15.13 22.45 -5.27
CA ARG C 213 -15.69 21.62 -6.34
C ARG C 213 -17.21 21.77 -6.37
N ASP C 214 -17.82 21.85 -5.20
CA ASP C 214 -19.27 21.91 -5.11
C ASP C 214 -19.82 23.30 -5.48
N LEU C 215 -19.04 24.35 -5.23
CA LEU C 215 -19.49 25.72 -5.47
C LEU C 215 -18.97 26.33 -6.78
N VAL C 216 -17.84 25.84 -7.28
CA VAL C 216 -17.20 26.44 -8.46
C VAL C 216 -17.09 25.48 -9.64
N ARG C 217 -16.30 24.41 -9.48
CA ARG C 217 -16.05 23.49 -10.59
C ARG C 217 -17.33 22.87 -11.16
N ASN C 218 -18.18 22.36 -10.29
CA ASN C 218 -19.40 21.68 -10.71
C ASN C 218 -20.65 22.54 -10.50
N GLY C 219 -20.57 23.48 -9.58
CA GLY C 219 -21.67 24.41 -9.35
C GLY C 219 -21.60 25.58 -10.31
N VAL C 220 -21.62 25.27 -11.60
CA VAL C 220 -21.38 26.27 -12.65
C VAL C 220 -22.64 27.05 -13.04
N ASP C 221 -23.81 26.47 -12.79
CA ASP C 221 -25.07 27.12 -13.12
C ASP C 221 -26.17 26.63 -12.18
N PRO C 222 -27.35 27.28 -12.20
CA PRO C 222 -28.43 26.92 -11.27
C PRO C 222 -28.83 25.45 -11.33
N THR C 223 -28.81 24.87 -12.52
CA THR C 223 -29.20 23.48 -12.69
C THR C 223 -28.23 22.54 -11.98
N SER C 224 -26.95 22.83 -12.07
CA SER C 224 -25.93 21.98 -11.47
C SER C 224 -25.77 22.21 -9.96
N PHE C 225 -26.17 23.39 -9.50
CA PHE C 225 -26.02 23.75 -8.10
C PHE C 225 -27.27 23.39 -7.29
N PHE C 226 -28.41 23.91 -7.72
CA PHE C 226 -29.66 23.70 -6.99
C PHE C 226 -30.22 22.30 -7.21
N GLY C 227 -30.04 21.78 -8.41
CA GLY C 227 -30.57 20.48 -8.79
C GLY C 227 -31.48 20.59 -10.00
N GLY C 228 -31.89 19.45 -10.54
CA GLY C 228 -32.67 19.42 -11.77
C GLY C 228 -34.09 19.92 -11.60
N LYS C 229 -34.74 20.20 -12.73
CA LYS C 229 -36.12 20.67 -12.75
C LYS C 229 -37.05 19.57 -12.26
N TYR C 230 -37.98 19.95 -11.40
CA TYR C 230 -38.91 19.00 -10.78
C TYR C 230 -40.29 19.63 -10.66
N VAL C 231 -41.19 19.22 -11.55
CA VAL C 231 -42.55 19.77 -11.60
C VAL C 231 -43.56 18.68 -11.29
N ALA C 232 -44.81 19.09 -11.08
CA ALA C 232 -45.88 18.14 -10.79
C ALA C 232 -46.08 17.20 -11.98
N GLY C 233 -46.27 15.92 -11.68
CA GLY C 233 -46.44 14.91 -12.70
C GLY C 233 -45.18 14.09 -12.90
N ASP C 234 -44.04 14.64 -12.49
CA ASP C 234 -42.77 13.93 -12.61
C ASP C 234 -42.73 12.78 -11.60
N SER C 235 -42.56 11.56 -12.12
CA SER C 235 -42.52 10.36 -11.29
C SER C 235 -41.15 9.69 -11.35
N PRO C 236 -40.68 9.16 -10.21
CA PRO C 236 -39.40 8.44 -10.20
C PRO C 236 -39.49 7.10 -10.93
N VAL C 237 -40.71 6.68 -11.24
CA VAL C 237 -40.95 5.38 -11.88
C VAL C 237 -41.01 5.48 -13.40
N ALA C 238 -41.36 6.65 -13.92
CA ALA C 238 -41.56 6.83 -15.35
C ALA C 238 -40.81 8.04 -15.91
N ASN C 239 -40.02 8.70 -15.08
CA ASN C 239 -39.20 9.83 -15.52
C ASN C 239 -37.81 9.82 -14.90
N GLY C 240 -37.65 9.09 -13.80
CA GLY C 240 -36.38 9.03 -13.11
C GLY C 240 -36.30 10.27 -12.24
N ASP C 241 -35.20 10.43 -11.51
CA ASP C 241 -35.06 11.58 -10.63
C ASP C 241 -34.56 12.79 -11.41
N PRO C 242 -34.97 14.00 -10.98
CA PRO C 242 -34.32 15.25 -11.39
C PRO C 242 -32.84 15.21 -11.03
N SER C 243 -31.96 15.47 -12.00
CA SER C 243 -30.53 15.48 -11.72
C SER C 243 -30.22 16.18 -10.40
N VAL C 244 -29.30 15.61 -9.64
CA VAL C 244 -29.00 16.11 -8.30
C VAL C 244 -27.94 17.22 -8.34
N GLY C 245 -28.09 18.18 -7.45
CA GLY C 245 -27.18 19.31 -7.37
C GLY C 245 -25.80 18.91 -6.90
N SER C 246 -24.84 19.82 -7.04
CA SER C 246 -23.46 19.54 -6.68
C SER C 246 -23.27 19.42 -5.16
N VAL C 247 -23.92 20.31 -4.41
CA VAL C 247 -23.80 20.29 -2.95
C VAL C 247 -24.48 19.07 -2.35
N GLU C 248 -25.74 18.85 -2.74
CA GLU C 248 -26.55 17.77 -2.19
C GLU C 248 -25.88 16.40 -2.33
N ALA C 249 -25.38 16.10 -3.52
CA ALA C 249 -24.76 14.81 -3.78
C ALA C 249 -23.29 14.79 -3.40
N GLY C 250 -22.79 15.93 -2.92
CA GLY C 250 -21.39 16.07 -2.56
C GLY C 250 -21.18 16.14 -1.06
N SER C 251 -20.76 17.31 -0.60
CA SER C 251 -20.44 17.52 0.80
C SER C 251 -21.64 17.27 1.72
N HIS C 252 -22.84 17.61 1.26
CA HIS C 252 -24.05 17.41 2.05
C HIS C 252 -24.26 15.94 2.40
N THR C 253 -24.22 15.08 1.39
CA THR C 253 -24.41 13.65 1.59
C THR C 253 -23.29 13.03 2.42
N ALA C 254 -22.07 13.52 2.24
CA ALA C 254 -20.91 12.98 2.92
C ALA C 254 -21.06 13.08 4.44
N VAL C 255 -21.54 14.23 4.90
CA VAL C 255 -21.70 14.47 6.33
C VAL C 255 -22.77 13.56 6.93
N HIS C 256 -23.85 13.33 6.18
CA HIS C 256 -24.92 12.45 6.65
C HIS C 256 -24.39 11.05 6.95
N ARG C 257 -23.60 10.51 6.01
CA ARG C 257 -23.10 9.15 6.14
C ARG C 257 -21.91 9.06 7.10
N TRP C 258 -21.21 10.18 7.28
CA TRP C 258 -20.05 10.22 8.16
C TRP C 258 -20.45 10.24 9.63
N VAL C 259 -21.56 10.93 9.93
CA VAL C 259 -22.03 11.08 11.31
C VAL C 259 -22.94 9.92 11.71
N GLY C 260 -23.77 9.46 10.77
CA GLY C 260 -24.70 8.38 11.06
C GLY C 260 -24.02 7.15 11.61
N ASP C 261 -24.64 6.52 12.60
CA ASP C 261 -24.07 5.35 13.26
C ASP C 261 -24.19 4.12 12.35
N PRO C 262 -23.05 3.62 11.83
CA PRO C 262 -23.14 2.49 10.90
C PRO C 262 -23.55 1.18 11.55
N THR C 263 -23.55 1.11 12.89
CA THR C 263 -23.96 -0.11 13.58
C THR C 263 -25.48 -0.24 13.62
N GLN C 264 -26.17 0.86 13.37
CA GLN C 264 -27.63 0.87 13.41
C GLN C 264 -28.21 0.38 12.08
N PRO C 265 -29.45 -0.14 12.12
CA PRO C 265 -30.11 -0.76 10.96
C PRO C 265 -30.10 0.08 9.69
N ASN C 266 -30.50 1.34 9.79
CA ASN C 266 -30.52 2.24 8.63
C ASN C 266 -29.53 3.38 8.79
N ASN C 267 -28.42 3.09 9.47
CA ASN C 267 -27.39 4.09 9.74
C ASN C 267 -27.94 5.30 10.49
N GLU C 268 -28.93 5.07 11.36
CA GLU C 268 -29.51 6.14 12.15
C GLU C 268 -28.44 6.79 13.03
N ASP C 269 -28.59 8.07 13.35
CA ASP C 269 -29.72 8.90 12.94
C ASP C 269 -29.46 9.64 11.62
N MET C 270 -28.26 10.19 11.49
CA MET C 270 -27.92 11.05 10.36
C MET C 270 -27.83 10.31 9.02
N GLY C 271 -27.55 9.01 9.05
CA GLY C 271 -27.31 8.25 7.84
C GLY C 271 -28.52 8.04 6.95
N ASN C 272 -29.69 8.45 7.43
CA ASN C 272 -30.93 8.28 6.68
C ASN C 272 -31.84 9.49 6.87
N PHE C 273 -32.61 9.82 5.84
CA PHE C 273 -33.48 10.99 5.87
C PHE C 273 -34.54 10.90 6.97
N TYR C 274 -35.10 9.70 7.14
CA TYR C 274 -36.24 9.52 8.04
C TYR C 274 -35.87 9.67 9.51
N SER C 275 -34.58 9.57 9.82
CA SER C 275 -34.12 9.58 11.22
C SER C 275 -33.14 10.72 11.50
N ALA C 276 -32.75 11.45 10.47
CA ALA C 276 -31.73 12.50 10.62
C ALA C 276 -32.16 13.58 11.61
N GLY C 277 -33.45 13.90 11.62
CA GLY C 277 -33.96 14.98 12.44
C GLY C 277 -33.86 14.74 13.94
N TYR C 278 -33.57 13.51 14.33
CA TYR C 278 -33.46 13.17 15.76
C TYR C 278 -32.10 13.55 16.32
N ASP C 279 -31.15 13.85 15.44
CA ASP C 279 -29.84 14.32 15.85
C ASP C 279 -29.80 15.85 15.75
N PRO C 280 -29.55 16.54 16.88
CA PRO C 280 -29.52 18.01 16.84
C PRO C 280 -28.55 18.58 15.82
N VAL C 281 -27.49 17.85 15.49
CA VAL C 281 -26.47 18.35 14.57
C VAL C 281 -27.01 18.42 13.14
N PHE C 282 -28.04 17.64 12.85
CA PHE C 282 -28.67 17.64 11.53
C PHE C 282 -29.06 19.04 11.09
N TYR C 283 -29.75 19.75 11.97
CA TYR C 283 -30.24 21.08 11.65
C TYR C 283 -29.08 22.06 11.51
N ILE C 284 -28.00 21.79 12.25
CA ILE C 284 -26.82 22.65 12.24
C ILE C 284 -25.96 22.37 11.03
N HIS C 285 -26.01 21.14 10.55
CA HIS C 285 -25.35 20.78 9.30
C HIS C 285 -25.99 21.53 8.14
N HIS C 286 -27.32 21.51 8.11
CA HIS C 286 -28.05 22.18 7.04
C HIS C 286 -28.00 23.69 7.16
N ALA C 287 -27.66 24.18 8.34
CA ALA C 287 -27.50 25.62 8.53
C ALA C 287 -26.35 26.12 7.67
N ASN C 288 -25.31 25.30 7.53
CA ASN C 288 -24.17 25.65 6.69
C ASN C 288 -24.45 25.34 5.23
N VAL C 289 -25.21 24.28 4.97
CA VAL C 289 -25.66 23.98 3.62
C VAL C 289 -26.49 25.15 3.11
N ASP C 290 -27.32 25.71 3.99
CA ASP C 290 -28.11 26.89 3.67
C ASP C 290 -27.18 28.05 3.36
N ARG C 291 -26.04 28.08 4.04
CA ARG C 291 -25.06 29.15 3.84
C ARG C 291 -24.32 28.99 2.51
N MET C 292 -24.21 27.75 2.04
CA MET C 292 -23.56 27.49 0.75
C MET C 292 -24.35 28.19 -0.36
N TRP C 293 -25.67 28.22 -0.21
CA TRP C 293 -26.54 28.93 -1.13
C TRP C 293 -26.16 30.42 -1.16
N LYS C 294 -26.02 31.01 0.02
CA LYS C 294 -25.65 32.42 0.14
C LYS C 294 -24.27 32.69 -0.47
N LEU C 295 -23.30 31.85 -0.11
CA LEU C 295 -21.94 32.02 -0.60
C LEU C 295 -21.84 31.83 -2.10
N TRP C 296 -22.63 30.89 -2.62
CA TRP C 296 -22.64 30.59 -4.04
C TRP C 296 -23.01 31.82 -4.87
N LYS C 297 -23.86 32.66 -4.31
CA LYS C 297 -24.29 33.88 -4.98
C LYS C 297 -23.33 35.04 -4.73
N GLU C 298 -22.77 35.10 -3.53
CA GLU C 298 -21.84 36.17 -3.18
C GLU C 298 -20.53 36.06 -3.93
N LEU C 299 -20.27 34.88 -4.50
CA LEU C 299 -19.09 34.67 -5.33
C LEU C 299 -19.16 35.56 -6.57
N ARG C 300 -20.38 35.86 -7.01
CA ARG C 300 -20.62 36.75 -8.15
C ARG C 300 -19.91 36.25 -9.41
N LEU C 301 -19.79 34.93 -9.52
CA LEU C 301 -19.21 34.33 -10.72
C LEU C 301 -20.27 34.17 -11.80
N PRO C 302 -19.84 34.06 -13.07
CA PRO C 302 -20.81 33.87 -14.15
C PRO C 302 -21.61 32.59 -13.97
N GLY C 303 -22.93 32.69 -14.15
CA GLY C 303 -23.81 31.54 -14.03
C GLY C 303 -24.39 31.39 -12.64
N HIS C 304 -23.83 32.09 -11.66
CA HIS C 304 -24.32 32.00 -10.29
C HIS C 304 -25.48 32.96 -10.07
N VAL C 305 -26.64 32.58 -10.59
CA VAL C 305 -27.85 33.40 -10.51
C VAL C 305 -29.02 32.59 -9.95
N ASP C 306 -30.07 33.27 -9.51
CA ASP C 306 -31.24 32.61 -8.94
C ASP C 306 -32.14 32.02 -10.02
N ILE C 307 -33.04 31.15 -9.59
CA ILE C 307 -33.99 30.51 -10.48
C ILE C 307 -35.16 31.46 -10.75
N THR C 308 -35.59 31.52 -12.01
CA THR C 308 -36.68 32.39 -12.42
C THR C 308 -37.86 31.59 -12.98
N ASP C 309 -37.69 30.27 -13.02
CA ASP C 309 -38.74 29.37 -13.47
C ASP C 309 -39.96 29.47 -12.55
N PRO C 310 -41.14 29.84 -13.08
CA PRO C 310 -42.33 29.95 -12.24
C PRO C 310 -42.69 28.65 -11.52
N ASP C 311 -42.36 27.50 -12.12
CA ASP C 311 -42.66 26.21 -11.50
C ASP C 311 -41.85 25.99 -10.24
N TRP C 312 -40.74 26.71 -10.11
CA TRP C 312 -39.92 26.67 -8.90
C TRP C 312 -40.41 27.71 -7.90
N LEU C 313 -40.57 28.94 -8.40
CA LEU C 313 -40.98 30.07 -7.57
C LEU C 313 -42.30 29.80 -6.85
N ASN C 314 -43.23 29.14 -7.53
CA ASN C 314 -44.57 28.91 -6.99
C ASN C 314 -44.71 27.58 -6.27
N ALA C 315 -43.63 26.82 -6.20
CA ALA C 315 -43.62 25.59 -5.43
C ALA C 315 -43.74 25.95 -3.95
N SER C 316 -44.48 25.14 -3.20
CA SER C 316 -44.77 25.47 -1.80
C SER C 316 -44.78 24.27 -0.87
N TYR C 317 -44.57 24.55 0.42
CA TYR C 317 -44.63 23.55 1.47
C TYR C 317 -45.48 24.06 2.62
N VAL C 318 -45.77 23.20 3.59
CA VAL C 318 -46.56 23.57 4.75
C VAL C 318 -45.80 23.26 6.03
N PHE C 319 -45.80 24.23 6.96
CA PHE C 319 -45.12 24.07 8.24
C PHE C 319 -45.94 24.63 9.39
N TYR C 320 -45.69 24.09 10.59
CA TYR C 320 -46.17 24.68 11.82
C TYR C 320 -45.18 25.75 12.26
N ASP C 321 -45.70 26.90 12.70
CA ASP C 321 -44.84 27.96 13.21
C ASP C 321 -44.83 27.95 14.74
N GLU C 322 -44.20 28.96 15.34
CA GLU C 322 -44.07 29.04 16.79
C GLU C 322 -45.42 29.13 17.49
N ASN C 323 -46.46 29.56 16.76
CA ASN C 323 -47.80 29.71 17.31
C ASN C 323 -48.71 28.52 16.99
N LYS C 324 -48.11 27.40 16.61
CA LYS C 324 -48.84 26.19 16.22
C LYS C 324 -49.81 26.45 15.07
N ASP C 325 -49.54 27.50 14.29
CA ASP C 325 -50.35 27.81 13.11
C ASP C 325 -49.74 27.17 11.87
N LEU C 326 -50.58 26.61 11.01
CA LEU C 326 -50.13 26.07 9.74
C LEU C 326 -49.90 27.18 8.72
N VAL C 327 -48.68 27.24 8.20
CA VAL C 327 -48.30 28.29 7.25
C VAL C 327 -47.80 27.67 5.95
N ARG C 328 -48.34 28.15 4.83
CA ARG C 328 -47.85 27.75 3.52
C ARG C 328 -46.82 28.76 3.03
N VAL C 329 -45.65 28.25 2.64
CA VAL C 329 -44.55 29.09 2.19
C VAL C 329 -44.12 28.74 0.77
N TYR C 330 -43.68 29.74 0.02
CA TYR C 330 -43.25 29.54 -1.36
C TYR C 330 -41.74 29.77 -1.49
N ASN C 331 -41.13 29.09 -2.45
CA ASN C 331 -39.69 29.22 -2.69
C ASN C 331 -39.28 30.65 -3.01
N LYS C 332 -40.17 31.36 -3.70
CA LYS C 332 -39.91 32.72 -4.14
C LYS C 332 -39.63 33.66 -2.98
N ASP C 333 -40.16 33.32 -1.81
CA ASP C 333 -40.12 34.22 -0.66
C ASP C 333 -38.94 33.95 0.28
N CYS C 334 -38.07 33.02 -0.10
CA CYS C 334 -36.93 32.66 0.74
C CYS C 334 -35.59 32.98 0.07
N VAL C 335 -35.64 33.61 -1.10
CA VAL C 335 -34.42 33.96 -1.82
C VAL C 335 -33.65 35.06 -1.10
N ASN C 336 -34.37 35.94 -0.42
CA ASN C 336 -33.76 37.06 0.28
C ASN C 336 -33.68 36.82 1.79
N LEU C 337 -32.47 36.73 2.31
CA LEU C 337 -32.25 36.45 3.73
C LEU C 337 -32.66 37.64 4.60
N ASP C 338 -32.52 38.85 4.06
CA ASP C 338 -32.88 40.06 4.80
C ASP C 338 -34.37 40.06 5.12
N LYS C 339 -35.18 39.56 4.20
CA LYS C 339 -36.62 39.50 4.40
C LYS C 339 -36.97 38.46 5.45
N LEU C 340 -36.19 37.38 5.50
CA LEU C 340 -36.40 36.34 6.51
C LEU C 340 -35.74 36.73 7.83
N LYS C 341 -35.05 37.87 7.84
CA LYS C 341 -34.49 38.45 9.06
C LYS C 341 -33.50 37.51 9.74
N TYR C 342 -32.54 36.99 8.97
CA TYR C 342 -31.42 36.25 9.54
C TYR C 342 -30.26 36.18 8.56
N ASN C 343 -29.07 35.93 9.09
CA ASN C 343 -27.88 35.78 8.26
C ASN C 343 -26.81 35.01 9.02
N PHE C 344 -25.59 34.99 8.49
CA PHE C 344 -24.49 34.23 9.08
C PHE C 344 -23.32 35.13 9.46
N ILE C 345 -22.71 34.82 10.60
CA ILE C 345 -21.52 35.53 11.07
C ILE C 345 -20.28 34.99 10.36
N GLU C 346 -19.66 35.83 9.53
CA GLU C 346 -18.47 35.45 8.80
C GLU C 346 -17.21 35.94 9.50
N ASN C 347 -16.07 35.38 9.11
CA ASN C 347 -14.78 35.79 9.67
C ASN C 347 -14.34 37.15 9.14
N PHE C 352 -12.38 33.49 1.98
CA PHE C 352 -12.78 32.15 2.36
C PHE C 352 -11.63 31.18 2.13
N PRO C 353 -11.39 30.27 3.10
CA PRO C 353 -10.20 29.41 2.99
C PRO C 353 -10.29 28.39 1.86
N TRP C 354 -11.48 28.24 1.28
CA TRP C 354 -11.70 27.29 0.18
C TRP C 354 -11.77 27.99 -1.17
N ARG C 355 -11.71 29.33 -1.16
CA ARG C 355 -11.92 30.11 -2.37
C ARG C 355 -10.92 29.80 -3.48
N ASN C 356 -9.70 29.48 -3.09
CA ASN C 356 -8.64 29.19 -4.07
C ASN C 356 -8.13 27.76 -3.95
N SER C 357 -9.05 26.84 -3.61
CA SER C 357 -8.70 25.44 -3.45
C SER C 357 -9.00 24.65 -4.73
N ARG C 358 -8.75 25.28 -5.87
CA ARG C 358 -8.80 24.59 -7.15
C ARG C 358 -7.63 23.60 -7.20
N PRO C 359 -7.88 22.38 -7.73
CA PRO C 359 -6.77 21.42 -7.81
C PRO C 359 -5.57 21.98 -8.58
N PRO C 360 -4.35 21.64 -8.14
CA PRO C 360 -3.15 22.18 -8.81
C PRO C 360 -3.00 21.69 -10.25
N GLN C 361 -2.44 22.54 -11.10
CA GLN C 361 -2.22 22.21 -12.50
C GLN C 361 -1.38 20.96 -12.63
N ARG C 362 -1.84 20.02 -13.46
CA ARG C 362 -1.09 18.79 -13.70
C ARG C 362 0.10 19.08 -14.61
N ARG C 363 1.28 18.62 -14.20
CA ARG C 363 2.48 18.78 -15.00
C ARG C 363 2.48 17.80 -16.16
N LYS C 364 2.85 18.28 -17.34
CA LYS C 364 2.95 17.42 -18.52
C LYS C 364 3.99 16.34 -18.30
N SER C 365 4.97 16.64 -17.45
CA SER C 365 6.03 15.70 -17.14
C SER C 365 5.52 14.53 -16.29
N ALA C 366 4.33 14.68 -15.75
CA ALA C 366 3.71 13.64 -14.94
C ALA C 366 2.71 12.82 -15.76
N GLN C 367 2.52 13.21 -17.01
CA GLN C 367 1.53 12.59 -17.89
C GLN C 367 2.18 11.81 -19.03
N VAL C 368 1.47 10.79 -19.51
CA VAL C 368 1.90 10.03 -20.68
C VAL C 368 1.22 10.59 -21.92
N ALA C 369 1.54 10.02 -23.08
CA ALA C 369 0.92 10.44 -24.34
C ALA C 369 -0.43 9.74 -24.53
N THR C 370 -0.41 8.42 -24.57
CA THR C 370 -1.61 7.63 -24.77
C THR C 370 -2.08 7.01 -23.46
N ASP C 373 -5.54 2.80 -24.99
CA ASP C 373 -6.51 2.09 -25.82
C ASP C 373 -7.83 1.91 -25.07
N VAL C 374 -8.73 2.88 -25.25
CA VAL C 374 -10.03 2.86 -24.59
C VAL C 374 -11.14 2.97 -25.63
N LYS C 375 -12.16 2.13 -25.50
CA LYS C 375 -13.26 2.13 -26.45
C LYS C 375 -14.10 3.40 -26.34
N THR C 376 -14.68 3.81 -27.46
CA THR C 376 -15.54 4.98 -27.50
C THR C 376 -16.97 4.58 -27.16
N VAL C 377 -17.85 5.57 -27.04
CA VAL C 377 -19.25 5.31 -26.74
C VAL C 377 -19.89 4.49 -27.87
N GLU C 378 -19.50 4.76 -29.10
CA GLU C 378 -20.05 4.06 -30.25
C GLU C 378 -19.63 2.60 -30.25
N GLN C 379 -18.50 2.33 -29.59
CA GLN C 379 -17.94 0.98 -29.52
C GLN C 379 -18.40 0.24 -28.27
N THR C 380 -19.14 0.93 -27.39
CA THR C 380 -19.58 0.37 -26.13
C THR C 380 -21.06 0.04 -26.14
N LYS C 381 -21.41 -1.12 -25.58
CA LYS C 381 -22.80 -1.53 -25.47
C LYS C 381 -23.41 -1.03 -24.17
N PHE C 382 -24.36 -0.12 -24.28
CA PHE C 382 -25.05 0.41 -23.11
C PHE C 382 -26.39 -0.30 -22.91
N PRO C 383 -26.89 -0.36 -21.67
CA PRO C 383 -26.28 0.18 -20.45
C PRO C 383 -25.08 -0.64 -19.97
N VAL C 384 -24.16 0.00 -19.25
CA VAL C 384 -22.97 -0.66 -18.73
C VAL C 384 -23.06 -0.79 -17.21
N ARG C 385 -22.55 -1.89 -16.68
CA ARG C 385 -22.59 -2.14 -15.24
C ARG C 385 -21.35 -1.62 -14.54
N LEU C 386 -21.55 -0.90 -13.45
CA LEU C 386 -20.44 -0.32 -12.71
C LEU C 386 -20.05 -1.22 -11.54
N ASN C 387 -20.03 -2.53 -11.79
CA ASN C 387 -19.55 -3.49 -10.81
C ASN C 387 -18.03 -3.65 -10.91
N GLN C 388 -17.42 -2.75 -11.67
CA GLN C 388 -15.97 -2.67 -11.82
C GLN C 388 -15.64 -1.33 -12.44
N ILE C 389 -14.35 -0.99 -12.49
CA ILE C 389 -13.93 0.27 -13.09
C ILE C 389 -14.28 0.28 -14.58
N PHE C 390 -14.97 1.34 -15.00
CA PHE C 390 -15.42 1.49 -16.37
C PHE C 390 -14.74 2.70 -17.00
N LYS C 391 -14.10 2.45 -18.14
CA LYS C 391 -13.41 3.50 -18.89
C LYS C 391 -14.03 3.64 -20.28
N VAL C 392 -14.16 4.88 -20.74
CA VAL C 392 -14.71 5.12 -22.07
C VAL C 392 -14.33 6.51 -22.57
N ARG C 393 -14.03 6.61 -23.86
CA ARG C 393 -13.74 7.89 -24.48
C ARG C 393 -15.03 8.53 -24.97
N VAL C 394 -15.24 9.78 -24.59
CA VAL C 394 -16.45 10.52 -24.94
C VAL C 394 -16.12 11.67 -25.89
N LYS C 395 -16.88 11.77 -26.97
CA LYS C 395 -16.68 12.82 -27.97
C LYS C 395 -17.05 14.18 -27.40
N ARG C 396 -16.11 15.11 -27.45
CA ARG C 396 -16.36 16.47 -26.98
C ARG C 396 -17.13 17.28 -28.01
N PRO C 397 -17.87 18.31 -27.56
CA PRO C 397 -18.62 19.17 -28.48
C PRO C 397 -17.72 20.16 -29.23
N ALA C 398 -16.51 20.37 -28.71
CA ALA C 398 -15.57 21.29 -29.33
C ALA C 398 -14.18 21.13 -28.72
N VAL C 399 -13.18 21.73 -29.35
CA VAL C 399 -11.81 21.69 -28.83
C VAL C 399 -11.14 23.04 -28.98
N ASN C 400 -10.15 23.31 -28.13
CA ASN C 400 -9.39 24.54 -28.16
C ASN C 400 -10.28 25.78 -28.14
N ARG C 401 -11.27 25.77 -27.25
CA ARG C 401 -12.17 26.91 -27.10
C ARG C 401 -11.41 28.09 -26.49
N THR C 402 -11.65 29.28 -27.03
CA THR C 402 -10.98 30.47 -26.53
C THR C 402 -11.48 30.82 -25.14
N GLU C 403 -10.80 31.76 -24.49
CA GLU C 403 -11.21 32.21 -23.16
C GLU C 403 -12.58 32.86 -23.22
N GLU C 404 -12.88 33.53 -24.33
CA GLU C 404 -14.17 34.19 -24.51
C GLU C 404 -15.29 33.17 -24.65
N GLU C 405 -15.02 32.09 -25.38
CA GLU C 405 -15.99 31.03 -25.59
C GLU C 405 -16.29 30.30 -24.29
N LYS C 406 -15.24 30.10 -23.48
CA LYS C 406 -15.38 29.40 -22.21
C LYS C 406 -16.16 30.22 -21.20
N ASP C 407 -16.16 31.54 -21.38
CA ASP C 407 -16.90 32.44 -20.50
C ASP C 407 -18.37 32.55 -20.91
N GLN C 408 -18.72 31.92 -22.03
CA GLN C 408 -20.08 31.98 -22.56
C GLN C 408 -20.81 30.65 -22.40
N ALA C 409 -20.05 29.58 -22.24
CA ALA C 409 -20.64 28.24 -22.11
C ALA C 409 -19.74 27.29 -21.33
N ASN C 410 -20.36 26.44 -20.53
CA ASN C 410 -19.65 25.41 -19.79
C ASN C 410 -19.66 24.07 -20.54
N GLU C 411 -18.51 23.42 -20.60
CA GLU C 411 -18.42 22.07 -21.13
C GLU C 411 -18.79 21.11 -20.00
N VAL C 412 -19.97 20.51 -20.08
CA VAL C 412 -20.52 19.73 -18.98
C VAL C 412 -20.64 18.25 -19.33
N LEU C 413 -20.05 17.40 -18.49
CA LEU C 413 -20.17 15.96 -18.62
C LEU C 413 -21.49 15.49 -18.00
N LEU C 414 -22.33 14.84 -18.81
CA LEU C 414 -23.62 14.36 -18.35
C LEU C 414 -23.64 12.84 -18.28
N ILE C 415 -23.88 12.30 -17.08
CA ILE C 415 -24.06 10.88 -16.88
C ILE C 415 -25.53 10.62 -16.57
N LYS C 416 -26.27 10.17 -17.59
CA LYS C 416 -27.72 10.03 -17.48
C LYS C 416 -28.11 8.56 -17.36
N LYS C 417 -29.37 8.33 -16.97
CA LYS C 417 -29.91 6.98 -16.84
C LYS C 417 -29.08 6.12 -15.90
N ILE C 418 -28.75 6.66 -14.73
CA ILE C 418 -28.03 5.92 -13.70
C ILE C 418 -29.02 5.09 -12.90
N LYS C 419 -29.17 3.81 -13.26
CA LYS C 419 -30.14 2.93 -12.60
C LYS C 419 -29.46 2.08 -11.52
N TYR C 420 -30.11 1.95 -10.37
CA TYR C 420 -29.52 1.24 -9.23
C TYR C 420 -30.57 0.97 -8.15
N ASP C 421 -30.33 -0.04 -7.32
CA ASP C 421 -31.18 -0.29 -6.17
C ASP C 421 -30.84 0.74 -5.08
N SER C 422 -31.79 1.62 -4.81
CA SER C 422 -31.58 2.71 -3.86
C SER C 422 -31.95 2.32 -2.42
N GLY C 423 -31.94 1.03 -2.13
CA GLY C 423 -32.21 0.57 -0.78
C GLY C 423 -31.04 0.79 0.16
N LYS C 424 -29.86 0.94 -0.43
CA LYS C 424 -28.64 1.20 0.32
C LYS C 424 -27.93 2.43 -0.24
N PHE C 425 -26.90 2.88 0.48
CA PHE C 425 -26.13 4.05 0.07
C PHE C 425 -25.26 3.71 -1.13
N VAL C 426 -25.30 4.57 -2.15
CA VAL C 426 -24.56 4.35 -3.38
C VAL C 426 -23.59 5.50 -3.65
N LYS C 427 -22.39 5.16 -4.11
CA LYS C 427 -21.45 6.17 -4.57
C LYS C 427 -20.39 5.62 -5.52
N PHE C 428 -20.10 6.37 -6.56
CA PHE C 428 -18.99 6.10 -7.45
C PHE C 428 -18.31 7.40 -7.81
N ASP C 429 -17.00 7.35 -8.03
CA ASP C 429 -16.21 8.53 -8.37
C ASP C 429 -16.03 8.65 -9.87
N VAL C 430 -15.86 9.89 -10.34
CA VAL C 430 -15.67 10.17 -11.75
C VAL C 430 -14.32 10.84 -11.98
N PHE C 431 -13.48 10.20 -12.80
CA PHE C 431 -12.20 10.76 -13.21
C PHE C 431 -12.20 10.99 -14.71
N VAL C 432 -11.63 12.12 -15.14
CA VAL C 432 -11.62 12.51 -16.54
C VAL C 432 -10.19 12.78 -17.00
N ASN C 433 -9.82 12.16 -18.12
CA ASN C 433 -8.49 12.31 -18.69
C ASN C 433 -7.38 11.97 -17.71
N ASP C 434 -7.51 10.80 -17.09
CA ASP C 434 -6.45 10.25 -16.26
C ASP C 434 -5.40 9.61 -17.14
N LYS C 435 -4.20 10.18 -17.15
CA LYS C 435 -3.09 9.63 -17.92
C LYS C 435 -1.76 9.91 -17.21
N LEU C 436 -1.71 9.58 -15.93
CA LEU C 436 -0.51 9.76 -15.13
C LEU C 436 0.51 8.67 -15.42
N LYS C 437 1.79 9.03 -15.32
CA LYS C 437 2.86 8.04 -15.46
C LYS C 437 2.84 7.11 -14.25
N ASP C 438 3.54 5.99 -14.36
CA ASP C 438 3.66 5.08 -13.23
C ASP C 438 4.59 5.69 -12.19
N GLY C 439 4.16 5.68 -10.93
CA GLY C 439 4.96 6.20 -9.83
C GLY C 439 4.68 7.64 -9.46
N VAL C 440 3.71 8.25 -10.13
CA VAL C 440 3.31 9.62 -9.81
C VAL C 440 2.43 9.64 -8.56
N PHE C 441 2.77 10.52 -7.62
CA PHE C 441 2.02 10.64 -6.37
C PHE C 441 0.63 11.19 -6.64
N THR C 442 -0.39 10.55 -6.04
CA THR C 442 -1.77 10.96 -6.24
C THR C 442 -2.43 11.32 -4.91
N THR C 443 -3.43 12.20 -4.99
CA THR C 443 -4.21 12.60 -3.82
C THR C 443 -5.70 12.47 -4.12
N PRO C 444 -6.54 12.48 -3.07
CA PRO C 444 -7.99 12.42 -3.28
C PRO C 444 -8.56 13.69 -3.91
N CYS C 445 -7.71 14.70 -4.09
CA CYS C 445 -8.15 16.00 -4.63
C CYS C 445 -7.30 16.40 -5.85
N ASP C 446 -7.09 15.42 -6.74
CA ASP C 446 -6.33 15.65 -7.96
C ASP C 446 -7.19 16.37 -9.01
N PRO C 447 -6.53 17.00 -10.00
CA PRO C 447 -7.26 17.70 -11.06
C PRO C 447 -8.10 16.77 -11.94
N GLU C 448 -7.67 15.51 -12.05
CA GLU C 448 -8.40 14.54 -12.85
C GLU C 448 -9.75 14.20 -12.22
N TYR C 449 -9.85 14.42 -10.91
CA TYR C 449 -11.05 14.09 -10.16
C TYR C 449 -12.16 15.10 -10.43
N ALA C 450 -13.21 14.65 -11.11
CA ALA C 450 -14.33 15.51 -11.47
C ALA C 450 -15.34 15.59 -10.32
N GLY C 451 -15.21 14.69 -9.36
CA GLY C 451 -16.15 14.59 -8.27
C GLY C 451 -16.78 13.20 -8.26
N GLY C 452 -17.94 13.08 -7.62
CA GLY C 452 -18.63 11.81 -7.54
C GLY C 452 -20.14 11.95 -7.52
N PHE C 453 -20.82 10.82 -7.60
CA PHE C 453 -22.28 10.76 -7.48
C PHE C 453 -22.65 9.94 -6.26
N ALA C 454 -23.12 10.60 -5.20
CA ALA C 454 -23.50 9.91 -3.97
C ALA C 454 -24.98 10.06 -3.68
N GLN C 455 -25.61 8.99 -3.22
CA GLN C 455 -27.04 8.98 -2.95
C GLN C 455 -27.44 8.26 -1.65
N ILE C 456 -28.04 9.02 -0.74
CA ILE C 456 -28.67 8.47 0.44
C ILE C 456 -29.90 7.68 -0.02
N PRO C 457 -30.23 6.57 0.65
CA PRO C 457 -31.37 5.76 0.20
C PRO C 457 -32.67 6.55 0.10
N HIS C 458 -33.33 6.48 -1.07
CA HIS C 458 -34.59 7.17 -1.28
C HIS C 458 -35.48 6.35 -2.20
N ASN C 459 -35.27 5.03 -2.16
CA ASN C 459 -36.02 4.10 -2.99
C ASN C 459 -37.53 4.12 -2.73
N ASP C 460 -38.31 4.23 -3.80
CA ASP C 460 -39.77 4.20 -3.68
C ASP C 460 -40.20 2.74 -3.54
N LYS C 461 -41.39 2.50 -3.01
CA LYS C 461 -41.87 1.12 -2.87
C LYS C 461 -42.04 0.53 -4.26
N ARG C 462 -42.73 1.27 -5.12
CA ARG C 462 -42.94 0.90 -6.51
C ARG C 462 -42.30 2.00 -7.36
N SER C 463 -41.09 1.82 -7.90
CA SER C 463 -40.39 0.56 -8.09
C SER C 463 -39.16 0.48 -7.20
N MET C 464 -38.55 -0.70 -7.13
CA MET C 464 -37.40 -0.94 -6.27
C MET C 464 -36.07 -0.51 -6.90
N VAL C 465 -36.15 0.16 -8.04
CA VAL C 465 -34.96 0.69 -8.72
C VAL C 465 -35.21 2.15 -9.09
N MET C 466 -34.22 3.00 -8.80
CA MET C 466 -34.29 4.43 -9.08
C MET C 466 -33.32 4.85 -10.17
N THR C 467 -33.67 5.91 -10.89
CA THR C 467 -32.86 6.43 -11.98
C THR C 467 -32.42 7.86 -11.67
N SER C 468 -31.15 8.18 -11.94
CA SER C 468 -30.60 9.49 -11.60
C SER C 468 -29.68 10.05 -12.68
N THR C 469 -29.23 11.29 -12.47
CA THR C 469 -28.37 11.98 -13.42
C THR C 469 -27.33 12.84 -12.69
N ALA C 470 -26.11 12.88 -13.25
CA ALA C 470 -25.02 13.65 -12.67
C ALA C 470 -24.45 14.63 -13.70
N ARG C 471 -24.01 15.78 -13.22
CA ARG C 471 -23.46 16.84 -14.08
C ARG C 471 -22.12 17.33 -13.54
N PHE C 472 -21.09 17.30 -14.39
CA PHE C 472 -19.76 17.74 -14.00
C PHE C 472 -19.21 18.77 -14.99
N GLY C 473 -18.75 19.90 -14.46
CA GLY C 473 -18.14 20.95 -15.27
C GLY C 473 -16.73 20.58 -15.65
N LEU C 474 -16.35 20.86 -16.90
CA LEU C 474 -15.04 20.45 -17.42
C LEU C 474 -14.16 21.62 -17.83
N ASN C 475 -14.67 22.84 -17.73
CA ASN C 475 -13.91 24.02 -18.16
C ASN C 475 -12.56 24.13 -17.48
N GLU C 476 -12.52 23.90 -16.17
CA GLU C 476 -11.25 23.94 -15.43
C GLU C 476 -10.50 22.63 -15.54
N LEU C 477 -11.24 21.52 -15.50
CA LEU C 477 -10.64 20.19 -15.48
C LEU C 477 -9.81 19.95 -16.74
N LEU C 478 -10.37 20.27 -17.90
CA LEU C 478 -9.70 20.05 -19.17
C LEU C 478 -8.42 20.88 -19.25
N GLU C 479 -8.46 22.08 -18.67
CA GLU C 479 -7.27 22.91 -18.58
C GLU C 479 -6.26 22.30 -17.60
N ASP C 480 -6.76 21.90 -16.44
CA ASP C 480 -5.92 21.36 -15.37
C ASP C 480 -5.20 20.07 -15.77
N THR C 481 -5.73 19.38 -16.78
CA THR C 481 -5.17 18.10 -17.22
C THR C 481 -4.44 18.21 -18.57
N ASN C 482 -4.40 19.43 -19.12
CA ASN C 482 -3.76 19.68 -20.41
C ASN C 482 -4.37 18.86 -21.54
N THR C 483 -5.70 18.84 -21.59
CA THR C 483 -6.42 18.08 -22.60
C THR C 483 -7.48 18.94 -23.29
N GLU C 484 -7.29 20.25 -23.29
CA GLU C 484 -8.21 21.16 -23.95
C GLU C 484 -8.17 20.98 -25.47
N GLY C 485 -7.10 20.36 -25.96
CA GLY C 485 -6.91 20.18 -27.39
C GLY C 485 -7.34 18.81 -27.91
N GLU C 486 -7.62 17.89 -26.99
CA GLU C 486 -7.96 16.52 -27.37
C GLU C 486 -9.41 16.38 -27.78
N GLU C 487 -9.65 15.64 -28.85
CA GLU C 487 -10.97 15.48 -29.44
C GLU C 487 -11.89 14.65 -28.55
N TYR C 488 -11.33 13.62 -27.93
CA TYR C 488 -12.06 12.75 -27.01
C TYR C 488 -11.65 13.00 -25.56
N ALA C 489 -12.60 12.84 -24.65
CA ALA C 489 -12.32 12.90 -23.21
C ALA C 489 -12.53 11.52 -22.60
N THR C 490 -11.47 10.95 -22.05
CA THR C 490 -11.54 9.64 -21.41
C THR C 490 -12.12 9.74 -20.01
N VAL C 491 -13.34 9.22 -19.84
CA VAL C 491 -14.02 9.24 -18.56
C VAL C 491 -13.88 7.90 -17.85
N THR C 492 -13.37 7.93 -16.62
CA THR C 492 -13.23 6.74 -15.79
C THR C 492 -14.17 6.78 -14.60
N LEU C 493 -15.07 5.79 -14.54
CA LEU C 493 -16.01 5.67 -13.43
C LEU C 493 -15.54 4.58 -12.45
N VAL C 494 -15.28 4.99 -11.21
CA VAL C 494 -14.79 4.08 -10.18
C VAL C 494 -15.86 3.86 -9.10
N PRO C 495 -16.42 2.65 -9.04
CA PRO C 495 -17.43 2.39 -8.00
C PRO C 495 -16.81 2.32 -6.61
N ARG C 496 -17.51 2.85 -5.60
CA ARG C 496 -17.00 2.87 -4.23
C ARG C 496 -17.85 2.00 -3.31
N THR C 497 -19.17 2.12 -3.43
CA THR C 497 -20.08 1.33 -2.61
C THR C 497 -21.48 1.30 -3.20
N GLY C 498 -22.13 0.15 -3.09
CA GLY C 498 -23.49 -0.02 -3.58
C GLY C 498 -23.62 0.05 -5.09
N CYS C 499 -22.54 -0.27 -5.81
CA CYS C 499 -22.53 -0.19 -7.27
C CYS C 499 -22.64 -1.55 -7.95
N GLU C 500 -22.83 -2.60 -7.17
CA GLU C 500 -22.87 -3.96 -7.72
C GLU C 500 -23.97 -4.12 -8.77
N ASP C 501 -25.12 -3.49 -8.52
CA ASP C 501 -26.26 -3.59 -9.42
C ASP C 501 -26.48 -2.29 -10.18
N LEU C 502 -25.57 -1.34 -9.98
CA LEU C 502 -25.70 -0.03 -10.62
C LEU C 502 -25.35 -0.12 -12.10
N THR C 503 -26.09 0.61 -12.92
CA THR C 503 -25.83 0.67 -14.35
C THR C 503 -25.92 2.11 -14.85
N VAL C 504 -25.17 2.40 -15.90
CA VAL C 504 -25.20 3.71 -16.54
C VAL C 504 -25.74 3.56 -17.96
N GLY C 505 -26.74 4.38 -18.28
CA GLY C 505 -27.44 4.27 -19.55
C GLY C 505 -26.87 5.16 -20.64
N GLU C 506 -26.31 6.31 -20.25
CA GLU C 506 -25.82 7.28 -21.22
C GLU C 506 -24.74 8.20 -20.66
N ILE C 507 -23.73 8.48 -21.48
CA ILE C 507 -22.66 9.41 -21.13
C ILE C 507 -22.40 10.33 -22.32
N LYS C 508 -22.36 11.64 -22.06
CA LYS C 508 -22.12 12.60 -23.14
C LYS C 508 -21.66 13.95 -22.61
N ILE C 509 -20.94 14.69 -23.45
CA ILE C 509 -20.49 16.05 -23.13
C ILE C 509 -21.24 17.05 -24.00
N GLU C 510 -21.74 18.11 -23.36
CA GLU C 510 -22.52 19.13 -24.06
C GLU C 510 -22.10 20.52 -23.63
N LEU C 511 -22.27 21.48 -24.55
CA LEU C 511 -22.04 22.88 -24.23
C LEU C 511 -23.28 23.49 -23.63
N VAL C 512 -23.18 23.90 -22.37
CA VAL C 512 -24.29 24.52 -21.65
C VAL C 512 -24.07 26.03 -21.58
N PRO C 513 -24.96 26.82 -22.21
CA PRO C 513 -24.80 28.28 -22.12
C PRO C 513 -24.93 28.80 -20.70
N ILE C 514 -24.05 29.73 -20.32
CA ILE C 514 -24.08 30.31 -18.98
C ILE C 514 -25.20 31.34 -18.93
N PRO C 515 -26.19 31.14 -18.04
CA PRO C 515 -27.28 32.13 -17.97
C PRO C 515 -26.83 33.46 -17.37
N LYS C 516 -27.41 34.55 -17.87
CA LYS C 516 -27.06 35.90 -17.42
C LYS C 516 -28.16 36.47 -16.55
N ALA D 1 44.50 21.83 3.95
CA ALA D 1 44.65 22.69 5.16
C ALA D 1 43.34 22.73 5.95
N PRO D 2 43.00 21.62 6.61
CA PRO D 2 41.73 21.53 7.34
C PRO D 2 41.71 22.38 8.61
N ILE D 3 40.54 22.92 8.94
CA ILE D 3 40.35 23.66 10.18
C ILE D 3 40.53 22.72 11.38
N THR D 4 41.38 23.13 12.31
CA THR D 4 41.69 22.31 13.48
C THR D 4 41.55 23.11 14.76
N ALA D 5 40.65 22.67 15.63
CA ALA D 5 40.46 23.33 16.92
C ALA D 5 41.71 23.17 17.78
N PRO D 6 42.14 24.26 18.45
CA PRO D 6 43.35 24.20 19.28
C PRO D 6 43.07 23.57 20.64
N ASP D 7 44.03 23.68 21.56
CA ASP D 7 43.81 23.32 22.95
C ASP D 7 42.80 24.31 23.54
N ILE D 8 41.52 23.93 23.51
CA ILE D 8 40.44 24.82 23.88
C ILE D 8 40.53 25.28 25.34
N THR D 9 41.27 24.53 26.15
CA THR D 9 41.43 24.88 27.57
C THR D 9 42.62 25.82 27.79
N SER D 10 43.47 25.96 26.78
CA SER D 10 44.65 26.82 26.88
C SER D 10 44.45 28.12 26.11
N ILE D 11 44.14 27.99 24.82
CA ILE D 11 43.98 29.15 23.94
C ILE D 11 42.50 29.43 23.68
N CYS D 12 41.99 30.49 24.29
CA CYS D 12 40.61 30.90 24.11
C CYS D 12 40.40 32.34 24.53
N LYS D 13 39.37 32.98 23.99
CA LYS D 13 39.04 34.36 24.32
C LYS D 13 37.53 34.55 24.41
N ASP D 14 37.11 35.59 25.13
CA ASP D 14 35.69 35.88 25.28
C ASP D 14 35.07 36.18 23.93
N ALA D 15 33.81 35.77 23.76
CA ALA D 15 33.10 35.98 22.52
C ALA D 15 32.96 37.47 22.22
N SER D 16 33.40 37.86 21.02
CA SER D 16 33.36 39.26 20.60
C SER D 16 32.78 39.38 19.19
N SER D 17 32.19 38.29 18.72
CA SER D 17 31.61 38.22 17.37
C SER D 17 30.16 37.78 17.43
N GLY D 18 29.34 38.30 16.54
CA GLY D 18 27.95 37.89 16.44
C GLY D 18 27.06 38.39 17.56
N ILE D 19 27.52 39.41 18.26
CA ILE D 19 26.75 40.01 19.34
C ILE D 19 26.66 41.52 19.13
N GLY D 20 25.54 41.98 18.57
CA GLY D 20 25.36 43.37 18.21
C GLY D 20 25.40 44.32 19.39
N ASN D 21 24.74 43.93 20.49
CA ASN D 21 24.68 44.75 21.70
C ASN D 21 25.22 44.02 22.91
N GLN D 22 26.53 44.16 23.14
CA GLN D 22 27.19 43.48 24.25
C GLN D 22 26.91 44.17 25.59
N GLU D 23 26.75 45.49 25.55
CA GLU D 23 26.46 46.27 26.75
C GLU D 23 25.04 46.00 27.25
N ALA D 25 23.48 42.84 27.02
CA ALA D 25 23.48 41.40 26.83
C ALA D 25 23.18 40.68 28.13
N ILE D 26 22.09 39.92 28.15
CA ILE D 26 21.62 39.26 29.37
C ILE D 26 22.51 38.08 29.78
N ARG D 27 23.11 37.40 28.81
CA ARG D 27 24.01 36.29 29.10
C ARG D 27 25.47 36.73 29.03
N THR D 28 26.36 35.88 29.52
CA THR D 28 27.79 36.19 29.55
C THR D 28 28.45 35.91 28.20
N ARG D 29 29.54 36.62 27.92
CA ARG D 29 30.33 36.42 26.72
C ARG D 29 31.57 35.58 27.00
N LYS D 30 31.77 35.21 28.27
CA LYS D 30 32.88 34.36 28.66
C LYS D 30 32.57 32.89 28.39
N CYS D 31 32.73 32.47 27.14
CA CYS D 31 32.33 31.13 26.71
C CYS D 31 33.49 30.14 26.71
N CYS D 32 34.62 30.52 27.27
CA CYS D 32 35.78 29.62 27.32
C CYS D 32 35.51 28.45 28.26
N PRO D 33 36.01 27.25 27.90
CA PRO D 33 35.75 26.06 28.72
C PRO D 33 36.65 25.97 29.94
N PRO D 34 36.26 25.17 30.94
CA PRO D 34 37.10 24.99 32.13
C PRO D 34 38.44 24.36 31.80
N SER D 35 39.50 24.78 32.50
CA SER D 35 40.82 24.19 32.33
C SER D 35 41.11 23.23 33.47
N LEU D 36 40.92 21.94 33.22
CA LEU D 36 41.10 20.91 34.23
C LEU D 36 42.43 20.16 34.07
N GLY D 37 43.32 20.70 33.25
CA GLY D 37 44.62 20.10 33.04
C GLY D 37 44.53 18.73 32.38
N LYS D 38 43.53 18.55 31.53
CA LYS D 38 43.33 17.29 30.84
C LYS D 38 44.13 17.26 29.54
N LYS D 39 44.57 16.07 29.15
CA LYS D 39 45.26 15.87 27.87
C LYS D 39 44.24 15.47 26.81
N ILE D 40 44.34 16.08 25.63
CA ILE D 40 43.41 15.79 24.53
C ILE D 40 43.62 14.37 24.02
N LYS D 41 42.61 13.53 24.21
CA LYS D 41 42.67 12.14 23.77
C LYS D 41 42.06 12.00 22.37
N ASP D 42 42.52 10.99 21.65
CA ASP D 42 41.99 10.69 20.32
C ASP D 42 40.63 10.03 20.44
N PHE D 43 39.76 10.27 19.47
CA PHE D 43 38.41 9.71 19.49
C PHE D 43 38.43 8.21 19.28
N GLN D 44 37.53 7.53 19.99
CA GLN D 44 37.32 6.10 19.80
C GLN D 44 35.83 5.81 19.72
N PHE D 45 35.43 5.02 18.73
CA PHE D 45 34.02 4.73 18.51
C PHE D 45 33.43 4.01 19.73
N PRO D 46 32.17 4.33 20.06
CA PRO D 46 31.53 3.74 21.25
C PRO D 46 31.28 2.24 21.12
N ASN D 47 31.38 1.52 22.22
CA ASN D 47 31.14 0.08 22.24
C ASN D 47 29.77 -0.23 22.85
N ASP D 48 28.83 0.68 22.66
CA ASP D 48 27.48 0.53 23.20
C ASP D 48 26.81 -0.71 22.64
N LYS D 49 26.06 -1.42 23.48
CA LYS D 49 25.36 -2.63 23.06
C LYS D 49 24.15 -2.27 22.19
N LYS D 50 23.31 -1.38 22.70
CA LYS D 50 22.11 -0.95 21.99
C LYS D 50 22.31 0.42 21.36
N VAL D 51 21.50 0.73 20.35
CA VAL D 51 21.54 2.01 19.66
C VAL D 51 20.54 3.00 20.26
N ARG D 52 21.02 4.19 20.59
CA ARG D 52 20.14 5.23 21.12
C ARG D 52 19.13 5.70 20.08
N MET D 53 17.85 5.49 20.36
CA MET D 53 16.78 5.88 19.45
C MET D 53 16.17 7.20 19.88
N ARG D 54 16.53 8.27 19.15
CA ARG D 54 15.98 9.59 19.42
C ARG D 54 14.50 9.63 19.02
N TRP D 55 13.70 10.34 19.81
CA TRP D 55 12.25 10.26 19.70
C TRP D 55 11.64 11.61 19.34
N PRO D 56 10.49 11.59 18.65
CA PRO D 56 9.81 12.87 18.35
C PRO D 56 9.37 13.58 19.62
N ALA D 57 9.68 14.87 19.73
CA ALA D 57 9.41 15.63 20.94
C ALA D 57 7.92 15.70 21.26
N HIS D 58 7.08 15.39 20.28
CA HIS D 58 5.64 15.47 20.43
C HIS D 58 4.98 14.09 20.52
N LYS D 59 5.81 13.04 20.48
CA LYS D 59 5.30 11.67 20.60
C LYS D 59 6.23 10.82 21.46
N GLY D 60 6.59 11.33 22.62
CA GLY D 60 7.49 10.63 23.53
C GLY D 60 6.72 9.84 24.58
N THR D 61 7.30 8.71 24.99
CA THR D 61 6.71 7.91 26.07
C THR D 61 6.95 8.61 27.40
N LYS D 62 6.25 8.17 28.43
CA LYS D 62 6.41 8.76 29.76
C LYS D 62 7.85 8.61 30.23
N LYS D 63 8.45 7.47 29.93
CA LYS D 63 9.82 7.19 30.34
C LYS D 63 10.80 8.10 29.60
N GLN D 64 10.59 8.25 28.29
CA GLN D 64 11.46 9.08 27.45
C GLN D 64 11.48 10.52 27.92
N VAL D 65 10.30 11.07 28.22
CA VAL D 65 10.18 12.46 28.66
C VAL D 65 10.77 12.63 30.06
N ASP D 66 10.43 11.73 30.97
CA ASP D 66 10.93 11.81 32.34
C ASP D 66 12.44 11.68 32.38
N ASP D 67 12.98 10.74 31.61
CA ASP D 67 14.43 10.55 31.53
C ASP D 67 15.12 11.82 31.01
N TYR D 68 14.50 12.45 30.02
CA TYR D 68 15.04 13.67 29.44
C TYR D 68 14.94 14.84 30.42
N ARG D 69 13.79 14.98 31.07
CA ARG D 69 13.59 16.02 32.06
C ARG D 69 14.55 15.84 33.24
N ARG D 70 14.71 14.60 33.67
CA ARG D 70 15.58 14.27 34.79
C ARG D 70 17.04 14.56 34.48
N ALA D 71 17.43 14.34 33.22
CA ALA D 71 18.80 14.56 32.80
C ALA D 71 19.18 16.04 32.75
N ILE D 72 18.29 16.86 32.18
CA ILE D 72 18.54 18.30 32.10
C ILE D 72 18.59 18.91 33.49
N ALA D 73 17.69 18.48 34.37
CA ALA D 73 17.68 18.95 35.74
C ALA D 73 19.00 18.63 36.43
N ALA D 74 19.53 17.45 36.15
CA ALA D 74 20.81 17.02 36.70
C ALA D 74 21.93 17.89 36.15
N MET D 75 21.84 18.19 34.85
CA MET D 75 22.85 19.02 34.20
C MET D 75 22.80 20.44 34.76
N ARG D 76 21.59 20.94 35.02
CA ARG D 76 21.41 22.26 35.60
C ARG D 76 21.92 22.32 37.04
N ALA D 77 22.00 21.17 37.69
CA ALA D 77 22.38 21.12 39.10
C ALA D 77 23.88 21.20 39.31
N LEU D 78 24.66 20.92 38.27
CA LEU D 78 26.12 20.92 38.39
C LEU D 78 26.67 22.33 38.56
N PRO D 79 27.87 22.44 39.15
CA PRO D 79 28.51 23.76 39.21
C PRO D 79 28.87 24.25 37.81
N ASP D 80 28.83 25.55 37.58
CA ASP D 80 29.14 26.11 36.27
C ASP D 80 30.54 25.73 35.80
N ASP D 81 31.44 25.55 36.75
CA ASP D 81 32.83 25.21 36.43
C ASP D 81 32.96 23.80 35.85
N ASP D 82 31.91 22.99 36.00
CA ASP D 82 31.93 21.63 35.47
C ASP D 82 31.71 21.67 33.96
N PRO D 83 32.60 21.00 33.19
CA PRO D 83 32.44 21.00 31.72
C PRO D 83 31.12 20.39 31.27
N ARG D 84 30.55 19.53 32.10
CA ARG D 84 29.32 18.81 31.78
C ARG D 84 28.06 19.58 32.20
N SER D 85 28.26 20.77 32.78
CA SER D 85 27.14 21.55 33.32
C SER D 85 26.31 22.21 32.22
N PHE D 86 25.11 22.64 32.59
CA PHE D 86 24.21 23.32 31.66
C PHE D 86 24.86 24.54 31.03
N VAL D 87 25.50 25.35 31.86
CA VAL D 87 26.15 26.57 31.40
C VAL D 87 27.34 26.24 30.49
N SER D 88 28.16 25.28 30.90
CA SER D 88 29.34 24.91 30.15
C SER D 88 28.99 24.40 28.76
N GLN D 89 27.95 23.57 28.68
CA GLN D 89 27.50 23.02 27.40
C GLN D 89 26.98 24.13 26.49
N ALA D 90 26.28 25.09 27.07
CA ALA D 90 25.76 26.22 26.30
C ALA D 90 26.92 27.06 25.76
N LYS D 91 27.96 27.20 26.57
CA LYS D 91 29.12 27.99 26.20
C LYS D 91 29.91 27.37 25.04
N ILE D 92 29.80 26.05 24.88
CA ILE D 92 30.48 25.37 23.77
C ILE D 92 30.06 25.99 22.45
N HIS D 93 28.75 26.20 22.28
CA HIS D 93 28.23 26.77 21.06
C HIS D 93 28.75 28.19 20.85
N CYS D 94 28.81 28.95 21.93
CA CYS D 94 29.27 30.34 21.84
C CYS D 94 30.72 30.43 21.41
N ALA D 95 31.58 29.62 22.01
CA ALA D 95 33.01 29.65 21.72
C ALA D 95 33.30 29.33 20.25
N TYR D 96 32.56 28.37 19.71
CA TYR D 96 32.80 27.91 18.35
C TYR D 96 32.12 28.81 17.32
N CYS D 97 31.06 29.49 17.72
CA CYS D 97 30.26 30.28 16.79
C CYS D 97 30.52 31.78 16.90
N ASN D 98 31.28 32.19 17.91
CA ASN D 98 31.54 33.62 18.14
C ASN D 98 33.02 33.93 18.31
N GLY D 99 33.87 33.17 17.63
CA GLY D 99 35.29 33.46 17.56
C GLY D 99 35.99 33.29 18.90
N GLY D 100 35.71 32.17 19.57
CA GLY D 100 36.38 31.86 20.82
C GLY D 100 37.79 31.33 20.57
N TYR D 101 37.94 30.54 19.52
CA TYR D 101 39.22 29.90 19.21
C TYR D 101 39.81 30.48 17.92
N THR D 102 41.08 30.18 17.68
CA THR D 102 41.78 30.65 16.50
C THR D 102 42.42 29.48 15.74
N GLN D 103 42.86 29.75 14.52
CA GLN D 103 43.51 28.75 13.69
C GLN D 103 45.01 28.68 13.98
N VAL D 104 45.36 28.79 15.26
CA VAL D 104 46.76 28.84 15.67
C VAL D 104 47.47 27.51 15.39
N ASP D 105 46.75 26.41 15.56
CA ASP D 105 47.33 25.09 15.32
C ASP D 105 47.61 24.89 13.84
N SER D 106 46.90 25.64 13.00
CA SER D 106 47.08 25.57 11.56
C SER D 106 48.09 26.62 11.07
N GLY D 107 48.64 27.39 12.00
CA GLY D 107 49.64 28.39 11.69
C GLY D 107 49.06 29.76 11.38
N PHE D 108 47.88 30.03 11.95
CA PHE D 108 47.21 31.31 11.74
C PHE D 108 46.58 31.80 13.05
N PRO D 109 47.41 32.28 13.98
CA PRO D 109 46.91 32.68 15.31
C PRO D 109 46.05 33.95 15.27
N ASP D 110 46.11 34.69 14.18
CA ASP D 110 45.34 35.93 14.05
C ASP D 110 44.01 35.71 13.33
N ILE D 111 43.65 34.45 13.11
CA ILE D 111 42.40 34.10 12.42
C ILE D 111 41.50 33.26 13.31
N ASP D 112 40.30 33.77 13.56
CA ASP D 112 39.32 33.04 14.38
C ASP D 112 38.70 31.86 13.63
N ILE D 113 38.20 30.90 14.39
CA ILE D 113 37.48 29.76 13.85
C ILE D 113 35.97 30.02 13.89
N GLN D 114 35.30 29.72 12.78
CA GLN D 114 33.85 29.86 12.68
C GLN D 114 33.26 28.64 11.98
N ILE D 115 32.59 27.78 12.75
CA ILE D 115 32.03 26.56 12.20
C ILE D 115 30.77 26.83 11.38
N HIS D 116 30.10 27.95 11.67
CA HIS D 116 28.90 28.32 10.93
C HIS D 116 29.25 28.88 9.56
N ASN D 117 28.24 29.02 8.72
CA ASN D 117 28.41 29.61 7.39
C ASN D 117 29.44 28.83 6.56
N SER D 118 29.50 27.52 6.77
CA SER D 118 30.45 26.69 6.05
C SER D 118 30.02 25.23 6.06
N TRP D 119 30.80 24.38 5.40
CA TRP D 119 30.51 22.95 5.34
C TRP D 119 30.78 22.25 6.66
N LEU D 120 31.30 23.00 7.64
CA LEU D 120 31.53 22.46 8.98
C LEU D 120 30.26 22.50 9.83
N PHE D 121 29.23 23.17 9.33
CA PHE D 121 27.98 23.38 10.06
C PHE D 121 27.38 22.07 10.56
N PHE D 122 27.07 21.16 9.64
CA PHE D 122 26.44 19.90 10.01
C PHE D 122 27.28 19.00 10.91
N PRO D 123 28.53 18.70 10.49
CA PRO D 123 29.32 17.76 11.31
C PRO D 123 29.62 18.29 12.71
N PHE D 124 29.85 19.59 12.84
CA PHE D 124 30.14 20.16 14.16
C PHE D 124 28.99 19.94 15.11
N HIS D 125 27.78 20.29 14.66
CA HIS D 125 26.60 20.18 15.52
C HIS D 125 26.24 18.73 15.78
N ARG D 126 26.64 17.84 14.87
CA ARG D 126 26.43 16.41 15.08
C ARG D 126 27.31 15.92 16.22
N TRP D 127 28.58 16.32 16.21
CA TRP D 127 29.50 16.00 17.29
C TRP D 127 29.08 16.69 18.57
N TYR D 128 28.64 17.93 18.43
CA TYR D 128 28.16 18.72 19.56
C TYR D 128 27.07 17.96 20.32
N LEU D 129 26.06 17.50 19.59
CA LEU D 129 24.96 16.76 20.19
C LEU D 129 25.40 15.37 20.66
N TYR D 130 26.36 14.78 19.96
CA TYR D 130 26.83 13.45 20.29
C TYR D 130 27.32 13.37 21.73
N PHE D 131 28.24 14.26 22.10
CA PHE D 131 28.77 14.28 23.45
C PHE D 131 27.73 14.79 24.45
N TYR D 132 26.99 15.81 24.04
CA TYR D 132 25.92 16.38 24.85
C TYR D 132 24.93 15.29 25.26
N GLU D 133 24.61 14.42 24.31
CA GLU D 133 23.66 13.32 24.55
C GLU D 133 24.25 12.28 25.51
N ARG D 134 25.52 11.95 25.32
CA ARG D 134 26.18 10.94 26.16
C ARG D 134 26.45 11.47 27.56
N ILE D 135 26.64 12.78 27.69
CA ILE D 135 26.81 13.40 28.99
C ILE D 135 25.51 13.28 29.78
N LEU D 136 24.41 13.68 29.14
CA LEU D 136 23.09 13.59 29.76
C LEU D 136 22.79 12.15 30.16
N GLY D 137 23.22 11.21 29.34
CA GLY D 137 22.99 9.80 29.60
C GLY D 137 23.71 9.32 30.84
N SER D 138 24.93 9.81 31.06
CA SER D 138 25.73 9.37 32.19
C SER D 138 25.28 10.04 33.48
N LEU D 139 24.66 11.21 33.37
CA LEU D 139 24.21 11.96 34.53
C LEU D 139 23.04 11.29 35.24
N ILE D 140 22.34 10.40 34.51
CA ILE D 140 21.19 9.70 35.06
C ILE D 140 21.35 8.18 34.97
N ASP D 141 22.58 7.74 34.73
CA ASP D 141 22.89 6.31 34.67
C ASP D 141 22.02 5.58 33.66
N GLU D 142 21.75 6.23 32.54
CA GLU D 142 21.01 5.63 31.43
C GLU D 142 21.93 5.39 30.24
N PRO D 143 22.41 4.14 30.06
CA PRO D 143 23.30 3.88 28.93
C PRO D 143 22.60 3.99 27.58
N ASN D 144 21.29 3.82 27.58
CA ASN D 144 20.51 3.86 26.35
C ASN D 144 19.73 5.18 26.20
N PHE D 145 20.20 6.22 26.89
CA PHE D 145 19.53 7.52 26.86
C PHE D 145 19.57 8.13 25.46
N ALA D 146 18.48 8.75 25.06
CA ALA D 146 18.38 9.36 23.73
C ALA D 146 17.65 10.70 23.78
N LEU D 147 18.21 11.69 23.09
CA LEU D 147 17.59 13.01 22.99
C LEU D 147 16.28 12.94 22.21
N PRO D 148 15.34 13.85 22.50
CA PRO D 148 14.24 14.05 21.57
C PRO D 148 14.69 14.93 20.40
N TYR D 149 13.87 15.04 19.36
CA TYR D 149 14.14 15.96 18.27
C TYR D 149 12.86 16.67 17.85
N TRP D 150 12.97 17.96 17.57
CA TRP D 150 11.82 18.78 17.19
C TRP D 150 11.44 18.46 15.75
N LYS D 151 10.44 17.61 15.59
CA LYS D 151 10.03 17.13 14.28
C LYS D 151 9.12 18.13 13.56
N TRP D 152 9.67 19.29 13.21
CA TRP D 152 8.88 20.32 12.55
C TRP D 152 8.71 20.07 11.04
N ASP D 153 9.19 18.92 10.57
CA ASP D 153 8.90 18.49 9.21
C ASP D 153 7.62 17.64 9.18
N GLU D 154 6.92 17.62 10.32
CA GLU D 154 5.66 16.90 10.45
C GLU D 154 4.63 17.79 11.16
N PRO D 155 3.42 17.92 10.58
CA PRO D 155 2.41 18.87 11.08
C PRO D 155 2.20 18.89 12.60
N LYS D 156 1.93 17.75 13.21
CA LYS D 156 1.63 17.71 14.64
C LYS D 156 2.86 18.03 15.50
N GLY D 157 4.04 17.95 14.90
CA GLY D 157 5.27 18.22 15.61
C GLY D 157 5.82 19.62 15.34
N MET D 158 5.10 20.41 14.55
CA MET D 158 5.56 21.74 14.16
C MET D 158 5.47 22.75 15.30
N PRO D 159 4.36 22.73 16.06
CA PRO D 159 4.34 23.62 17.23
C PRO D 159 5.36 23.16 18.27
N ILE D 160 5.86 24.08 19.09
CA ILE D 160 6.77 23.70 20.17
C ILE D 160 6.08 22.71 21.09
N SER D 161 6.73 21.58 21.32
CA SER D 161 6.19 20.56 22.20
C SER D 161 5.93 21.14 23.59
N ASN D 162 4.82 20.74 24.21
CA ASN D 162 4.41 21.30 25.49
C ASN D 162 5.34 20.93 26.64
N ILE D 163 6.25 20.00 26.38
CA ILE D 163 7.21 19.58 27.40
C ILE D 163 8.20 20.71 27.70
N PHE D 164 8.30 21.66 26.78
CA PHE D 164 9.20 22.80 26.94
C PHE D 164 8.48 24.00 27.56
N LEU D 165 7.17 23.90 27.73
CA LEU D 165 6.37 25.03 28.19
C LEU D 165 6.15 24.98 29.70
N GLY D 166 5.40 25.94 30.22
CA GLY D 166 5.12 26.05 31.63
C GLY D 166 5.87 27.21 32.28
N ASP D 167 6.66 26.89 33.30
CA ASP D 167 7.41 27.90 34.04
C ASP D 167 8.78 27.36 34.46
N ALA D 168 9.50 28.14 35.27
CA ALA D 168 10.87 27.81 35.65
C ALA D 168 10.97 26.47 36.40
N SER D 169 9.85 26.00 36.93
CA SER D 169 9.84 24.71 37.64
C SER D 169 10.08 23.57 36.65
N ASN D 170 9.85 23.83 35.37
CA ASN D 170 10.13 22.88 34.31
C ASN D 170 11.59 23.00 33.88
N PRO D 171 12.36 21.90 33.98
CA PRO D 171 13.77 22.00 33.56
C PRO D 171 13.95 22.38 32.10
N LEU D 172 12.97 22.03 31.26
CA LEU D 172 13.07 22.27 29.82
C LEU D 172 12.60 23.67 29.44
N TYR D 173 12.15 24.43 30.43
CA TYR D 173 11.61 25.76 30.20
C TYR D 173 12.72 26.82 30.07
N ASP D 174 12.41 27.88 29.34
CA ASP D 174 13.29 29.04 29.22
C ASP D 174 12.40 30.27 29.06
N GLN D 175 12.58 31.24 29.95
CA GLN D 175 11.75 32.45 29.94
C GLN D 175 12.03 33.31 28.72
N TYR D 176 13.25 33.23 28.19
CA TYR D 176 13.65 34.07 27.08
C TYR D 176 13.25 33.43 25.75
N ARG D 177 11.95 33.39 25.52
CA ARG D 177 11.36 32.95 24.27
C ARG D 177 10.30 33.93 23.86
N ASP D 178 9.95 33.95 22.57
CA ASP D 178 8.90 34.83 22.08
C ASP D 178 7.56 34.46 22.71
N ALA D 179 7.03 35.36 23.52
CA ALA D 179 5.77 35.11 24.22
C ALA D 179 4.63 34.88 23.24
N ASN D 180 4.72 35.50 22.07
CA ASN D 180 3.69 35.39 21.05
C ASN D 180 3.72 34.07 20.29
N HIS D 181 4.70 33.22 20.60
CA HIS D 181 4.92 32.00 19.85
C HIS D 181 4.87 30.74 20.71
N ILE D 182 4.78 30.92 22.03
CA ILE D 182 4.82 29.80 22.94
C ILE D 182 3.40 29.28 23.24
N GLU D 183 2.40 29.96 22.70
CA GLU D 183 1.01 29.61 22.96
C GLU D 183 0.50 28.56 21.98
N ASP D 184 1.18 27.42 21.94
CA ASP D 184 0.80 26.32 21.06
C ASP D 184 0.75 26.74 19.60
N ARG D 185 1.58 27.72 19.24
CA ARG D 185 1.60 28.25 17.88
C ARG D 185 2.47 27.41 16.96
N ILE D 186 2.07 27.32 15.69
CA ILE D 186 2.82 26.55 14.69
C ILE D 186 4.06 27.33 14.29
N VAL D 187 5.20 26.63 14.22
CA VAL D 187 6.45 27.27 13.84
C VAL D 187 6.41 27.74 12.40
N ASP D 188 7.09 28.84 12.11
CA ASP D 188 7.26 29.33 10.76
C ASP D 188 8.67 29.04 10.30
N LEU D 189 8.84 28.02 9.47
CA LEU D 189 10.16 27.61 9.02
C LEU D 189 10.74 28.59 7.98
N ASP D 190 9.97 29.62 7.64
CA ASP D 190 10.44 30.66 6.74
C ASP D 190 10.25 32.03 7.39
N TYR D 191 10.49 32.08 8.70
CA TYR D 191 10.32 33.28 9.50
C TYR D 191 11.30 34.38 9.10
N ASP D 192 10.84 35.64 9.11
CA ASP D 192 11.69 36.78 8.78
C ASP D 192 11.61 37.87 9.84
N GLY D 193 11.09 37.52 11.01
CA GLY D 193 10.99 38.46 12.12
C GLY D 193 9.58 38.94 12.42
N LYS D 194 8.70 38.86 11.41
CA LYS D 194 7.31 39.30 11.55
C LYS D 194 6.34 38.15 11.27
N ASP D 195 5.32 38.05 12.11
CA ASP D 195 4.30 37.01 11.96
C ASP D 195 3.47 37.21 10.69
N LYS D 196 3.07 36.09 10.08
CA LYS D 196 2.22 36.11 8.89
C LYS D 196 0.76 35.92 9.29
N ASP D 197 -0.11 36.72 8.70
CA ASP D 197 -1.55 36.60 8.97
C ASP D 197 -2.17 35.56 8.05
N ILE D 198 -1.70 34.32 8.15
CA ILE D 198 -2.22 33.22 7.34
C ILE D 198 -2.79 32.11 8.22
N PRO D 199 -3.70 31.29 7.67
CA PRO D 199 -4.28 30.18 8.43
C PRO D 199 -3.25 29.13 8.84
N ASP D 200 -3.58 28.32 9.83
CA ASP D 200 -2.70 27.23 10.26
C ASP D 200 -2.48 26.24 9.14
N GLN D 201 -3.54 25.95 8.38
CA GLN D 201 -3.44 25.04 7.24
C GLN D 201 -2.38 25.51 6.25
N GLN D 202 -2.38 26.80 5.97
CA GLN D 202 -1.42 27.38 5.02
C GLN D 202 0.01 27.29 5.56
N GLN D 203 0.18 27.55 6.86
CA GLN D 203 1.50 27.56 7.46
C GLN D 203 2.11 26.15 7.48
N VAL D 204 1.28 25.15 7.76
CA VAL D 204 1.73 23.77 7.75
C VAL D 204 2.11 23.36 6.32
N ALA D 205 1.27 23.73 5.37
CA ALA D 205 1.53 23.41 3.97
C ALA D 205 2.84 24.04 3.50
N CYS D 206 3.09 25.28 3.92
CA CYS D 206 4.29 25.99 3.52
C CYS D 206 5.52 25.48 4.27
N ASN D 207 5.32 25.06 5.51
CA ASN D 207 6.41 24.44 6.26
C ASN D 207 6.87 23.17 5.55
N LEU D 208 5.91 22.36 5.09
CA LEU D 208 6.23 21.14 4.36
C LEU D 208 6.96 21.49 3.06
N SER D 209 6.56 22.59 2.43
CA SER D 209 7.22 23.07 1.23
C SER D 209 8.62 23.56 1.53
N THR D 210 8.81 24.16 2.71
CA THR D 210 10.11 24.65 3.12
C THR D 210 11.11 23.50 3.28
N VAL D 211 10.66 22.41 3.89
CA VAL D 211 11.52 21.25 4.08
C VAL D 211 11.90 20.66 2.73
N TYR D 212 10.92 20.55 1.83
CA TYR D 212 11.18 20.04 0.49
C TYR D 212 12.15 20.96 -0.24
N ARG D 213 11.99 22.27 -0.03
CA ARG D 213 12.84 23.25 -0.69
C ARG D 213 14.29 23.13 -0.25
N ASP D 214 14.50 22.89 1.05
CA ASP D 214 15.85 22.82 1.61
C ASP D 214 16.54 21.49 1.29
N LEU D 215 15.75 20.44 1.15
CA LEU D 215 16.28 19.09 0.94
C LEU D 215 16.30 18.66 -0.53
N VAL D 216 15.44 19.25 -1.36
CA VAL D 216 15.32 18.85 -2.76
C VAL D 216 15.68 19.98 -3.71
N ARG D 217 14.88 21.05 -3.71
CA ARG D 217 15.05 22.14 -4.66
C ARG D 217 16.41 22.81 -4.57
N ASN D 218 16.84 23.13 -3.35
CA ASN D 218 18.09 23.85 -3.12
C ASN D 218 19.23 22.96 -2.62
N GLY D 219 18.88 21.84 -1.97
CA GLY D 219 19.87 20.89 -1.51
C GLY D 219 20.23 19.92 -2.63
N VAL D 220 20.72 20.47 -3.73
CA VAL D 220 20.92 19.71 -4.96
C VAL D 220 22.27 18.99 -5.01
N ASP D 221 23.25 19.49 -4.26
CA ASP D 221 24.58 18.89 -4.24
C ASP D 221 25.24 19.18 -2.89
N PRO D 222 26.39 18.53 -2.61
CA PRO D 222 27.00 18.71 -1.28
C PRO D 222 27.33 20.17 -0.96
N THR D 223 27.73 20.94 -1.95
CA THR D 223 28.07 22.34 -1.74
C THR D 223 26.85 23.18 -1.37
N SER D 224 25.73 22.91 -2.02
CA SER D 224 24.52 23.69 -1.78
C SER D 224 23.82 23.25 -0.51
N PHE D 225 24.07 22.01 -0.09
CA PHE D 225 23.42 21.47 1.10
C PHE D 225 24.25 21.71 2.36
N PHE D 226 25.50 21.24 2.36
CA PHE D 226 26.35 21.35 3.53
C PHE D 226 26.90 22.76 3.72
N GLY D 227 27.19 23.45 2.61
CA GLY D 227 27.77 24.77 2.65
C GLY D 227 29.09 24.82 1.92
N GLY D 228 29.62 26.03 1.75
CA GLY D 228 30.84 26.25 0.98
C GLY D 228 32.09 25.73 1.67
N LYS D 229 33.16 25.60 0.88
CA LYS D 229 34.44 25.13 1.39
C LYS D 229 35.08 26.12 2.34
N TYR D 230 35.62 25.63 3.45
CA TYR D 230 36.21 26.46 4.48
C TYR D 230 37.47 25.79 5.05
N VAL D 231 38.63 26.30 4.65
CA VAL D 231 39.92 25.74 5.05
C VAL D 231 40.72 26.73 5.89
N ALA D 232 41.81 26.25 6.47
CA ALA D 232 42.67 27.08 7.29
C ALA D 232 43.29 28.21 6.45
N GLY D 233 43.34 29.41 7.03
CA GLY D 233 43.85 30.58 6.34
C GLY D 233 42.75 31.48 5.84
N ASP D 234 41.55 30.93 5.68
CA ASP D 234 40.40 31.70 5.21
C ASP D 234 39.91 32.67 6.28
N SER D 235 39.91 33.95 5.94
CA SER D 235 39.44 35.01 6.85
C SER D 235 38.21 35.68 6.26
N PRO D 236 37.22 36.03 7.10
CA PRO D 236 36.04 36.74 6.60
C PRO D 236 36.35 38.17 6.18
N PRO D 242 32.30 32.41 1.82
CA PRO D 242 31.91 31.02 2.10
C PRO D 242 30.41 30.82 2.04
N SER D 243 29.93 30.28 0.93
CA SER D 243 28.50 30.01 0.72
C SER D 243 27.85 29.26 1.87
N VAL D 244 26.64 29.67 2.24
CA VAL D 244 25.89 29.02 3.30
C VAL D 244 25.01 27.93 2.71
N GLY D 245 24.83 26.84 3.44
CA GLY D 245 24.01 25.73 2.98
C GLY D 245 22.54 26.06 2.94
N SER D 246 21.75 25.20 2.30
CA SER D 246 20.32 25.44 2.15
C SER D 246 19.56 25.32 3.47
N VAL D 247 19.89 24.29 4.25
CA VAL D 247 19.21 24.06 5.52
C VAL D 247 19.59 25.14 6.52
N GLU D 248 20.89 25.39 6.66
CA GLU D 248 21.41 26.33 7.65
C GLU D 248 20.78 27.70 7.52
N ALA D 249 20.72 28.22 6.29
CA ALA D 249 20.18 29.54 6.04
C ALA D 249 18.67 29.52 5.86
N GLY D 250 18.07 28.33 5.92
CA GLY D 250 16.65 28.16 5.71
C GLY D 250 15.88 27.85 6.98
N SER D 251 15.35 26.63 7.06
CA SER D 251 14.53 26.23 8.19
C SER D 251 15.29 26.34 9.51
N HIS D 252 16.59 26.04 9.49
CA HIS D 252 17.41 26.12 10.68
C HIS D 252 17.43 27.51 11.29
N THR D 253 17.75 28.51 10.47
CA THR D 253 17.81 29.90 10.92
C THR D 253 16.43 30.40 11.35
N ALA D 254 15.40 29.96 10.64
CA ALA D 254 14.04 30.42 10.90
C ALA D 254 13.59 30.08 12.32
N VAL D 255 13.90 28.86 12.77
CA VAL D 255 13.48 28.41 14.09
C VAL D 255 14.17 29.22 15.18
N HIS D 256 15.45 29.53 14.97
CA HIS D 256 16.21 30.31 15.94
C HIS D 256 15.54 31.64 16.22
N ARG D 257 15.15 32.33 15.15
CA ARG D 257 14.56 33.66 15.28
C ARG D 257 13.10 33.58 15.72
N TRP D 258 12.46 32.45 15.47
CA TRP D 258 11.05 32.27 15.83
C TRP D 258 10.88 32.03 17.33
N VAL D 259 11.86 31.35 17.94
CA VAL D 259 11.78 31.02 19.35
C VAL D 259 12.36 32.15 20.20
N GLY D 260 13.44 32.77 19.74
CA GLY D 260 14.10 33.83 20.48
C GLY D 260 13.19 34.97 20.87
N ASP D 261 13.36 35.49 22.08
CA ASP D 261 12.54 36.57 22.59
C ASP D 261 12.94 37.91 21.95
N PRO D 262 12.06 38.48 21.11
CA PRO D 262 12.42 39.71 20.39
C PRO D 262 12.55 40.95 21.29
N THR D 263 12.07 40.85 22.52
CA THR D 263 12.14 41.98 23.46
C THR D 263 13.53 42.10 24.09
N GLN D 264 14.34 41.05 23.95
CA GLN D 264 15.68 41.04 24.53
C GLN D 264 16.68 41.73 23.59
N PRO D 265 17.81 42.23 24.14
CA PRO D 265 18.79 43.00 23.39
C PRO D 265 19.27 42.35 22.09
N ASN D 266 19.68 41.08 22.16
CA ASN D 266 20.15 40.35 20.99
C ASN D 266 19.22 39.20 20.65
N ASN D 267 17.93 39.39 20.90
CA ASN D 267 16.92 38.37 20.65
C ASN D 267 17.22 37.06 21.38
N GLU D 268 17.82 37.17 22.57
CA GLU D 268 18.13 35.99 23.37
C GLU D 268 16.85 35.22 23.69
N ASP D 269 16.93 33.90 23.86
CA ASP D 269 18.18 33.15 23.84
C ASP D 269 18.47 32.57 22.45
N MET D 270 17.45 32.04 21.80
CA MET D 270 17.60 31.33 20.53
C MET D 270 17.99 32.23 19.36
N GLY D 271 17.66 33.51 19.46
CA GLY D 271 17.86 34.44 18.36
C GLY D 271 19.31 34.77 18.07
N ASN D 272 20.21 34.28 18.91
CA ASN D 272 21.65 34.55 18.76
C ASN D 272 22.49 33.33 19.10
N PHE D 273 23.63 33.20 18.43
CA PHE D 273 24.52 32.05 18.63
C PHE D 273 25.04 31.98 20.07
N TYR D 274 25.39 33.13 20.63
CA TYR D 274 26.08 33.17 21.92
C TYR D 274 25.19 32.77 23.08
N SER D 275 23.87 32.81 22.87
CA SER D 275 22.91 32.56 23.95
C SER D 275 21.97 31.40 23.65
N ALA D 276 22.07 30.84 22.44
CA ALA D 276 21.15 29.79 22.01
C ALA D 276 21.21 28.55 22.90
N GLY D 277 22.40 28.21 23.38
CA GLY D 277 22.60 27.02 24.17
C GLY D 277 21.92 27.03 25.53
N TYR D 278 21.44 28.19 25.96
CA TYR D 278 20.79 28.32 27.25
C TYR D 278 19.33 27.89 27.20
N ASP D 279 18.80 27.71 26.00
CA ASP D 279 17.44 27.21 25.81
C ASP D 279 17.52 25.71 25.52
N PRO D 280 16.88 24.88 26.37
CA PRO D 280 16.94 23.43 26.14
C PRO D 280 16.47 23.00 24.76
N VAL D 281 15.55 23.75 24.16
CA VAL D 281 14.98 23.37 22.87
C VAL D 281 16.01 23.51 21.75
N PHE D 282 17.03 24.32 21.99
CA PHE D 282 18.10 24.52 21.02
C PHE D 282 18.71 23.21 20.54
N TYR D 283 19.05 22.35 21.49
CA TYR D 283 19.67 21.06 21.17
C TYR D 283 18.66 20.13 20.49
N ILE D 284 17.39 20.32 20.81
CA ILE D 284 16.33 19.49 20.25
C ILE D 284 16.00 19.96 18.84
N HIS D 285 16.18 21.25 18.59
CA HIS D 285 16.04 21.79 17.25
C HIS D 285 17.13 21.24 16.34
N HIS D 286 18.36 21.28 16.82
CA HIS D 286 19.50 20.80 16.03
C HIS D 286 19.52 19.30 15.89
N ALA D 287 18.81 18.60 16.77
CA ALA D 287 18.67 17.16 16.67
C ALA D 287 17.94 16.81 15.38
N ASN D 288 16.98 17.65 14.99
CA ASN D 288 16.25 17.44 13.75
C ASN D 288 17.05 17.96 12.56
N VAL D 289 17.80 19.05 12.77
CA VAL D 289 18.72 19.53 11.75
C VAL D 289 19.70 18.41 11.42
N ASP D 290 20.15 17.73 12.46
CA ASP D 290 21.03 16.57 12.31
C ASP D 290 20.32 15.47 11.53
N ARG D 291 19.00 15.37 11.72
CA ARG D 291 18.20 14.35 11.05
C ARG D 291 18.00 14.70 9.57
N MET D 292 18.02 15.99 9.23
CA MET D 292 17.90 16.42 7.85
C MET D 292 19.06 15.87 7.02
N TRP D 293 20.24 15.82 7.62
CA TRP D 293 21.42 15.24 7.00
C TRP D 293 21.15 13.79 6.63
N LYS D 294 20.60 13.03 7.58
CA LYS D 294 20.29 11.62 7.34
C LYS D 294 19.26 11.48 6.22
N LEU D 295 18.19 12.27 6.30
CA LEU D 295 17.11 12.21 5.31
C LEU D 295 17.60 12.62 3.92
N TRP D 296 18.46 13.62 3.88
CA TRP D 296 18.98 14.15 2.62
C TRP D 296 19.71 13.07 1.84
N LYS D 297 20.33 12.14 2.55
CA LYS D 297 21.04 11.04 1.93
C LYS D 297 20.11 9.88 1.62
N GLU D 298 19.12 9.66 2.48
CA GLU D 298 18.17 8.57 2.29
C GLU D 298 17.23 8.83 1.11
N LEU D 299 17.18 10.06 0.64
CA LEU D 299 16.39 10.41 -0.53
C LEU D 299 16.92 9.70 -1.77
N ARG D 300 18.22 9.43 -1.78
CA ARG D 300 18.86 8.71 -2.89
C ARG D 300 18.67 9.43 -4.21
N LEU D 301 18.58 10.75 -4.16
CA LEU D 301 18.50 11.57 -5.37
C LEU D 301 19.89 11.84 -5.90
N PRO D 302 20.02 12.17 -7.20
CA PRO D 302 21.35 12.47 -7.74
C PRO D 302 21.96 13.70 -7.06
N GLY D 303 23.24 13.59 -6.69
CA GLY D 303 23.94 14.69 -6.05
C GLY D 303 23.91 14.62 -4.53
N HIS D 304 23.04 13.78 -3.98
CA HIS D 304 22.93 13.64 -2.54
C HIS D 304 23.98 12.68 -2.00
N VAL D 305 25.22 13.14 -1.95
CA VAL D 305 26.34 12.34 -1.48
C VAL D 305 27.14 13.09 -0.42
N ASP D 306 27.97 12.37 0.33
CA ASP D 306 28.80 12.97 1.36
C ASP D 306 30.02 13.65 0.75
N ILE D 307 30.68 14.50 1.55
CA ILE D 307 31.88 15.19 1.12
C ILE D 307 33.08 14.26 1.24
N THR D 308 33.95 14.30 0.23
CA THR D 308 35.14 13.46 0.20
C THR D 308 36.42 14.29 0.19
N ASP D 309 36.26 15.61 0.20
CA ASP D 309 37.40 16.51 0.24
C ASP D 309 38.18 16.28 1.54
N PRO D 310 39.49 15.95 1.43
CA PRO D 310 40.29 15.71 2.64
C PRO D 310 40.31 16.88 3.61
N ASP D 311 40.18 18.09 3.09
CA ASP D 311 40.19 19.29 3.92
C ASP D 311 38.95 19.35 4.81
N TRP D 312 37.90 18.62 4.42
CA TRP D 312 36.69 18.50 5.23
C TRP D 312 36.81 17.31 6.17
N LEU D 313 37.18 16.16 5.62
CA LEU D 313 37.30 14.92 6.37
C LEU D 313 38.23 15.04 7.58
N ASN D 314 39.34 15.74 7.39
CA ASN D 314 40.37 15.84 8.43
C ASN D 314 40.23 17.06 9.33
N ALA D 315 39.20 17.87 9.10
CA ALA D 315 38.90 18.97 10.00
C ALA D 315 38.41 18.41 11.33
N SER D 316 38.79 19.05 12.44
CA SER D 316 38.48 18.51 13.77
C SER D 316 38.10 19.56 14.81
N TYR D 317 37.39 19.10 15.83
CA TYR D 317 37.00 19.94 16.95
C TYR D 317 37.34 19.23 18.26
N VAL D 318 37.20 19.95 19.38
CA VAL D 318 37.48 19.40 20.71
C VAL D 318 36.26 19.53 21.61
N PHE D 319 35.94 18.45 22.31
CA PHE D 319 34.81 18.42 23.24
C PHE D 319 35.17 17.68 24.51
N TYR D 320 34.49 18.03 25.60
CA TYR D 320 34.51 17.24 26.83
C TYR D 320 33.46 16.13 26.71
N ASP D 321 33.83 14.91 27.13
CA ASP D 321 32.90 13.80 27.12
C ASP D 321 32.32 13.56 28.52
N GLU D 322 31.58 12.47 28.67
CA GLU D 322 30.92 12.16 29.94
C GLU D 322 31.94 11.93 31.06
N ASN D 323 33.18 11.64 30.69
CA ASN D 323 34.24 11.35 31.66
C ASN D 323 35.13 12.56 31.92
N LYS D 324 34.66 13.74 31.56
CA LYS D 324 35.44 14.98 31.70
C LYS D 324 36.78 14.90 30.97
N ASP D 325 36.86 14.02 29.98
CA ASP D 325 38.06 13.89 29.15
C ASP D 325 37.94 14.77 27.91
N LEU D 326 39.05 15.40 27.54
CA LEU D 326 39.11 16.17 26.29
C LEU D 326 39.29 15.22 25.11
N VAL D 327 38.37 15.28 24.15
CA VAL D 327 38.40 14.40 22.99
C VAL D 327 38.41 15.21 21.70
N ARG D 328 39.36 14.87 20.82
CA ARG D 328 39.40 15.46 19.48
C ARG D 328 38.68 14.56 18.49
N VAL D 329 37.73 15.13 17.74
CA VAL D 329 36.93 14.37 16.78
C VAL D 329 37.07 14.96 15.38
N TYR D 330 36.99 14.10 14.36
CA TYR D 330 37.10 14.51 12.96
C TYR D 330 35.78 14.32 12.22
N ASN D 331 35.56 15.13 11.20
CA ASN D 331 34.33 15.04 10.40
C ASN D 331 34.15 13.68 9.74
N LYS D 332 35.25 13.05 9.35
CA LYS D 332 35.20 11.78 8.64
C LYS D 332 34.52 10.69 9.46
N ASP D 333 34.57 10.83 10.78
CA ASP D 333 34.11 9.77 11.68
C ASP D 333 32.66 9.93 12.15
N CYS D 334 31.96 10.93 11.64
CA CYS D 334 30.57 11.17 12.07
C CYS D 334 29.56 11.01 10.94
N VAL D 335 30.03 10.62 9.76
CA VAL D 335 29.15 10.47 8.60
C VAL D 335 28.19 9.30 8.79
N ASN D 336 28.65 8.28 9.52
CA ASN D 336 27.86 7.07 9.74
C ASN D 336 27.23 7.06 11.13
N LEU D 337 25.91 7.10 11.18
CA LEU D 337 25.18 7.13 12.45
C LEU D 337 25.27 5.80 13.20
N ASP D 338 25.36 4.70 12.46
CA ASP D 338 25.44 3.39 13.07
C ASP D 338 26.70 3.25 13.92
N LYS D 339 27.79 3.83 13.45
CA LYS D 339 29.05 3.78 14.19
C LYS D 339 28.98 4.64 15.45
N LEU D 340 28.24 5.73 15.38
CA LEU D 340 28.05 6.60 16.53
C LEU D 340 26.99 6.06 17.48
N LYS D 341 26.37 4.94 17.09
CA LYS D 341 25.43 4.22 17.95
C LYS D 341 24.24 5.06 18.36
N TYR D 342 23.59 5.71 17.40
CA TYR D 342 22.32 6.37 17.65
C TYR D 342 21.56 6.59 16.35
N ASN D 343 20.25 6.81 16.46
CA ASN D 343 19.43 7.09 15.30
C ASN D 343 18.13 7.78 15.70
N PHE D 344 17.20 7.88 14.75
CA PHE D 344 15.93 8.57 14.97
C PHE D 344 14.77 7.62 14.75
N ILE D 345 13.73 7.76 15.57
CA ILE D 345 12.51 6.96 15.41
C ILE D 345 11.64 7.58 14.31
N GLU D 346 11.52 6.87 13.20
CA GLU D 346 10.71 7.32 12.07
C GLU D 346 9.35 6.63 12.10
N ASN D 347 8.39 7.17 11.34
CA ASN D 347 7.07 6.55 11.26
C ASN D 347 7.11 5.28 10.41
N PHE D 352 7.12 10.23 4.09
CA PHE D 352 7.29 11.54 4.70
C PHE D 352 6.26 12.53 4.16
N PRO D 353 5.65 13.34 5.04
CA PRO D 353 4.57 14.23 4.59
C PRO D 353 5.03 15.38 3.70
N TRP D 354 6.35 15.60 3.63
CA TRP D 354 6.91 16.69 2.84
C TRP D 354 7.52 16.23 1.52
N ARG D 355 7.54 14.91 1.30
CA ARG D 355 8.22 14.34 0.15
C ARG D 355 7.65 14.85 -1.17
N ASN D 356 6.34 15.10 -1.19
CA ASN D 356 5.65 15.56 -2.39
C ASN D 356 5.10 16.96 -2.22
N SER D 357 5.82 17.78 -1.46
CA SER D 357 5.40 19.16 -1.21
C SER D 357 6.13 20.12 -2.14
N ARG D 358 6.34 19.67 -3.36
CA ARG D 358 6.84 20.55 -4.40
C ARG D 358 5.75 21.57 -4.72
N PRO D 359 6.12 22.84 -4.93
CA PRO D 359 5.10 23.84 -5.22
C PRO D 359 4.25 23.46 -6.43
N PRO D 360 2.95 23.78 -6.42
CA PRO D 360 2.08 23.41 -7.54
C PRO D 360 2.48 24.11 -8.84
N GLN D 361 2.28 23.42 -9.96
CA GLN D 361 2.58 23.97 -11.28
C GLN D 361 1.79 25.25 -11.51
N ARG D 362 2.49 26.29 -11.97
CA ARG D 362 1.86 27.55 -12.30
C ARG D 362 1.09 27.44 -13.60
N ARG D 363 -0.17 27.89 -13.59
CA ARG D 363 -0.98 27.89 -14.80
C ARG D 363 -0.55 29.02 -15.73
N LYS D 364 -0.46 28.71 -17.02
CA LYS D 364 -0.11 29.71 -18.02
C LYS D 364 -1.18 30.79 -18.10
N SER D 365 -2.41 30.42 -17.76
CA SER D 365 -3.54 31.35 -17.79
C SER D 365 -3.44 32.38 -16.66
N ALA D 366 -2.58 32.11 -15.69
CA ALA D 366 -2.38 33.00 -14.56
C ALA D 366 -1.17 33.91 -14.78
N GLN D 367 -0.47 33.69 -15.89
CA GLN D 367 0.76 34.42 -16.20
C GLN D 367 0.60 35.38 -17.37
N VAL D 368 1.40 36.45 -17.36
CA VAL D 368 1.47 37.40 -18.45
C VAL D 368 2.62 37.00 -19.37
N ALA D 369 2.84 37.77 -20.43
CA ALA D 369 3.93 37.48 -21.36
C ALA D 369 5.28 37.94 -20.81
N THR D 370 5.39 39.23 -20.50
CA THR D 370 6.66 39.77 -20.00
C THR D 370 6.51 41.23 -19.58
N ASP D 373 9.79 45.62 -18.76
CA ASP D 373 11.04 46.32 -19.04
C ASP D 373 11.95 46.31 -17.81
N VAL D 374 12.80 45.29 -17.73
CA VAL D 374 13.73 45.14 -16.61
C VAL D 374 15.16 45.03 -17.14
N LYS D 375 16.07 45.75 -16.52
CA LYS D 375 17.47 45.75 -16.95
C LYS D 375 18.14 44.41 -16.66
N THR D 376 19.12 44.06 -17.48
CA THR D 376 19.88 42.84 -17.31
C THR D 376 21.06 43.09 -16.38
N VAL D 377 21.76 42.02 -16.02
CA VAL D 377 22.93 42.12 -15.15
C VAL D 377 24.01 42.98 -15.81
N GLU D 378 24.14 42.84 -17.12
CA GLU D 378 25.14 43.57 -17.88
C GLU D 378 24.85 45.06 -17.92
N GLN D 379 23.57 45.41 -17.75
CA GLN D 379 23.13 46.81 -17.79
C GLN D 379 23.12 47.45 -16.40
N THR D 380 23.40 46.65 -15.38
CA THR D 380 23.35 47.11 -14.00
C THR D 380 24.74 47.31 -13.43
N LYS D 381 24.92 48.40 -12.70
CA LYS D 381 26.20 48.72 -12.06
C LYS D 381 26.30 48.08 -10.68
N PHE D 382 27.22 47.13 -10.55
CA PHE D 382 27.46 46.44 -9.28
C PHE D 382 28.65 47.06 -8.56
N PRO D 383 28.70 46.92 -7.21
CA PRO D 383 27.70 46.27 -6.36
C PRO D 383 26.43 47.09 -6.21
N VAL D 384 25.32 46.42 -5.95
CA VAL D 384 24.02 47.08 -5.76
C VAL D 384 23.59 46.98 -4.31
N ARG D 385 22.96 48.02 -3.81
CA ARG D 385 22.49 48.04 -2.43
C ARG D 385 21.05 47.54 -2.35
N LEU D 386 20.80 46.62 -1.43
CA LEU D 386 19.48 46.00 -1.30
C LEU D 386 18.65 46.71 -0.23
N ASN D 387 18.68 48.04 -0.25
CA ASN D 387 17.86 48.85 0.63
C ASN D 387 16.47 49.09 0.05
N GLN D 388 16.15 48.33 -0.99
CA GLN D 388 14.84 48.40 -1.63
C GLN D 388 14.68 47.18 -2.55
N ILE D 389 13.49 46.96 -3.06
CA ILE D 389 13.26 45.84 -3.96
C ILE D 389 14.07 46.01 -5.24
N PHE D 390 14.86 44.98 -5.57
CA PHE D 390 15.72 45.00 -6.74
C PHE D 390 15.40 43.86 -7.71
N LYS D 391 15.15 44.21 -8.98
CA LYS D 391 14.93 43.23 -10.03
C LYS D 391 15.98 43.34 -11.12
N VAL D 392 16.38 42.20 -11.66
CA VAL D 392 17.36 42.17 -12.74
C VAL D 392 17.19 40.86 -13.50
N ARG D 393 17.34 40.95 -14.82
CA ARG D 393 17.28 39.78 -15.68
C ARG D 393 18.66 39.15 -15.79
N VAL D 394 18.73 37.85 -15.51
CA VAL D 394 20.00 37.14 -15.53
C VAL D 394 20.02 36.15 -16.69
N LYS D 395 21.06 36.21 -17.48
CA LYS D 395 21.21 35.34 -18.64
C LYS D 395 21.48 33.91 -18.19
N ARG D 396 20.65 32.99 -18.66
CA ARG D 396 20.82 31.57 -18.34
C ARG D 396 21.90 30.96 -19.22
N PRO D 397 22.52 29.87 -18.74
CA PRO D 397 23.56 29.18 -19.52
C PRO D 397 22.99 28.35 -20.67
N ALA D 398 21.69 28.07 -20.63
CA ALA D 398 21.03 27.29 -21.68
C ALA D 398 19.52 27.36 -21.53
N VAL D 399 18.81 26.86 -22.53
CA VAL D 399 17.35 26.81 -22.51
C VAL D 399 16.88 25.47 -23.05
N ASN D 400 15.67 25.06 -22.67
CA ASN D 400 15.07 23.82 -23.15
C ASN D 400 15.96 22.60 -22.94
N ARG D 401 16.55 22.47 -21.76
CA ARG D 401 17.39 21.33 -21.44
C ARG D 401 16.55 20.06 -21.34
N THR D 402 17.09 18.97 -21.90
CA THR D 402 16.38 17.69 -21.91
C THR D 402 16.28 17.11 -20.52
N GLU D 403 15.46 16.06 -20.38
CA GLU D 403 15.31 15.37 -19.11
C GLU D 403 16.62 14.73 -18.69
N GLU D 404 17.40 14.29 -19.68
CA GLU D 404 18.68 13.66 -19.41
C GLU D 404 19.71 14.67 -18.91
N GLU D 405 19.71 15.87 -19.51
CA GLU D 405 20.66 16.92 -19.14
C GLU D 405 20.43 17.43 -17.72
N LYS D 406 19.16 17.56 -17.32
CA LYS D 406 18.83 18.08 -16.00
C LYS D 406 19.25 17.11 -14.89
N ASP D 407 19.36 15.83 -15.24
CA ASP D 407 19.79 14.80 -14.29
C ASP D 407 21.31 14.73 -14.19
N GLN D 408 22.00 15.50 -15.01
CA GLN D 408 23.47 15.48 -15.04
C GLN D 408 24.06 16.76 -14.46
N ALA D 409 23.27 17.83 -14.45
CA ALA D 409 23.73 19.12 -13.95
C ALA D 409 22.58 19.97 -13.45
N ASN D 410 22.82 20.71 -12.38
CA ASN D 410 21.85 21.63 -11.81
C ASN D 410 22.05 23.06 -12.31
N GLU D 411 20.95 23.69 -12.71
CA GLU D 411 20.97 25.11 -13.04
C GLU D 411 20.85 25.91 -11.75
N VAL D 412 21.95 26.53 -11.34
CA VAL D 412 22.03 27.17 -10.03
C VAL D 412 22.17 28.69 -10.11
N LEU D 413 21.26 29.39 -9.42
CA LEU D 413 21.36 30.84 -9.27
C LEU D 413 22.34 31.18 -8.16
N LEU D 414 23.37 31.93 -8.50
CA LEU D 414 24.40 32.32 -7.54
C LEU D 414 24.33 33.81 -7.23
N ILE D 415 24.11 34.13 -5.95
CA ILE D 415 24.16 35.50 -5.47
C ILE D 415 25.43 35.64 -4.64
N LYS D 416 26.46 36.22 -5.24
CA LYS D 416 27.79 36.27 -4.64
C LYS D 416 28.12 37.67 -4.09
N LYS D 417 29.17 37.72 -3.27
CA LYS D 417 29.64 38.98 -2.69
C LYS D 417 28.53 39.71 -1.93
N ILE D 418 27.82 38.98 -1.08
CA ILE D 418 26.77 39.56 -0.26
C ILE D 418 27.37 40.20 0.99
N LYS D 419 27.63 41.50 0.93
CA LYS D 419 28.23 42.23 2.05
C LYS D 419 27.17 42.91 2.91
N TYR D 420 27.36 42.81 4.23
CA TYR D 420 26.40 43.34 5.19
C TYR D 420 27.00 43.36 6.59
N ASP D 421 26.48 44.22 7.45
CA ASP D 421 26.85 44.22 8.86
C ASP D 421 26.16 43.06 9.56
N SER D 422 26.95 42.10 10.03
CA SER D 422 26.40 40.91 10.67
C SER D 422 26.20 41.15 12.17
N GLY D 423 26.08 42.42 12.54
CA GLY D 423 25.77 42.78 13.91
C GLY D 423 24.29 42.58 14.20
N LYS D 424 23.49 42.57 13.15
CA LYS D 424 22.04 42.37 13.27
C LYS D 424 21.58 41.23 12.38
N PHE D 425 20.34 40.79 12.59
CA PHE D 425 19.76 39.71 11.79
C PHE D 425 19.44 40.20 10.38
N VAL D 426 19.86 39.43 9.38
CA VAL D 426 19.66 39.80 7.99
C VAL D 426 18.88 38.72 7.25
N LYS D 427 17.94 39.17 6.40
CA LYS D 427 17.24 38.27 5.49
C LYS D 427 16.63 39.00 4.31
N PHE D 428 16.76 38.40 3.13
CA PHE D 428 16.03 38.85 1.96
C PHE D 428 15.53 37.63 1.19
N ASP D 429 14.39 37.77 0.53
CA ASP D 429 13.80 36.68 -0.24
C ASP D 429 14.18 36.76 -1.71
N VAL D 430 14.19 35.60 -2.36
CA VAL D 430 14.53 35.51 -3.78
C VAL D 430 13.37 34.91 -4.57
N PHE D 431 12.85 35.68 -5.52
CA PHE D 431 11.82 35.20 -6.43
C PHE D 431 12.34 35.17 -7.86
N VAL D 432 11.98 34.11 -8.59
CA VAL D 432 12.47 33.91 -9.95
C VAL D 432 11.31 33.71 -10.93
N ASN D 433 11.35 34.48 -12.01
CA ASN D 433 10.33 34.42 -13.07
C ASN D 433 8.91 34.62 -12.53
N ASP D 434 8.75 35.68 -11.73
CA ASP D 434 7.43 36.11 -11.28
C ASP D 434 6.77 36.95 -12.35
N LYS D 435 5.68 36.44 -12.92
CA LYS D 435 4.93 37.20 -13.91
C LYS D 435 3.44 36.86 -13.83
N LEU D 436 2.90 36.92 -12.63
CA LEU D 436 1.49 36.64 -12.40
C LEU D 436 0.63 37.83 -12.82
N LYS D 437 -0.57 37.54 -13.29
CA LYS D 437 -1.54 38.59 -13.61
C LYS D 437 -2.03 39.23 -12.34
N ASP D 438 -2.67 40.39 -12.46
CA ASP D 438 -3.28 41.06 -11.32
C ASP D 438 -4.52 40.29 -10.89
N GLY D 439 -4.64 40.03 -9.60
CA GLY D 439 -5.79 39.33 -9.05
C GLY D 439 -5.59 37.84 -8.88
N VAL D 440 -4.39 37.35 -9.21
CA VAL D 440 -4.05 35.95 -9.02
C VAL D 440 -3.72 35.69 -7.56
N PHE D 441 -4.35 34.67 -6.98
CA PHE D 441 -4.11 34.33 -5.58
C PHE D 441 -2.70 33.80 -5.39
N THR D 442 -1.99 34.32 -4.40
CA THR D 442 -0.62 33.94 -4.11
C THR D 442 -0.48 33.37 -2.70
N THR D 443 0.53 32.52 -2.51
CA THR D 443 0.84 31.95 -1.20
C THR D 443 2.32 32.14 -0.88
N PRO D 444 2.70 31.98 0.40
CA PRO D 444 4.11 32.10 0.78
C PRO D 444 5.00 30.99 0.24
N CYS D 445 4.40 29.99 -0.40
CA CYS D 445 5.14 28.84 -0.92
C CYS D 445 4.82 28.63 -2.41
N ASP D 446 4.83 29.72 -3.17
CA ASP D 446 4.60 29.66 -4.61
C ASP D 446 5.82 29.12 -5.34
N PRO D 447 5.63 28.62 -6.57
CA PRO D 447 6.76 28.08 -7.33
C PRO D 447 7.80 29.14 -7.67
N GLU D 448 7.38 30.39 -7.76
CA GLU D 448 8.29 31.49 -8.07
C GLU D 448 9.30 31.72 -6.94
N TYR D 449 8.94 31.30 -5.73
CA TYR D 449 9.80 31.50 -4.56
C TYR D 449 10.96 30.52 -4.55
N ALA D 450 12.17 31.03 -4.75
CA ALA D 450 13.37 30.19 -4.77
C ALA D 450 13.91 29.96 -3.36
N GLY D 451 13.43 30.75 -2.42
CA GLY D 451 13.92 30.71 -1.05
C GLY D 451 14.51 32.05 -0.66
N GLY D 452 15.33 32.05 0.39
CA GLY D 452 15.93 33.28 0.88
C GLY D 452 17.31 33.05 1.46
N PHE D 453 17.98 34.15 1.78
CA PHE D 453 19.28 34.11 2.45
C PHE D 453 19.15 34.76 3.82
N ALA D 454 19.18 33.96 4.86
CA ALA D 454 19.05 34.46 6.23
C ALA D 454 20.34 34.20 7.02
N GLN D 455 20.72 35.17 7.84
CA GLN D 455 21.96 35.08 8.60
C GLN D 455 21.77 35.59 10.04
N ILE D 456 21.97 34.69 11.00
CA ILE D 456 22.04 35.05 12.41
C ILE D 456 23.30 35.88 12.64
N PRO D 457 23.27 36.86 13.56
CA PRO D 457 24.44 37.74 13.72
C PRO D 457 25.75 37.00 14.00
N HIS D 458 26.75 37.28 13.16
CA HIS D 458 28.08 36.67 13.29
C HIS D 458 29.18 37.64 12.84
N ASN D 459 28.92 38.93 13.00
CA ASN D 459 29.89 39.96 12.59
C ASN D 459 31.23 39.82 13.33
N ASP D 460 32.32 39.79 12.56
CA ASP D 460 33.65 39.69 13.12
C ASP D 460 34.15 41.06 13.58
N LYS D 461 35.14 41.06 14.47
CA LYS D 461 35.71 42.29 15.00
C LYS D 461 36.37 43.11 13.88
N VAL D 465 31.88 44.28 8.35
CA VAL D 465 31.09 43.70 7.26
C VAL D 465 31.50 42.26 6.99
N MET D 466 30.50 41.40 6.81
CA MET D 466 30.72 39.99 6.51
C MET D 466 30.31 39.68 5.08
N THR D 467 30.96 38.71 4.46
CA THR D 467 30.68 38.34 3.08
C THR D 467 30.20 36.89 2.98
N SER D 468 29.15 36.69 2.19
CA SER D 468 28.54 35.37 2.04
C SER D 468 28.07 35.15 0.60
N THR D 469 27.57 33.95 0.33
CA THR D 469 27.06 33.58 -0.98
C THR D 469 25.87 32.66 -0.82
N ALA D 470 24.89 32.77 -1.72
CA ALA D 470 23.69 31.94 -1.68
C ALA D 470 23.52 31.18 -2.99
N ARG D 471 22.98 29.98 -2.90
CA ARG D 471 22.79 29.09 -4.04
C ARG D 471 21.37 28.55 -4.09
N PHE D 472 20.72 28.75 -5.24
CA PHE D 472 19.34 28.30 -5.43
C PHE D 472 19.21 27.43 -6.69
N GLY D 473 18.60 26.27 -6.55
CA GLY D 473 18.37 25.39 -7.69
C GLY D 473 17.19 25.85 -8.53
N LEU D 474 17.34 25.78 -9.85
CA LEU D 474 16.33 26.27 -10.78
C LEU D 474 15.73 25.17 -11.66
N ASN D 475 16.25 23.94 -11.54
CA ASN D 475 15.79 22.83 -12.37
C ASN D 475 14.28 22.62 -12.29
N GLU D 476 13.74 22.66 -11.07
CA GLU D 476 12.31 22.49 -10.88
C GLU D 476 11.57 23.81 -11.05
N LEU D 477 12.18 24.90 -10.57
CA LEU D 477 11.55 26.21 -10.59
C LEU D 477 11.22 26.64 -12.02
N LEU D 478 12.17 26.47 -12.92
CA LEU D 478 11.97 26.87 -14.31
C LEU D 478 10.81 26.10 -14.95
N GLU D 479 10.68 24.84 -14.59
CA GLU D 479 9.55 24.03 -15.04
C GLU D 479 8.25 24.50 -14.39
N ASP D 480 8.29 24.71 -13.08
CA ASP D 480 7.09 25.09 -12.32
C ASP D 480 6.53 26.44 -12.77
N THR D 481 7.37 27.26 -13.38
CA THR D 481 6.97 28.61 -13.80
C THR D 481 6.79 28.71 -15.31
N ASN D 482 6.98 27.59 -16.01
CA ASN D 482 6.85 27.54 -17.47
C ASN D 482 7.81 28.50 -18.16
N THR D 483 9.06 28.50 -17.72
CA THR D 483 10.08 29.40 -18.28
C THR D 483 11.35 28.65 -18.65
N GLU D 484 11.22 27.35 -18.92
CA GLU D 484 12.38 26.56 -19.33
C GLU D 484 12.93 26.99 -20.68
N GLY D 485 12.10 27.67 -21.48
CA GLY D 485 12.49 28.07 -22.81
C GLY D 485 13.01 29.50 -22.89
N GLU D 486 12.81 30.28 -21.84
CA GLU D 486 13.21 31.68 -21.84
C GLU D 486 14.68 31.82 -21.46
N GLU D 487 15.41 32.64 -22.20
CA GLU D 487 16.86 32.77 -22.01
C GLU D 487 17.21 33.53 -20.74
N TYR D 488 16.40 34.51 -20.37
CA TYR D 488 16.67 35.32 -19.18
C TYR D 488 15.76 34.90 -18.04
N ALA D 489 16.29 34.95 -16.83
CA ALA D 489 15.52 34.71 -15.62
C ALA D 489 15.45 36.00 -14.83
N THR D 490 14.23 36.49 -14.62
CA THR D 490 14.03 37.72 -13.85
C THR D 490 14.10 37.38 -12.36
N VAL D 491 15.16 37.84 -11.72
CA VAL D 491 15.38 37.59 -10.30
C VAL D 491 14.94 38.81 -9.48
N THR D 492 14.06 38.57 -8.51
CA THR D 492 13.59 39.61 -7.62
C THR D 492 14.14 39.38 -6.23
N LEU D 493 14.91 40.36 -5.74
CA LEU D 493 15.46 40.30 -4.40
C LEU D 493 14.65 41.24 -3.50
N VAL D 494 13.99 40.67 -2.50
CA VAL D 494 13.14 41.43 -1.59
C VAL D 494 13.74 41.48 -0.19
N PRO D 495 14.21 42.65 0.25
CA PRO D 495 14.76 42.73 1.61
C PRO D 495 13.68 42.61 2.68
N ARG D 496 13.99 41.93 3.78
CA ARG D 496 13.03 41.73 4.86
C ARG D 496 13.46 42.45 6.14
N THR D 497 14.74 42.34 6.49
CA THR D 497 15.25 43.00 7.68
C THR D 497 16.77 43.08 7.66
N GLY D 498 17.30 44.19 8.17
CA GLY D 498 18.74 44.39 8.25
C GLY D 498 19.42 44.51 6.90
N CYS D 499 18.66 44.93 5.90
CA CYS D 499 19.18 45.05 4.54
C CYS D 499 19.45 46.49 4.14
N GLU D 500 19.32 47.40 5.10
CA GLU D 500 19.51 48.83 4.83
C GLU D 500 20.90 49.13 4.28
N ASP D 501 21.91 48.43 4.80
CA ASP D 501 23.30 48.62 4.39
C ASP D 501 23.83 47.45 3.57
N LEU D 502 22.96 46.47 3.30
CA LEU D 502 23.36 45.26 2.58
C LEU D 502 23.59 45.53 1.10
N THR D 503 24.62 44.90 0.54
CA THR D 503 24.91 45.02 -0.89
C THR D 503 25.26 43.67 -1.51
N VAL D 504 24.94 43.54 -2.79
CA VAL D 504 25.25 42.32 -3.56
C VAL D 504 26.24 42.66 -4.67
N GLY D 505 27.31 41.89 -4.75
CA GLY D 505 28.41 42.17 -5.67
C GLY D 505 28.28 41.52 -7.04
N GLU D 506 27.64 40.35 -7.10
CA GLU D 506 27.54 39.60 -8.35
C GLU D 506 26.34 38.66 -8.37
N ILE D 507 25.70 38.57 -9.54
CA ILE D 507 24.59 37.66 -9.75
C ILE D 507 24.77 36.93 -11.08
N LYS D 508 24.68 35.60 -11.05
CA LYS D 508 24.83 34.81 -12.25
C LYS D 508 24.24 33.41 -12.08
N ILE D 509 23.84 32.80 -13.21
CA ILE D 509 23.34 31.43 -13.21
C ILE D 509 24.33 30.52 -13.92
N GLU D 510 24.62 29.38 -13.32
CA GLU D 510 25.59 28.43 -13.88
C GLU D 510 25.09 27.00 -13.80
N LEU D 511 25.54 26.17 -14.73
CA LEU D 511 25.25 24.74 -14.70
C LEU D 511 26.30 24.04 -13.84
N VAL D 512 25.86 23.44 -12.75
CA VAL D 512 26.74 22.71 -11.84
C VAL D 512 26.58 21.21 -12.07
N PRO D 513 27.66 20.53 -12.51
CA PRO D 513 27.55 19.08 -12.71
C PRO D 513 27.25 18.33 -11.41
N ILE D 514 26.32 17.38 -11.47
CA ILE D 514 25.94 16.60 -10.29
C ILE D 514 26.95 15.49 -10.00
N PRO D 515 27.61 15.55 -8.84
CA PRO D 515 28.51 14.44 -8.51
C PRO D 515 27.73 13.20 -8.12
N LYS D 516 28.25 12.02 -8.47
CA LYS D 516 27.56 10.77 -8.16
C LYS D 516 28.40 9.56 -8.60
CU CU E . -25.91 -26.20 -9.61
CU CU F . -22.12 -24.96 -9.76
CU CU G . 34.18 -17.68 -10.29
CU CU H . 30.33 -18.93 -10.39
CU CU I . -33.43 16.71 3.79
CU CU J . -29.42 16.68 4.73
CU CU K . 25.56 26.51 15.89
CU CU L . 21.50 26.60 15.21
#